data_1GQ7
#
_entry.id   1GQ7
#
_cell.length_a   94.922
_cell.length_b   81.348
_cell.length_c   120.389
_cell.angle_alpha   90.00
_cell.angle_beta   99.55
_cell.angle_gamma   90.00
#
_symmetry.space_group_name_H-M   'P 1 21 1'
#
loop_
_entity.id
_entity.type
_entity.pdbx_description
1 polymer 'PROCLAVAMINATE AMIDINO HYDROLASE'
2 non-polymer 'MANGANESE (II) ION'
3 water water
#
_entity_poly.entity_id   1
_entity_poly.type   'polypeptide(L)'
_entity_poly.pdbx_seq_one_letter_code
;MERIDSHVSPRYAQIPTFMRLPHDPQPRGYDVVVIGAPYDGGTSYRPGARFGPQAIRSESGLIHGVGIDRGPGTFDLINC
VDAGDINLTPFDMNIAIDTAQSHLSGLLKANAAFLMIGGDHSLTVAALRAVAEQHGPLAVVHLDAHSDTNPAFYGGRYHH
GTPFRHGIDEKLIDPAAMVQIGIRGHNPKPDSLDYARGHGVRVVTADEFGELGVGGTADLIREKVGQRPVYVSVDIDVVD
PAFAPGTGTPAPGGLLSREVLALLRCVGDLKPVGFDVMEVSPLYDHGGITSILATEIGAELLYQYARAHRTQL
;
_entity_poly.pdbx_strand_id   A,B,C,D,E,F
#
loop_
_chem_comp.id
_chem_comp.type
_chem_comp.name
_chem_comp.formula
MN non-polymer 'MANGANESE (II) ION' 'Mn 2'
#
# COMPACT_ATOMS: atom_id res chain seq x y z
N SER A 9 -22.61 -13.91 -15.69
CA SER A 9 -21.34 -14.46 -15.14
C SER A 9 -20.31 -13.35 -14.90
N PRO A 10 -20.03 -13.05 -13.63
CA PRO A 10 -19.06 -12.02 -13.24
C PRO A 10 -17.70 -12.15 -13.93
N ARG A 11 -17.13 -11.01 -14.30
CA ARG A 11 -15.84 -11.00 -15.00
C ARG A 11 -14.65 -11.31 -14.11
N TYR A 12 -14.86 -11.31 -12.79
CA TYR A 12 -13.78 -11.64 -11.86
C TYR A 12 -13.85 -13.11 -11.46
N ALA A 13 -14.80 -13.82 -12.05
CA ALA A 13 -14.98 -15.25 -11.78
C ALA A 13 -14.24 -16.06 -12.83
N GLN A 14 -13.86 -17.29 -12.46
CA GLN A 14 -13.13 -18.18 -13.36
C GLN A 14 -11.66 -17.81 -13.48
N ILE A 15 -10.84 -18.81 -13.81
CA ILE A 15 -9.40 -18.62 -13.97
C ILE A 15 -9.21 -17.52 -15.01
N PRO A 16 -8.43 -16.49 -14.67
CA PRO A 16 -8.14 -15.35 -15.53
C PRO A 16 -7.27 -15.56 -16.75
N THR A 17 -7.77 -15.14 -17.90
CA THR A 17 -7.03 -15.22 -19.15
C THR A 17 -7.08 -13.80 -19.70
N PHE A 18 -6.22 -13.47 -20.66
CA PHE A 18 -6.23 -12.12 -21.19
C PHE A 18 -7.58 -11.79 -21.81
N MET A 19 -8.26 -10.81 -21.24
CA MET A 19 -9.57 -10.38 -21.72
C MET A 19 -10.56 -11.55 -21.75
N ARG A 20 -10.36 -12.51 -20.86
CA ARG A 20 -11.22 -13.66 -20.76
C ARG A 20 -11.32 -14.47 -22.05
N LEU A 21 -10.25 -14.45 -22.84
CA LEU A 21 -10.22 -15.22 -24.09
C LEU A 21 -10.08 -16.69 -23.72
N PRO A 22 -10.42 -17.60 -24.66
CA PRO A 22 -10.28 -19.03 -24.36
C PRO A 22 -8.81 -19.33 -24.13
N HIS A 23 -8.54 -20.44 -23.44
CA HIS A 23 -7.16 -20.83 -23.16
C HIS A 23 -6.78 -22.04 -24.00
N ASP A 24 -5.56 -22.02 -24.53
CA ASP A 24 -5.06 -23.10 -25.37
C ASP A 24 -3.54 -23.00 -25.40
N PRO A 25 -2.85 -23.82 -24.60
CA PRO A 25 -1.39 -23.84 -24.52
C PRO A 25 -0.69 -24.19 -25.83
N GLN A 26 -1.38 -24.89 -26.72
CA GLN A 26 -0.81 -25.27 -28.01
C GLN A 26 -1.78 -24.84 -29.10
N PRO A 27 -1.96 -23.51 -29.26
CA PRO A 27 -2.87 -22.95 -30.27
C PRO A 27 -2.48 -23.22 -31.72
N ARG A 28 -3.49 -23.41 -32.57
CA ARG A 28 -3.26 -23.66 -33.98
C ARG A 28 -4.43 -23.11 -34.77
N GLY A 29 -4.12 -22.31 -35.78
CA GLY A 29 -5.16 -21.75 -36.63
C GLY A 29 -5.74 -20.39 -36.27
N TYR A 30 -5.20 -19.73 -35.24
CA TYR A 30 -5.72 -18.42 -34.87
C TYR A 30 -5.03 -17.27 -35.57
N ASP A 31 -5.68 -16.11 -35.56
CA ASP A 31 -5.13 -14.92 -36.18
C ASP A 31 -4.08 -14.31 -35.27
N VAL A 32 -4.45 -14.11 -33.99
CA VAL A 32 -3.53 -13.55 -33.01
C VAL A 32 -3.54 -14.32 -31.70
N VAL A 33 -2.37 -14.77 -31.27
CA VAL A 33 -2.22 -15.51 -30.02
C VAL A 33 -1.63 -14.59 -28.97
N VAL A 34 -2.26 -14.52 -27.80
CA VAL A 34 -1.76 -13.69 -26.71
C VAL A 34 -0.85 -14.61 -25.93
N ILE A 35 0.43 -14.25 -25.80
CA ILE A 35 1.40 -15.08 -25.09
C ILE A 35 2.10 -14.29 -23.99
N GLY A 36 2.20 -14.89 -22.82
CA GLY A 36 2.84 -14.23 -21.68
C GLY A 36 4.30 -14.58 -21.58
N ALA A 37 5.10 -13.59 -21.17
CA ALA A 37 6.54 -13.77 -21.01
C ALA A 37 6.91 -13.26 -19.61
N PRO A 38 6.62 -14.08 -18.58
CA PRO A 38 6.90 -13.73 -17.18
C PRO A 38 8.39 -13.78 -16.86
N TYR A 39 9.10 -12.71 -17.22
CA TYR A 39 10.54 -12.65 -17.03
C TYR A 39 11.04 -11.23 -16.82
N ASP A 40 11.99 -11.04 -15.91
CA ASP A 40 12.55 -9.71 -15.68
C ASP A 40 14.07 -9.77 -15.52
N GLY A 41 14.66 -10.84 -16.03
CA GLY A 41 16.10 -11.02 -15.96
C GLY A 41 16.87 -9.92 -16.69
N GLY A 42 16.18 -9.12 -17.49
CA GLY A 42 16.86 -8.04 -18.21
C GLY A 42 16.73 -6.69 -17.53
N THR A 43 15.93 -6.58 -16.46
CA THR A 43 15.76 -5.30 -15.77
C THR A 43 17.04 -4.83 -15.08
N SER A 44 17.37 -3.55 -15.27
CA SER A 44 18.59 -3.01 -14.69
C SER A 44 18.36 -2.29 -13.38
N TYR A 45 17.10 -1.97 -13.08
CA TYR A 45 16.80 -1.28 -11.83
C TYR A 45 15.79 -2.06 -11.00
N ARG A 46 14.50 -1.73 -11.13
CA ARG A 46 13.47 -2.44 -10.39
C ARG A 46 13.05 -3.71 -11.11
N PRO A 47 13.06 -4.85 -10.40
CA PRO A 47 12.66 -6.12 -11.02
C PRO A 47 11.14 -6.21 -10.79
N GLY A 48 10.55 -7.36 -11.09
CA GLY A 48 9.13 -7.50 -10.88
C GLY A 48 8.28 -7.65 -12.12
N ALA A 49 8.85 -7.32 -13.27
CA ALA A 49 8.12 -7.47 -14.52
C ALA A 49 7.73 -8.93 -14.78
N ARG A 50 8.33 -9.87 -14.03
CA ARG A 50 8.01 -11.27 -14.21
C ARG A 50 6.55 -11.55 -13.80
N PHE A 51 5.95 -10.66 -13.01
CA PHE A 51 4.55 -10.81 -12.60
C PHE A 51 3.61 -10.01 -13.48
N GLY A 52 4.18 -9.30 -14.46
CA GLY A 52 3.35 -8.52 -15.36
C GLY A 52 2.24 -9.31 -16.03
N PRO A 53 2.55 -10.44 -16.71
CA PRO A 53 1.52 -11.25 -17.38
C PRO A 53 0.36 -11.64 -16.47
N GLN A 54 0.70 -12.07 -15.28
CA GLN A 54 -0.29 -12.47 -14.29
C GLN A 54 -1.21 -11.31 -13.88
N ALA A 55 -0.61 -10.16 -13.55
CA ALA A 55 -1.37 -9.00 -13.13
C ALA A 55 -2.25 -8.46 -14.26
N ILE A 56 -1.68 -8.38 -15.45
CA ILE A 56 -2.40 -7.88 -16.61
C ILE A 56 -3.61 -8.78 -16.89
N ARG A 57 -3.43 -10.09 -16.81
CA ARG A 57 -4.55 -11.01 -17.05
C ARG A 57 -5.61 -10.81 -15.99
N SER A 58 -5.17 -10.68 -14.74
CA SER A 58 -6.08 -10.51 -13.63
C SER A 58 -7.03 -9.32 -13.77
N GLU A 59 -6.49 -8.17 -14.17
CA GLU A 59 -7.28 -6.95 -14.32
C GLU A 59 -8.01 -6.84 -15.67
N SER A 60 -7.61 -7.64 -16.64
CA SER A 60 -8.20 -7.59 -17.96
C SER A 60 -9.69 -7.95 -17.99
N GLY A 61 -10.21 -8.38 -16.84
CA GLY A 61 -11.63 -8.74 -16.79
C GLY A 61 -12.54 -7.58 -17.14
N LEU A 62 -12.06 -6.35 -16.90
CA LEU A 62 -12.81 -5.13 -17.16
C LEU A 62 -12.85 -4.70 -18.63
N ILE A 63 -11.94 -5.24 -19.43
CA ILE A 63 -11.87 -4.87 -20.84
C ILE A 63 -12.40 -5.97 -21.79
N HIS A 64 -13.37 -5.60 -22.63
CA HIS A 64 -13.96 -6.52 -23.61
C HIS A 64 -13.40 -6.17 -24.98
N GLY A 65 -13.88 -6.84 -26.03
CA GLY A 65 -13.41 -6.53 -27.36
C GLY A 65 -14.28 -5.50 -28.06
N VAL A 66 -15.51 -5.34 -27.55
CA VAL A 66 -16.49 -4.41 -28.11
C VAL A 66 -16.17 -2.96 -27.74
N GLY A 67 -15.64 -2.19 -28.69
CA GLY A 67 -15.33 -0.81 -28.39
C GLY A 67 -16.59 0.02 -28.25
N ILE A 68 -16.53 1.26 -28.71
CA ILE A 68 -17.69 2.14 -28.66
C ILE A 68 -17.89 2.74 -30.04
N ASP A 69 -19.07 2.51 -30.61
CA ASP A 69 -19.38 3.01 -31.94
C ASP A 69 -18.42 2.43 -32.98
N ARG A 70 -17.82 1.29 -32.62
CA ARG A 70 -16.89 0.60 -33.51
C ARG A 70 -17.76 -0.50 -34.16
N GLY A 71 -17.14 -1.44 -34.85
CA GLY A 71 -17.94 -2.48 -35.48
C GLY A 71 -18.56 -3.46 -34.50
N PRO A 72 -18.62 -4.74 -34.88
CA PRO A 72 -19.17 -5.85 -34.09
C PRO A 72 -18.30 -6.26 -32.89
N GLY A 73 -17.08 -5.75 -32.82
CA GLY A 73 -16.22 -6.14 -31.71
C GLY A 73 -15.07 -6.99 -32.20
N THR A 74 -13.87 -6.68 -31.71
CA THR A 74 -12.65 -7.38 -32.10
C THR A 74 -12.72 -8.89 -32.24
N PHE A 75 -13.26 -9.56 -31.23
CA PHE A 75 -13.33 -11.01 -31.23
C PHE A 75 -14.32 -11.69 -32.17
N ASP A 76 -15.10 -10.90 -32.90
CA ASP A 76 -16.04 -11.48 -33.87
C ASP A 76 -15.43 -11.30 -35.25
N LEU A 77 -14.40 -10.46 -35.31
CA LEU A 77 -13.69 -10.17 -36.57
C LEU A 77 -12.49 -11.09 -36.75
N ILE A 78 -11.80 -11.40 -35.65
CA ILE A 78 -10.63 -12.27 -35.69
C ILE A 78 -10.68 -13.30 -34.56
N ASN A 79 -9.91 -14.36 -34.72
CA ASN A 79 -9.84 -15.44 -33.73
C ASN A 79 -8.59 -15.30 -32.88
N CYS A 80 -8.79 -15.04 -31.59
CA CYS A 80 -7.66 -14.88 -30.67
C CYS A 80 -7.78 -15.88 -29.54
N VAL A 81 -6.65 -16.12 -28.87
CA VAL A 81 -6.62 -17.06 -27.77
C VAL A 81 -5.47 -16.74 -26.82
N ASP A 82 -5.60 -17.19 -25.57
CA ASP A 82 -4.56 -16.99 -24.57
C ASP A 82 -3.78 -18.30 -24.52
N ALA A 83 -2.53 -18.28 -24.99
CA ALA A 83 -1.69 -19.47 -25.02
C ALA A 83 -0.91 -19.72 -23.75
N GLY A 84 -1.25 -19.01 -22.67
CA GLY A 84 -0.52 -19.18 -21.43
C GLY A 84 0.82 -18.47 -21.51
N ASP A 85 1.82 -18.93 -20.77
CA ASP A 85 3.12 -18.28 -20.78
C ASP A 85 4.25 -19.14 -21.32
N ILE A 86 5.36 -18.48 -21.61
CA ILE A 86 6.56 -19.16 -22.09
C ILE A 86 7.29 -19.51 -20.79
N ASN A 87 7.81 -20.74 -20.66
CA ASN A 87 8.53 -21.07 -19.43
C ASN A 87 9.91 -20.46 -19.48
N LEU A 88 10.01 -19.22 -19.02
CA LEU A 88 11.27 -18.50 -19.01
C LEU A 88 11.96 -18.59 -17.66
N THR A 89 13.20 -19.07 -17.67
CA THR A 89 13.96 -19.21 -16.44
C THR A 89 14.40 -17.84 -15.92
N PRO A 90 14.39 -17.67 -14.59
CA PRO A 90 14.79 -16.40 -14.01
C PRO A 90 16.29 -16.44 -13.66
N PHE A 91 16.94 -17.55 -13.97
CA PHE A 91 18.35 -17.72 -13.61
C PHE A 91 19.39 -17.52 -14.70
N ASP A 92 18.96 -17.46 -15.96
CA ASP A 92 19.91 -17.28 -17.04
C ASP A 92 19.35 -16.53 -18.22
N MET A 93 19.85 -15.31 -18.36
CA MET A 93 19.48 -14.37 -19.40
C MET A 93 19.50 -14.98 -20.82
N ASN A 94 20.65 -15.52 -21.20
CA ASN A 94 20.81 -16.11 -22.52
C ASN A 94 19.88 -17.28 -22.81
N ILE A 95 19.69 -18.14 -21.83
CA ILE A 95 18.80 -19.27 -21.99
C ILE A 95 17.34 -18.82 -22.11
N ALA A 96 16.95 -17.80 -21.37
CA ALA A 96 15.58 -17.32 -21.44
C ALA A 96 15.25 -16.73 -22.81
N ILE A 97 16.18 -15.94 -23.34
CA ILE A 97 15.97 -15.33 -24.65
C ILE A 97 15.82 -16.39 -25.74
N ASP A 98 16.64 -17.43 -25.69
CA ASP A 98 16.56 -18.50 -26.68
C ASP A 98 15.24 -19.26 -26.57
N THR A 99 14.83 -19.55 -25.33
CA THR A 99 13.59 -20.24 -25.09
C THR A 99 12.45 -19.40 -25.64
N ALA A 100 12.51 -18.10 -25.41
CA ALA A 100 11.49 -17.18 -25.89
C ALA A 100 11.39 -17.23 -27.42
N GLN A 101 12.53 -17.10 -28.08
CA GLN A 101 12.58 -17.13 -29.54
C GLN A 101 11.95 -18.42 -30.08
N SER A 102 12.38 -19.54 -29.51
CA SER A 102 11.91 -20.85 -29.90
C SER A 102 10.38 -20.98 -29.74
N HIS A 103 9.88 -20.55 -28.59
CA HIS A 103 8.45 -20.62 -28.31
C HIS A 103 7.65 -19.70 -29.25
N LEU A 104 8.14 -18.49 -29.44
CA LEU A 104 7.45 -17.52 -30.29
C LEU A 104 7.45 -17.99 -31.75
N SER A 105 8.56 -18.57 -32.18
CA SER A 105 8.65 -19.09 -33.54
C SER A 105 7.63 -20.24 -33.69
N GLY A 106 7.55 -21.06 -32.66
CA GLY A 106 6.61 -22.17 -32.69
C GLY A 106 5.20 -21.68 -32.94
N LEU A 107 4.82 -20.62 -32.23
CA LEU A 107 3.49 -20.05 -32.38
C LEU A 107 3.21 -19.59 -33.80
N LEU A 108 4.19 -18.94 -34.42
CA LEU A 108 4.04 -18.43 -35.77
C LEU A 108 3.95 -19.54 -36.82
N LYS A 109 4.37 -20.76 -36.47
CA LYS A 109 4.31 -21.85 -37.43
C LYS A 109 2.85 -22.25 -37.69
N ALA A 110 1.94 -21.96 -36.76
CA ALA A 110 0.54 -22.35 -36.93
C ALA A 110 -0.48 -21.25 -36.70
N ASN A 111 -0.01 -20.04 -36.45
CA ASN A 111 -0.89 -18.91 -36.22
C ASN A 111 -0.32 -17.70 -36.92
N ALA A 112 -1.19 -16.78 -37.32
CA ALA A 112 -0.77 -15.58 -38.04
C ALA A 112 0.20 -14.69 -37.29
N ALA A 113 -0.15 -14.31 -36.07
CA ALA A 113 0.70 -13.43 -35.28
C ALA A 113 0.42 -13.59 -33.79
N PHE A 114 1.21 -12.90 -32.98
CA PHE A 114 1.05 -12.95 -31.55
C PHE A 114 1.15 -11.56 -30.90
N LEU A 115 0.64 -11.48 -29.67
CA LEU A 115 0.68 -10.28 -28.86
C LEU A 115 1.39 -10.74 -27.59
N MET A 116 2.63 -10.30 -27.41
CA MET A 116 3.38 -10.68 -26.22
C MET A 116 3.13 -9.71 -25.06
N ILE A 117 2.61 -10.24 -23.96
CA ILE A 117 2.34 -9.49 -22.74
C ILE A 117 3.48 -9.96 -21.88
N GLY A 118 4.43 -9.09 -21.58
CA GLY A 118 5.49 -9.66 -20.81
C GLY A 118 6.09 -9.02 -19.61
N GLY A 119 7.40 -9.28 -19.56
CA GLY A 119 8.27 -8.80 -18.52
C GLY A 119 9.04 -7.69 -19.19
N ASP A 120 10.34 -7.59 -18.90
CA ASP A 120 11.13 -6.50 -19.45
C ASP A 120 11.29 -6.52 -20.95
N HIS A 121 11.60 -5.33 -21.48
CA HIS A 121 11.76 -5.11 -22.90
C HIS A 121 12.85 -5.92 -23.61
N SER A 122 13.75 -6.53 -22.85
CA SER A 122 14.81 -7.29 -23.51
C SER A 122 14.23 -8.43 -24.35
N LEU A 123 13.11 -9.01 -23.90
CA LEU A 123 12.46 -10.11 -24.59
C LEU A 123 12.05 -9.82 -26.00
N THR A 124 11.94 -8.54 -26.35
CA THR A 124 11.51 -8.17 -27.70
C THR A 124 12.48 -8.63 -28.81
N VAL A 125 13.75 -8.84 -28.46
CA VAL A 125 14.71 -9.28 -29.45
C VAL A 125 14.33 -10.68 -29.93
N ALA A 126 13.77 -11.46 -29.02
CA ALA A 126 13.35 -12.82 -29.34
C ALA A 126 12.14 -12.75 -30.27
N ALA A 127 11.24 -11.79 -30.01
CA ALA A 127 10.06 -11.67 -30.84
C ALA A 127 10.47 -11.21 -32.23
N LEU A 128 11.37 -10.22 -32.31
CA LEU A 128 11.83 -9.71 -33.59
C LEU A 128 12.48 -10.80 -34.43
N ARG A 129 13.25 -11.68 -33.80
CA ARG A 129 13.89 -12.77 -34.51
C ARG A 129 12.83 -13.73 -35.07
N ALA A 130 11.84 -14.05 -34.26
CA ALA A 130 10.78 -14.95 -34.68
C ALA A 130 9.95 -14.37 -35.81
N VAL A 131 9.58 -13.09 -35.69
CA VAL A 131 8.76 -12.46 -36.70
C VAL A 131 9.55 -12.20 -37.99
N ALA A 132 10.79 -11.74 -37.85
CA ALA A 132 11.62 -11.46 -39.02
C ALA A 132 11.88 -12.74 -39.82
N GLU A 133 11.95 -13.88 -39.12
CA GLU A 133 12.17 -15.15 -39.80
C GLU A 133 11.02 -15.50 -40.73
N GLN A 134 9.84 -14.94 -40.50
CA GLN A 134 8.70 -15.23 -41.34
C GLN A 134 8.28 -14.10 -42.27
N HIS A 135 8.83 -12.90 -42.08
CA HIS A 135 8.45 -11.76 -42.92
C HIS A 135 9.62 -11.00 -43.51
N GLY A 136 10.82 -11.27 -43.01
CA GLY A 136 12.00 -10.57 -43.49
C GLY A 136 12.20 -9.30 -42.69
N PRO A 137 13.17 -8.44 -43.04
CA PRO A 137 13.44 -7.17 -42.33
C PRO A 137 12.12 -6.48 -42.04
N LEU A 138 11.96 -6.06 -40.79
CA LEU A 138 10.72 -5.45 -40.35
C LEU A 138 10.73 -3.94 -40.12
N ALA A 139 9.57 -3.34 -40.29
CA ALA A 139 9.36 -1.92 -40.03
C ALA A 139 8.98 -1.95 -38.55
N VAL A 140 9.34 -0.91 -37.81
CA VAL A 140 9.03 -0.90 -36.39
C VAL A 140 8.46 0.40 -35.87
N VAL A 141 7.46 0.27 -34.99
CA VAL A 141 6.85 1.40 -34.32
C VAL A 141 7.09 1.06 -32.86
N HIS A 142 7.97 1.83 -32.22
CA HIS A 142 8.37 1.60 -30.85
C HIS A 142 7.96 2.76 -29.93
N LEU A 143 7.11 2.48 -28.94
CA LEU A 143 6.68 3.50 -27.99
C LEU A 143 7.46 3.23 -26.70
N ASP A 144 8.26 4.19 -26.26
CA ASP A 144 9.09 3.98 -25.08
C ASP A 144 9.63 5.34 -24.60
N ALA A 145 10.00 5.40 -23.33
CA ALA A 145 10.57 6.63 -22.77
C ALA A 145 12.07 6.57 -23.05
N HIS A 146 12.57 5.38 -23.36
CA HIS A 146 13.99 5.17 -23.66
C HIS A 146 14.18 4.52 -25.02
N SER A 147 15.28 4.86 -25.68
CA SER A 147 15.61 4.35 -27.01
C SER A 147 15.84 2.84 -27.10
N ASP A 148 16.36 2.25 -26.03
CA ASP A 148 16.63 0.81 -26.01
C ASP A 148 17.52 0.36 -27.17
N THR A 149 18.50 1.20 -27.50
CA THR A 149 19.44 0.91 -28.56
C THR A 149 20.85 1.04 -28.00
N ASN A 150 20.99 0.69 -26.73
CA ASN A 150 22.29 0.77 -26.06
C ASN A 150 23.12 -0.48 -26.31
N PRO A 151 24.44 -0.36 -26.17
CA PRO A 151 25.38 -1.46 -26.37
C PRO A 151 25.23 -2.57 -25.32
N ALA A 152 25.44 -3.80 -25.76
CA ALA A 152 25.37 -4.93 -24.86
C ALA A 152 26.77 -5.05 -24.27
N PHE A 153 26.98 -6.02 -23.39
CA PHE A 153 28.31 -6.23 -22.80
C PHE A 153 28.41 -7.61 -22.19
N TYR A 154 29.64 -8.02 -21.87
CA TYR A 154 29.87 -9.34 -21.30
C TYR A 154 29.16 -9.49 -19.96
N GLY A 155 28.44 -10.59 -19.82
CA GLY A 155 27.71 -10.83 -18.59
C GLY A 155 26.42 -10.02 -18.57
N GLY A 156 26.08 -9.46 -19.72
CA GLY A 156 24.87 -8.65 -19.83
C GLY A 156 24.52 -8.39 -21.28
N ARG A 157 24.54 -9.43 -22.09
CA ARG A 157 24.26 -9.31 -23.51
C ARG A 157 22.83 -8.88 -23.80
N TYR A 158 21.90 -9.25 -22.93
CA TYR A 158 20.50 -8.90 -23.15
C TYR A 158 19.80 -8.08 -22.07
N HIS A 159 20.39 -6.97 -21.62
CA HIS A 159 19.69 -6.17 -20.63
C HIS A 159 18.61 -5.43 -21.40
N HIS A 160 17.51 -5.08 -20.73
CA HIS A 160 16.39 -4.43 -21.42
C HIS A 160 16.68 -3.13 -22.18
N GLY A 161 17.95 -2.77 -22.28
CA GLY A 161 18.30 -1.58 -23.02
C GLY A 161 18.90 -1.89 -24.39
N THR A 162 18.94 -3.18 -24.73
CA THR A 162 19.54 -3.64 -25.99
C THR A 162 18.64 -4.22 -27.09
N PRO A 163 17.35 -4.48 -26.80
CA PRO A 163 16.46 -5.05 -27.83
C PRO A 163 16.56 -4.52 -29.26
N PHE A 164 16.38 -3.22 -29.44
CA PHE A 164 16.44 -2.66 -30.79
C PHE A 164 17.84 -2.46 -31.36
N ARG A 165 18.85 -2.60 -30.52
CA ARG A 165 20.23 -2.50 -30.97
C ARG A 165 20.47 -3.79 -31.74
N HIS A 166 20.11 -4.91 -31.11
CA HIS A 166 20.25 -6.23 -31.71
C HIS A 166 19.40 -6.32 -32.98
N GLY A 167 18.18 -5.80 -32.92
CA GLY A 167 17.29 -5.83 -34.06
C GLY A 167 17.90 -5.22 -35.31
N ILE A 168 18.59 -4.09 -35.15
CA ILE A 168 19.22 -3.41 -36.26
C ILE A 168 20.49 -4.15 -36.65
N ASP A 169 21.35 -4.45 -35.69
CA ASP A 169 22.59 -5.17 -35.98
C ASP A 169 22.34 -6.50 -36.68
N GLU A 170 21.31 -7.22 -36.24
CA GLU A 170 20.99 -8.52 -36.83
C GLU A 170 20.15 -8.44 -38.10
N LYS A 171 19.91 -7.22 -38.57
CA LYS A 171 19.13 -7.03 -39.79
C LYS A 171 17.68 -7.52 -39.65
N LEU A 172 17.18 -7.55 -38.42
CA LEU A 172 15.80 -7.99 -38.19
C LEU A 172 14.87 -6.82 -38.44
N ILE A 173 15.43 -5.63 -38.29
CA ILE A 173 14.70 -4.37 -38.47
C ILE A 173 15.31 -3.54 -39.59
N ASP A 174 14.47 -2.83 -40.33
CA ASP A 174 14.95 -1.94 -41.37
C ASP A 174 14.86 -0.57 -40.71
N PRO A 175 15.98 -0.07 -40.16
CA PRO A 175 16.05 1.23 -39.47
C PRO A 175 15.38 2.37 -40.21
N ALA A 176 15.49 2.37 -41.53
CA ALA A 176 14.87 3.41 -42.34
C ALA A 176 13.35 3.36 -42.22
N ALA A 177 12.84 2.28 -41.65
CA ALA A 177 11.40 2.12 -41.48
C ALA A 177 11.04 1.95 -40.00
N MET A 178 11.86 2.51 -39.12
CA MET A 178 11.62 2.43 -37.69
C MET A 178 11.39 3.80 -37.07
N VAL A 179 10.37 3.90 -36.24
CA VAL A 179 10.02 5.13 -35.55
C VAL A 179 9.79 4.86 -34.07
N GLN A 180 10.52 5.57 -33.22
CA GLN A 180 10.31 5.41 -31.79
C GLN A 180 9.80 6.74 -31.23
N ILE A 181 8.67 6.69 -30.55
CA ILE A 181 8.03 7.87 -29.98
C ILE A 181 8.03 7.87 -28.45
N GLY A 182 8.22 9.05 -27.88
CA GLY A 182 8.20 9.22 -26.42
C GLY A 182 9.53 9.40 -25.70
N ILE A 183 10.64 9.28 -26.41
CA ILE A 183 11.97 9.42 -25.80
C ILE A 183 12.06 10.70 -24.95
N ARG A 184 12.54 10.55 -23.73
CA ARG A 184 12.69 11.66 -22.80
C ARG A 184 13.61 11.27 -21.66
N GLY A 185 13.85 12.20 -20.76
CA GLY A 185 14.69 11.91 -19.62
C GLY A 185 16.19 12.03 -19.81
N HIS A 186 16.89 10.93 -19.63
CA HIS A 186 18.34 10.95 -19.73
C HIS A 186 18.94 9.78 -20.50
N ASN A 187 19.91 10.09 -21.36
CA ASN A 187 20.62 9.09 -22.13
C ASN A 187 21.78 8.68 -21.23
N PRO A 188 22.27 7.44 -21.38
CA PRO A 188 23.40 7.03 -20.53
C PRO A 188 24.65 7.86 -20.86
N LYS A 189 24.74 8.30 -22.11
CA LYS A 189 25.85 9.13 -22.59
C LYS A 189 25.24 10.20 -23.50
N PRO A 190 25.91 11.36 -23.63
CA PRO A 190 25.42 12.46 -24.48
C PRO A 190 25.27 12.16 -25.96
N ASP A 191 25.94 11.13 -26.46
CA ASP A 191 25.83 10.78 -27.87
C ASP A 191 25.15 9.41 -28.05
N SER A 192 24.26 9.05 -27.12
CA SER A 192 23.56 7.77 -27.15
C SER A 192 22.57 7.54 -28.29
N LEU A 193 22.01 8.62 -28.84
CA LEU A 193 21.05 8.47 -29.94
C LEU A 193 21.70 8.52 -31.32
N ASP A 194 22.99 8.83 -31.35
CA ASP A 194 23.74 8.90 -32.61
C ASP A 194 23.63 7.58 -33.38
N TYR A 195 23.70 6.47 -32.64
CA TYR A 195 23.60 5.14 -33.24
C TYR A 195 22.30 4.96 -34.02
N ALA A 196 21.18 5.10 -33.34
CA ALA A 196 19.87 4.93 -33.96
C ALA A 196 19.68 5.87 -35.15
N ARG A 197 20.02 7.14 -34.95
CA ARG A 197 19.87 8.14 -36.00
C ARG A 197 20.79 7.88 -37.18
N GLY A 198 22.01 7.44 -36.88
CA GLY A 198 22.96 7.15 -37.93
C GLY A 198 22.44 6.03 -38.83
N HIS A 199 21.63 5.15 -38.27
CA HIS A 199 21.08 4.04 -39.01
C HIS A 199 19.79 4.43 -39.72
N GLY A 200 19.36 5.67 -39.51
CA GLY A 200 18.14 6.14 -40.17
C GLY A 200 16.87 6.02 -39.36
N VAL A 201 16.98 5.72 -38.07
CA VAL A 201 15.81 5.58 -37.20
C VAL A 201 15.24 6.96 -36.87
N ARG A 202 13.93 7.12 -37.05
CA ARG A 202 13.28 8.38 -36.76
C ARG A 202 12.92 8.43 -35.27
N VAL A 203 13.57 9.33 -34.55
CA VAL A 203 13.32 9.47 -33.12
C VAL A 203 12.42 10.66 -32.85
N VAL A 204 11.28 10.39 -32.23
CA VAL A 204 10.33 11.44 -31.88
C VAL A 204 10.28 11.51 -30.36
N THR A 205 10.97 12.49 -29.79
CA THR A 205 11.01 12.67 -28.34
C THR A 205 9.63 13.08 -27.82
N ALA A 206 9.43 12.92 -26.51
CA ALA A 206 8.16 13.29 -25.90
C ALA A 206 7.92 14.77 -26.23
N ASP A 207 8.99 15.56 -26.24
CA ASP A 207 8.86 16.98 -26.54
C ASP A 207 8.31 17.21 -27.95
N GLU A 208 8.94 16.60 -28.95
CA GLU A 208 8.48 16.77 -30.32
C GLU A 208 7.07 16.21 -30.47
N PHE A 209 6.77 15.14 -29.76
CA PHE A 209 5.43 14.55 -29.84
C PHE A 209 4.42 15.62 -29.45
N GLY A 210 4.78 16.45 -28.48
CA GLY A 210 3.88 17.51 -28.04
C GLY A 210 3.65 18.54 -29.13
N GLU A 211 4.69 18.82 -29.91
CA GLU A 211 4.58 19.79 -31.00
C GLU A 211 3.79 19.18 -32.16
N LEU A 212 4.12 17.95 -32.54
CA LEU A 212 3.45 17.26 -33.63
C LEU A 212 2.00 16.91 -33.34
N GLY A 213 1.72 16.53 -32.09
CA GLY A 213 0.36 16.14 -31.72
C GLY A 213 0.15 14.70 -32.13
N VAL A 214 -0.99 14.13 -31.77
CA VAL A 214 -1.30 12.75 -32.11
C VAL A 214 -1.40 12.58 -33.64
N GLY A 215 -2.21 13.44 -34.28
CA GLY A 215 -2.38 13.36 -35.72
C GLY A 215 -1.07 13.51 -36.48
N GLY A 216 -0.28 14.51 -36.11
CA GLY A 216 0.99 14.73 -36.77
C GLY A 216 1.90 13.53 -36.67
N THR A 217 1.97 12.94 -35.48
CA THR A 217 2.81 11.77 -35.25
C THR A 217 2.25 10.57 -36.03
N ALA A 218 0.93 10.46 -36.09
CA ALA A 218 0.29 9.38 -36.82
C ALA A 218 0.66 9.44 -38.30
N ASP A 219 0.68 10.66 -38.86
CA ASP A 219 1.04 10.82 -40.26
C ASP A 219 2.50 10.43 -40.46
N LEU A 220 3.34 10.84 -39.52
CA LEU A 220 4.76 10.52 -39.59
C LEU A 220 4.98 9.02 -39.59
N ILE A 221 4.24 8.31 -38.76
CA ILE A 221 4.37 6.86 -38.69
C ILE A 221 3.96 6.23 -40.02
N ARG A 222 2.78 6.59 -40.50
CA ARG A 222 2.28 6.07 -41.76
C ARG A 222 3.30 6.29 -42.89
N GLU A 223 3.87 7.48 -42.94
CA GLU A 223 4.86 7.82 -43.97
C GLU A 223 6.15 7.02 -43.83
N LYS A 224 6.67 6.89 -42.61
CA LYS A 224 7.92 6.16 -42.42
C LYS A 224 7.77 4.64 -42.47
N VAL A 225 6.58 4.12 -42.18
CA VAL A 225 6.36 2.67 -42.18
C VAL A 225 5.80 2.16 -43.50
N GLY A 226 4.93 2.95 -44.12
CA GLY A 226 4.35 2.54 -45.38
C GLY A 226 3.48 1.30 -45.21
N GLN A 227 3.66 0.34 -46.10
CA GLN A 227 2.88 -0.90 -46.05
C GLN A 227 3.75 -2.12 -45.73
N ARG A 228 5.00 -1.86 -45.35
CA ARG A 228 5.92 -2.94 -45.00
C ARG A 228 5.38 -3.64 -43.74
N PRO A 229 5.71 -4.93 -43.57
CA PRO A 229 5.22 -5.64 -42.38
C PRO A 229 5.82 -4.94 -41.15
N VAL A 230 4.97 -4.53 -40.22
CA VAL A 230 5.44 -3.81 -39.04
C VAL A 230 5.20 -4.48 -37.69
N TYR A 231 6.18 -4.32 -36.80
CA TYR A 231 6.11 -4.86 -35.44
C TYR A 231 5.92 -3.67 -34.50
N VAL A 232 4.86 -3.70 -33.69
CA VAL A 232 4.58 -2.61 -32.75
C VAL A 232 4.93 -3.02 -31.34
N SER A 233 6.01 -2.45 -30.82
CA SER A 233 6.49 -2.73 -29.48
C SER A 233 6.21 -1.57 -28.55
N VAL A 234 5.43 -1.81 -27.50
CA VAL A 234 5.09 -0.76 -26.55
C VAL A 234 5.65 -1.00 -25.15
N ASP A 235 6.47 -0.07 -24.68
CA ASP A 235 7.04 -0.13 -23.34
C ASP A 235 6.04 0.69 -22.53
N ILE A 236 5.47 0.10 -21.49
CA ILE A 236 4.49 0.78 -20.67
C ILE A 236 4.99 2.11 -20.09
N ASP A 237 6.30 2.24 -19.88
CA ASP A 237 6.84 3.47 -19.31
C ASP A 237 6.81 4.66 -20.28
N VAL A 238 6.20 4.48 -21.44
CA VAL A 238 6.11 5.55 -22.41
C VAL A 238 5.15 6.61 -21.86
N VAL A 239 4.13 6.18 -21.12
CA VAL A 239 3.17 7.11 -20.54
C VAL A 239 3.74 7.58 -19.22
N ASP A 240 3.35 8.79 -18.80
CA ASP A 240 3.84 9.34 -17.56
C ASP A 240 3.59 8.40 -16.37
N PRO A 241 4.54 8.33 -15.42
CA PRO A 241 4.46 7.49 -14.21
C PRO A 241 3.10 7.59 -13.50
N ALA A 242 2.42 8.73 -13.67
CA ALA A 242 1.12 8.91 -13.05
C ALA A 242 0.11 7.91 -13.61
N PHE A 243 0.19 7.64 -14.91
CA PHE A 243 -0.72 6.69 -15.57
C PHE A 243 -0.18 5.26 -15.49
N ALA A 244 1.13 5.10 -15.37
CA ALA A 244 1.71 3.78 -15.29
C ALA A 244 2.84 3.73 -14.27
N PRO A 245 2.48 3.78 -12.97
CA PRO A 245 3.49 3.74 -11.91
C PRO A 245 4.14 2.36 -11.75
N GLY A 246 3.44 1.33 -12.21
CA GLY A 246 3.95 -0.03 -12.09
C GLY A 246 4.92 -0.43 -13.19
N THR A 247 6.12 0.11 -13.14
CA THR A 247 7.11 -0.20 -14.15
C THR A 247 8.52 -0.05 -13.57
N GLY A 248 9.49 -0.71 -14.19
CA GLY A 248 10.86 -0.69 -13.69
C GLY A 248 11.70 0.59 -13.75
N THR A 249 11.52 1.40 -14.78
CA THR A 249 12.28 2.63 -14.90
C THR A 249 11.39 3.81 -15.28
N PRO A 250 10.61 4.32 -14.31
CA PRO A 250 9.71 5.46 -14.57
C PRO A 250 10.48 6.69 -15.05
N ALA A 251 9.85 7.49 -15.90
CA ALA A 251 10.46 8.70 -16.42
C ALA A 251 9.42 9.81 -16.45
N PRO A 252 9.49 10.76 -15.51
CA PRO A 252 8.57 11.90 -15.39
C PRO A 252 8.36 12.66 -16.70
N GLY A 253 7.22 13.31 -16.82
CA GLY A 253 6.90 14.08 -18.00
C GLY A 253 6.59 13.24 -19.22
N GLY A 254 5.82 12.16 -19.03
CA GLY A 254 5.48 11.29 -20.15
C GLY A 254 4.13 11.58 -20.77
N LEU A 255 3.74 10.78 -21.75
CA LEU A 255 2.47 10.97 -22.44
C LEU A 255 1.27 10.61 -21.58
N LEU A 256 0.11 11.12 -21.97
CA LEU A 256 -1.13 10.84 -21.26
C LEU A 256 -1.63 9.50 -21.81
N SER A 257 -2.42 8.78 -21.01
CA SER A 257 -2.95 7.50 -21.45
C SER A 257 -3.72 7.67 -22.75
N ARG A 258 -4.59 8.67 -22.80
CA ARG A 258 -5.39 8.89 -23.98
C ARG A 258 -4.56 9.20 -25.22
N GLU A 259 -3.43 9.88 -25.04
CA GLU A 259 -2.57 10.21 -26.17
C GLU A 259 -2.02 8.94 -26.83
N VAL A 260 -1.54 8.02 -26.01
CA VAL A 260 -0.98 6.76 -26.51
C VAL A 260 -2.07 5.91 -27.17
N LEU A 261 -3.21 5.77 -26.51
CA LEU A 261 -4.30 4.97 -27.05
C LEU A 261 -4.80 5.57 -28.37
N ALA A 262 -4.90 6.89 -28.44
CA ALA A 262 -5.35 7.55 -29.66
C ALA A 262 -4.34 7.33 -30.78
N LEU A 263 -3.05 7.45 -30.45
CA LEU A 263 -1.99 7.26 -31.43
C LEU A 263 -2.04 5.87 -32.05
N LEU A 264 -2.21 4.85 -31.21
CA LEU A 264 -2.24 3.46 -31.68
C LEU A 264 -3.35 3.19 -32.70
N ARG A 265 -4.28 4.12 -32.85
CA ARG A 265 -5.35 3.91 -33.82
C ARG A 265 -4.80 3.85 -35.26
N CYS A 266 -3.64 4.48 -35.49
CA CYS A 266 -3.05 4.49 -36.83
C CYS A 266 -2.52 3.12 -37.26
N VAL A 267 -2.38 2.21 -36.31
CA VAL A 267 -1.90 0.88 -36.62
C VAL A 267 -2.83 0.17 -37.61
N GLY A 268 -4.11 0.52 -37.55
CA GLY A 268 -5.07 -0.08 -38.46
C GLY A 268 -4.82 0.29 -39.92
N ASP A 269 -4.00 1.32 -40.15
CA ASP A 269 -3.67 1.75 -41.51
C ASP A 269 -2.36 1.12 -41.97
N LEU A 270 -1.82 0.21 -41.18
CA LEU A 270 -0.57 -0.46 -41.53
C LEU A 270 -0.77 -1.95 -41.71
N LYS A 271 0.33 -2.70 -41.77
CA LYS A 271 0.27 -4.15 -41.92
C LYS A 271 1.03 -4.77 -40.74
N PRO A 272 0.42 -4.76 -39.54
CA PRO A 272 1.03 -5.32 -38.32
C PRO A 272 1.17 -6.83 -38.37
N VAL A 273 2.36 -7.30 -38.03
CA VAL A 273 2.64 -8.74 -38.02
C VAL A 273 3.03 -9.21 -36.63
N GLY A 274 2.87 -8.33 -35.65
CA GLY A 274 3.20 -8.68 -34.27
C GLY A 274 3.32 -7.46 -33.36
N PHE A 275 3.06 -7.67 -32.09
CA PHE A 275 3.19 -6.60 -31.12
C PHE A 275 3.36 -7.10 -29.70
N ASP A 276 3.83 -6.21 -28.83
CA ASP A 276 4.01 -6.53 -27.45
C ASP A 276 3.79 -5.31 -26.56
N VAL A 277 3.56 -5.56 -25.28
CA VAL A 277 3.33 -4.53 -24.24
C VAL A 277 4.22 -5.01 -23.10
N MET A 278 5.32 -4.30 -22.87
CA MET A 278 6.29 -4.68 -21.87
C MET A 278 6.54 -3.75 -20.68
N GLU A 279 7.35 -4.26 -19.76
CA GLU A 279 7.79 -3.55 -18.57
C GLU A 279 6.78 -3.31 -17.44
N VAL A 280 5.60 -3.92 -17.52
CA VAL A 280 4.66 -3.74 -16.43
C VAL A 280 5.21 -4.50 -15.21
N SER A 281 5.40 -3.80 -14.09
CA SER A 281 5.90 -4.40 -12.85
C SER A 281 4.83 -4.12 -11.76
N PRO A 282 3.90 -5.06 -11.59
CA PRO A 282 2.78 -5.01 -10.64
C PRO A 282 3.05 -4.50 -9.22
N LEU A 283 4.17 -4.90 -8.63
CA LEU A 283 4.47 -4.48 -7.27
C LEU A 283 4.51 -2.97 -7.08
N TYR A 284 4.93 -2.24 -8.10
CA TYR A 284 4.97 -0.79 -8.00
C TYR A 284 3.69 -0.14 -8.50
N ASP A 285 2.71 -0.95 -8.88
CA ASP A 285 1.46 -0.40 -9.40
C ASP A 285 0.55 0.07 -8.29
N HIS A 286 -0.33 1.02 -8.60
CA HIS A 286 -1.27 1.55 -7.62
C HIS A 286 -2.69 1.35 -8.17
N GLY A 287 -3.50 0.59 -7.44
CA GLY A 287 -4.87 0.32 -7.85
C GLY A 287 -4.98 -0.47 -9.15
N GLY A 288 -3.88 -1.12 -9.52
CA GLY A 288 -3.84 -1.91 -10.73
C GLY A 288 -4.00 -1.10 -12.00
N ILE A 289 -3.96 0.23 -11.89
CA ILE A 289 -4.17 1.05 -13.08
C ILE A 289 -3.16 0.83 -14.20
N THR A 290 -1.96 0.38 -13.87
CA THR A 290 -0.96 0.13 -14.90
C THR A 290 -1.36 -1.10 -15.72
N SER A 291 -1.75 -2.16 -15.02
CA SER A 291 -2.17 -3.38 -15.69
C SER A 291 -3.43 -3.15 -16.52
N ILE A 292 -4.34 -2.33 -16.00
CA ILE A 292 -5.57 -2.05 -16.73
C ILE A 292 -5.25 -1.29 -18.01
N LEU A 293 -4.33 -0.34 -17.92
CA LEU A 293 -3.91 0.43 -19.10
C LEU A 293 -3.24 -0.51 -20.09
N ALA A 294 -2.31 -1.32 -19.59
CA ALA A 294 -1.60 -2.28 -20.43
C ALA A 294 -2.63 -3.14 -21.19
N THR A 295 -3.71 -3.52 -20.49
CA THR A 295 -4.74 -4.34 -21.12
C THR A 295 -5.41 -3.57 -22.24
N GLU A 296 -5.82 -2.34 -21.94
CA GLU A 296 -6.48 -1.51 -22.93
C GLU A 296 -5.60 -1.31 -24.16
N ILE A 297 -4.29 -1.20 -23.94
CA ILE A 297 -3.36 -1.03 -25.06
C ILE A 297 -3.35 -2.30 -25.91
N GLY A 298 -3.32 -3.46 -25.25
CA GLY A 298 -3.34 -4.71 -25.98
C GLY A 298 -4.63 -4.84 -26.78
N ALA A 299 -5.73 -4.44 -26.18
CA ALA A 299 -7.02 -4.53 -26.84
C ALA A 299 -7.05 -3.65 -28.09
N GLU A 300 -6.52 -2.44 -27.98
CA GLU A 300 -6.50 -1.53 -29.11
C GLU A 300 -5.67 -2.10 -30.27
N LEU A 301 -4.53 -2.72 -29.93
CA LEU A 301 -3.68 -3.32 -30.96
C LEU A 301 -4.41 -4.48 -31.64
N LEU A 302 -5.05 -5.33 -30.84
CA LEU A 302 -5.78 -6.45 -31.41
C LEU A 302 -6.86 -5.94 -32.36
N TYR A 303 -7.58 -4.90 -31.95
CA TYR A 303 -8.62 -4.36 -32.81
C TYR A 303 -8.05 -3.75 -34.09
N GLN A 304 -6.92 -3.05 -33.96
CA GLN A 304 -6.30 -2.44 -35.12
C GLN A 304 -5.79 -3.51 -36.09
N TYR A 305 -5.42 -4.66 -35.53
CA TYR A 305 -4.94 -5.76 -36.35
C TYR A 305 -6.12 -6.16 -37.24
N ALA A 306 -7.28 -6.35 -36.61
CA ALA A 306 -8.48 -6.73 -37.32
C ALA A 306 -8.81 -5.70 -38.41
N ARG A 307 -8.79 -4.42 -38.06
CA ARG A 307 -9.10 -3.37 -39.01
C ARG A 307 -8.14 -3.39 -40.19
N ALA A 308 -6.88 -3.68 -39.92
CA ALA A 308 -5.88 -3.71 -40.97
C ALA A 308 -6.02 -4.92 -41.90
N HIS A 309 -6.76 -5.94 -41.46
CA HIS A 309 -6.95 -7.14 -42.28
C HIS A 309 -8.43 -7.50 -42.50
N SER B 9 -7.47 25.88 14.99
CA SER B 9 -8.01 24.49 15.12
C SER B 9 -7.73 23.66 13.87
N PRO B 10 -6.83 22.67 14.00
CA PRO B 10 -6.45 21.80 12.88
C PRO B 10 -7.66 21.16 12.17
N ARG B 11 -7.56 21.07 10.85
CA ARG B 11 -8.63 20.52 10.04
C ARG B 11 -8.77 19.00 10.13
N TYR B 12 -7.78 18.34 10.71
CA TYR B 12 -7.82 16.89 10.88
C TYR B 12 -8.33 16.56 12.29
N ALA B 13 -8.68 17.59 13.06
CA ALA B 13 -9.19 17.41 14.41
C ALA B 13 -10.72 17.41 14.38
N GLN B 14 -11.33 16.75 15.36
CA GLN B 14 -12.79 16.66 15.46
C GLN B 14 -13.38 15.64 14.50
N ILE B 15 -14.53 15.11 14.87
CA ILE B 15 -15.22 14.12 14.05
C ILE B 15 -15.43 14.73 12.67
N PRO B 16 -14.99 14.03 11.63
CA PRO B 16 -15.09 14.46 10.23
C PRO B 16 -16.47 14.53 9.58
N THR B 17 -16.77 15.67 9.00
CA THR B 17 -18.02 15.88 8.29
C THR B 17 -17.59 16.40 6.93
N PHE B 18 -18.48 16.37 5.94
CA PHE B 18 -18.09 16.85 4.63
C PHE B 18 -17.67 18.32 4.69
N MET B 19 -16.41 18.58 4.37
CA MET B 19 -15.88 19.95 4.38
C MET B 19 -16.08 20.62 5.74
N ARG B 20 -16.08 19.81 6.79
CA ARG B 20 -16.25 20.30 8.15
C ARG B 20 -17.52 21.11 8.38
N LEU B 21 -18.57 20.79 7.62
CA LEU B 21 -19.86 21.46 7.77
C LEU B 21 -20.47 20.97 9.07
N PRO B 22 -21.46 21.71 9.60
CA PRO B 22 -22.11 21.28 10.85
C PRO B 22 -22.82 19.96 10.58
N HIS B 23 -23.09 19.21 11.64
CA HIS B 23 -23.77 17.93 11.51
C HIS B 23 -25.21 18.02 12.02
N ASP B 24 -26.15 17.45 11.28
CA ASP B 24 -27.55 17.47 11.65
C ASP B 24 -28.25 16.32 10.94
N PRO B 25 -28.49 15.21 11.65
CA PRO B 25 -29.14 14.02 11.09
C PRO B 25 -30.56 14.26 10.60
N GLN B 26 -31.22 15.28 11.13
CA GLN B 26 -32.58 15.62 10.72
C GLN B 26 -32.60 17.09 10.35
N PRO B 27 -31.92 17.45 9.26
CA PRO B 27 -31.85 18.84 8.79
C PRO B 27 -33.17 19.42 8.31
N ARG B 28 -33.39 20.71 8.58
CA ARG B 28 -34.59 21.38 8.15
C ARG B 28 -34.28 22.85 7.88
N GLY B 29 -34.69 23.33 6.71
CA GLY B 29 -34.46 24.73 6.36
C GLY B 29 -33.18 25.09 5.62
N TYR B 30 -32.39 24.10 5.22
CA TYR B 30 -31.15 24.40 4.50
C TYR B 30 -31.33 24.44 3.00
N ASP B 31 -30.37 25.04 2.32
CA ASP B 31 -30.40 25.13 0.87
C ASP B 31 -29.94 23.81 0.27
N VAL B 32 -28.80 23.32 0.75
CA VAL B 32 -28.26 22.06 0.27
C VAL B 32 -27.79 21.19 1.42
N VAL B 33 -28.28 19.95 1.45
CA VAL B 33 -27.91 18.98 2.48
C VAL B 33 -26.96 17.95 1.84
N VAL B 34 -25.83 17.71 2.50
CA VAL B 34 -24.87 16.72 2.00
C VAL B 34 -25.28 15.42 2.69
N ILE B 35 -25.59 14.41 1.90
CA ILE B 35 -26.05 13.12 2.43
C ILE B 35 -25.20 11.97 1.90
N GLY B 36 -24.77 11.09 2.81
CA GLY B 36 -23.96 9.95 2.44
C GLY B 36 -24.80 8.72 2.15
N ALA B 37 -24.35 7.96 1.16
CA ALA B 37 -25.03 6.72 0.76
C ALA B 37 -23.96 5.62 0.72
N PRO B 38 -23.57 5.11 1.89
CA PRO B 38 -22.56 4.04 2.01
C PRO B 38 -23.08 2.69 1.55
N TYR B 39 -23.07 2.48 0.24
CA TYR B 39 -23.61 1.26 -0.33
C TYR B 39 -22.92 0.89 -1.66
N ASP B 40 -22.65 -0.40 -1.86
CA ASP B 40 -22.02 -0.84 -3.10
C ASP B 40 -22.69 -2.11 -3.64
N GLY B 41 -23.91 -2.35 -3.16
CA GLY B 41 -24.66 -3.51 -3.60
C GLY B 41 -24.91 -3.56 -5.10
N GLY B 42 -24.69 -2.44 -5.79
CA GLY B 42 -24.91 -2.41 -7.23
C GLY B 42 -23.64 -2.61 -8.04
N THR B 43 -22.47 -2.64 -7.39
CA THR B 43 -21.21 -2.80 -8.11
C THR B 43 -21.10 -4.17 -8.78
N SER B 44 -20.69 -4.17 -10.04
CA SER B 44 -20.57 -5.42 -10.79
C SER B 44 -19.17 -6.00 -10.79
N TYR B 45 -18.18 -5.19 -10.43
CA TYR B 45 -16.80 -5.66 -10.40
C TYR B 45 -16.20 -5.47 -9.01
N ARG B 46 -15.47 -4.39 -8.82
CA ARG B 46 -14.86 -4.13 -7.51
C ARG B 46 -15.85 -3.49 -6.56
N PRO B 47 -15.99 -4.05 -5.36
CA PRO B 47 -16.92 -3.47 -4.38
C PRO B 47 -16.09 -2.46 -3.58
N GLY B 48 -16.65 -1.91 -2.51
CA GLY B 48 -15.89 -0.98 -1.71
C GLY B 48 -16.42 0.44 -1.68
N ALA B 49 -17.30 0.78 -2.63
CA ALA B 49 -17.87 2.11 -2.67
C ALA B 49 -18.66 2.41 -1.40
N ARG B 50 -18.96 1.38 -0.61
CA ARG B 50 -19.71 1.59 0.63
C ARG B 50 -18.90 2.43 1.62
N PHE B 51 -17.58 2.51 1.42
CA PHE B 51 -16.71 3.31 2.30
C PHE B 51 -16.41 4.68 1.70
N GLY B 52 -16.95 4.93 0.51
CA GLY B 52 -16.75 6.20 -0.15
C GLY B 52 -17.10 7.40 0.72
N PRO B 53 -18.34 7.46 1.26
CA PRO B 53 -18.74 8.59 2.10
C PRO B 53 -17.77 8.87 3.26
N GLN B 54 -17.36 7.81 3.94
CA GLN B 54 -16.44 7.93 5.05
C GLN B 54 -15.07 8.49 4.62
N ALA B 55 -14.51 7.95 3.54
CA ALA B 55 -13.21 8.39 3.04
C ALA B 55 -13.25 9.82 2.54
N ILE B 56 -14.30 10.14 1.79
CA ILE B 56 -14.46 11.48 1.26
C ILE B 56 -14.56 12.48 2.42
N ARG B 57 -15.34 12.17 3.45
CA ARG B 57 -15.46 13.08 4.59
C ARG B 57 -14.12 13.26 5.26
N SER B 58 -13.41 12.16 5.44
CA SER B 58 -12.11 12.18 6.08
C SER B 58 -11.09 13.13 5.45
N GLU B 59 -11.00 13.08 4.12
CA GLU B 59 -10.04 13.90 3.38
C GLU B 59 -10.54 15.32 3.09
N SER B 60 -11.84 15.54 3.21
CA SER B 60 -12.44 16.83 2.92
C SER B 60 -11.94 17.96 3.82
N GLY B 61 -11.15 17.61 4.83
CA GLY B 61 -10.63 18.63 5.73
C GLY B 61 -9.79 19.66 5.02
N LEU B 62 -9.19 19.28 3.89
CA LEU B 62 -8.33 20.15 3.10
C LEU B 62 -9.08 21.14 2.22
N ILE B 63 -10.35 20.89 1.98
CA ILE B 63 -11.15 21.75 1.12
C ILE B 63 -12.14 22.64 1.88
N HIS B 64 -12.04 23.96 1.67
CA HIS B 64 -12.93 24.94 2.31
C HIS B 64 -13.95 25.41 1.26
N GLY B 65 -14.79 26.37 1.62
CA GLY B 65 -15.77 26.86 0.68
C GLY B 65 -15.25 28.09 -0.08
N VAL B 66 -14.24 28.73 0.49
CA VAL B 66 -13.63 29.93 -0.09
C VAL B 66 -12.73 29.60 -1.27
N GLY B 67 -13.21 29.86 -2.49
CA GLY B 67 -12.39 29.58 -3.66
C GLY B 67 -11.25 30.55 -3.76
N ILE B 68 -10.89 30.91 -4.99
CA ILE B 68 -9.82 31.87 -5.21
C ILE B 68 -10.34 32.95 -6.15
N ASP B 69 -10.29 34.21 -5.68
CA ASP B 69 -10.77 35.33 -6.47
C ASP B 69 -12.25 35.16 -6.76
N ARG B 70 -12.92 34.37 -5.94
CA ARG B 70 -14.35 34.14 -6.07
C ARG B 70 -14.97 35.09 -5.06
N GLY B 71 -16.27 34.95 -4.81
CA GLY B 71 -16.89 35.86 -3.85
C GLY B 71 -16.47 35.62 -2.41
N PRO B 72 -17.41 35.78 -1.48
CA PRO B 72 -17.21 35.60 -0.03
C PRO B 72 -17.05 34.13 0.40
N GLY B 73 -17.30 33.20 -0.51
CA GLY B 73 -17.16 31.80 -0.13
C GLY B 73 -18.52 31.14 -0.08
N THR B 74 -18.60 29.93 -0.65
CA THR B 74 -19.83 29.16 -0.73
C THR B 74 -20.73 29.14 0.50
N PHE B 75 -20.15 28.85 1.66
CA PHE B 75 -20.92 28.75 2.89
C PHE B 75 -21.46 30.04 3.51
N ASP B 76 -21.14 31.18 2.92
CA ASP B 76 -21.66 32.45 3.42
C ASP B 76 -22.81 32.87 2.50
N LEU B 77 -22.88 32.20 1.35
CA LEU B 77 -23.91 32.47 0.35
C LEU B 77 -25.12 31.56 0.54
N ILE B 78 -24.87 30.32 0.93
CA ILE B 78 -25.94 29.35 1.15
C ILE B 78 -25.73 28.57 2.45
N ASN B 79 -26.79 27.96 2.95
CA ASN B 79 -26.73 27.19 4.18
C ASN B 79 -26.68 25.70 3.87
N CYS B 80 -25.57 25.06 4.21
CA CYS B 80 -25.40 23.64 3.96
C CYS B 80 -25.14 22.90 5.25
N VAL B 81 -25.36 21.59 5.23
CA VAL B 81 -25.14 20.78 6.41
C VAL B 81 -24.85 19.33 6.03
N ASP B 82 -24.19 18.60 6.93
CA ASP B 82 -23.89 17.19 6.69
C ASP B 82 -24.94 16.42 7.48
N ALA B 83 -25.85 15.76 6.77
CA ALA B 83 -26.92 15.01 7.41
C ALA B 83 -26.58 13.58 7.77
N GLY B 84 -25.29 13.25 7.72
CA GLY B 84 -24.89 11.88 8.03
C GLY B 84 -25.18 10.98 6.85
N ASP B 85 -25.45 9.70 7.09
CA ASP B 85 -25.72 8.75 6.01
C ASP B 85 -27.10 8.13 6.02
N ILE B 86 -27.46 7.52 4.89
CA ILE B 86 -28.72 6.82 4.79
C ILE B 86 -28.40 5.40 5.26
N ASN B 87 -29.23 4.81 6.13
CA ASN B 87 -28.94 3.46 6.56
C ASN B 87 -29.31 2.48 5.46
N LEU B 88 -28.35 2.23 4.57
CA LEU B 88 -28.53 1.34 3.45
C LEU B 88 -27.98 -0.04 3.75
N THR B 89 -28.84 -1.05 3.62
CA THR B 89 -28.45 -2.42 3.88
C THR B 89 -27.55 -2.94 2.78
N PRO B 90 -26.56 -3.77 3.14
CA PRO B 90 -25.65 -4.33 2.15
C PRO B 90 -26.14 -5.70 1.70
N PHE B 91 -27.30 -6.12 2.22
CA PHE B 91 -27.83 -7.44 1.92
C PHE B 91 -28.96 -7.52 0.89
N ASP B 92 -29.59 -6.41 0.58
CA ASP B 92 -30.68 -6.44 -0.40
C ASP B 92 -30.80 -5.20 -1.24
N MET B 93 -30.44 -5.37 -2.51
CA MET B 93 -30.47 -4.32 -3.51
C MET B 93 -31.77 -3.52 -3.55
N ASN B 94 -32.89 -4.23 -3.74
CA ASN B 94 -34.19 -3.57 -3.82
C ASN B 94 -34.58 -2.80 -2.57
N ILE B 95 -34.29 -3.36 -1.41
CA ILE B 95 -34.61 -2.68 -0.15
C ILE B 95 -33.76 -1.42 0.03
N ALA B 96 -32.51 -1.48 -0.37
CA ALA B 96 -31.60 -0.34 -0.24
C ALA B 96 -32.05 0.83 -1.11
N ILE B 97 -32.43 0.53 -2.34
CA ILE B 97 -32.88 1.58 -3.25
C ILE B 97 -34.14 2.28 -2.72
N ASP B 98 -35.08 1.49 -2.18
CA ASP B 98 -36.31 2.07 -1.64
C ASP B 98 -36.02 2.92 -0.42
N THR B 99 -35.13 2.44 0.44
CA THR B 99 -34.75 3.18 1.64
C THR B 99 -34.09 4.49 1.23
N ALA B 100 -33.27 4.43 0.18
CA ALA B 100 -32.59 5.62 -0.31
C ALA B 100 -33.62 6.64 -0.80
N GLN B 101 -34.57 6.18 -1.62
CA GLN B 101 -35.60 7.06 -2.17
C GLN B 101 -36.36 7.74 -1.05
N SER B 102 -36.81 6.94 -0.09
CA SER B 102 -37.56 7.42 1.04
C SER B 102 -36.78 8.48 1.83
N HIS B 103 -35.51 8.20 2.12
CA HIS B 103 -34.68 9.13 2.87
C HIS B 103 -34.44 10.42 2.10
N LEU B 104 -34.11 10.31 0.82
CA LEU B 104 -33.85 11.47 -0.01
C LEU B 104 -35.11 12.32 -0.17
N SER B 105 -36.26 11.67 -0.32
CA SER B 105 -37.52 12.41 -0.43
C SER B 105 -37.76 13.18 0.87
N GLY B 106 -37.50 12.50 1.98
CA GLY B 106 -37.68 13.15 3.27
C GLY B 106 -36.87 14.44 3.36
N LEU B 107 -35.63 14.40 2.88
CA LEU B 107 -34.77 15.58 2.93
C LEU B 107 -35.35 16.73 2.14
N LEU B 108 -35.89 16.43 0.97
CA LEU B 108 -36.46 17.45 0.10
C LEU B 108 -37.74 18.07 0.66
N LYS B 109 -38.38 17.39 1.60
CA LYS B 109 -39.60 17.91 2.20
C LYS B 109 -39.30 19.15 3.05
N ALA B 110 -38.06 19.28 3.53
CA ALA B 110 -37.70 20.42 4.38
C ALA B 110 -36.44 21.18 3.98
N ASN B 111 -35.84 20.80 2.85
CA ASN B 111 -34.63 21.46 2.39
C ASN B 111 -34.71 21.60 0.88
N ALA B 112 -34.06 22.61 0.35
CA ALA B 112 -34.11 22.87 -1.08
C ALA B 112 -33.58 21.74 -1.96
N ALA B 113 -32.36 21.29 -1.67
CA ALA B 113 -31.76 20.22 -2.46
C ALA B 113 -30.68 19.49 -1.67
N PHE B 114 -30.13 18.44 -2.27
CA PHE B 114 -29.10 17.66 -1.62
C PHE B 114 -27.95 17.32 -2.55
N LEU B 115 -26.82 16.97 -1.93
CA LEU B 115 -25.63 16.55 -2.64
C LEU B 115 -25.34 15.15 -2.09
N MET B 116 -25.58 14.12 -2.89
CA MET B 116 -25.33 12.76 -2.43
C MET B 116 -23.90 12.33 -2.71
N ILE B 117 -23.19 12.00 -1.63
CA ILE B 117 -21.82 11.52 -1.69
C ILE B 117 -22.05 10.04 -1.45
N GLY B 118 -21.83 9.22 -2.46
CA GLY B 118 -22.13 7.85 -2.15
C GLY B 118 -21.24 6.69 -2.46
N GLY B 119 -21.96 5.62 -2.77
CA GLY B 119 -21.41 4.36 -3.14
C GLY B 119 -21.62 4.29 -4.63
N ASP B 120 -21.99 3.11 -5.13
CA ASP B 120 -22.13 2.95 -6.57
C ASP B 120 -23.24 3.78 -7.20
N HIS B 121 -23.11 3.97 -8.51
CA HIS B 121 -24.03 4.77 -9.29
C HIS B 121 -25.49 4.30 -9.35
N SER B 122 -25.76 3.07 -8.95
CA SER B 122 -27.14 2.58 -9.00
C SER B 122 -28.06 3.44 -8.13
N LEU B 123 -27.53 3.94 -7.01
CA LEU B 123 -28.30 4.76 -6.08
C LEU B 123 -28.90 6.04 -6.69
N THR B 124 -28.37 6.48 -7.82
CA THR B 124 -28.88 7.69 -8.46
C THR B 124 -30.34 7.58 -8.91
N VAL B 125 -30.83 6.36 -9.14
CA VAL B 125 -32.22 6.18 -9.55
C VAL B 125 -33.13 6.63 -8.41
N ALA B 126 -32.67 6.42 -7.18
CA ALA B 126 -33.44 6.81 -6.01
C ALA B 126 -33.46 8.34 -5.91
N ALA B 127 -32.34 8.96 -6.22
CA ALA B 127 -32.28 10.40 -6.16
C ALA B 127 -33.16 11.02 -7.25
N LEU B 128 -33.10 10.47 -8.45
CA LEU B 128 -33.90 10.98 -9.56
C LEU B 128 -35.39 10.88 -9.23
N ARG B 129 -35.80 9.79 -8.59
CA ARG B 129 -37.20 9.65 -8.23
C ARG B 129 -37.61 10.71 -7.21
N ALA B 130 -36.75 10.94 -6.22
CA ALA B 130 -37.04 11.91 -5.19
C ALA B 130 -37.09 13.33 -5.75
N VAL B 131 -36.12 13.67 -6.59
CA VAL B 131 -36.06 15.02 -7.17
C VAL B 131 -37.17 15.24 -8.20
N ALA B 132 -37.42 14.23 -9.03
CA ALA B 132 -38.46 14.35 -10.05
C ALA B 132 -39.84 14.53 -9.40
N GLU B 133 -40.04 13.92 -8.23
CA GLU B 133 -41.31 14.03 -7.54
C GLU B 133 -41.59 15.48 -7.14
N GLN B 134 -40.54 16.29 -7.01
CA GLN B 134 -40.73 17.68 -6.60
C GLN B 134 -40.53 18.71 -7.71
N HIS B 135 -40.01 18.29 -8.87
CA HIS B 135 -39.76 19.23 -9.96
C HIS B 135 -40.29 18.77 -11.31
N GLY B 136 -40.69 17.50 -11.39
CA GLY B 136 -41.19 16.96 -12.65
C GLY B 136 -40.04 16.45 -13.48
N PRO B 137 -40.29 16.01 -14.73
CA PRO B 137 -39.23 15.48 -15.61
C PRO B 137 -38.01 16.38 -15.53
N LEU B 138 -36.85 15.76 -15.32
CA LEU B 138 -35.61 16.50 -15.15
C LEU B 138 -34.64 16.49 -16.32
N ALA B 139 -33.85 17.56 -16.39
CA ALA B 139 -32.81 17.70 -17.39
C ALA B 139 -31.64 17.06 -16.65
N VAL B 140 -30.72 16.44 -17.38
CA VAL B 140 -29.59 15.78 -16.73
C VAL B 140 -28.23 16.03 -17.38
N VAL B 141 -27.25 16.24 -16.53
CA VAL B 141 -25.86 16.41 -16.95
C VAL B 141 -25.18 15.26 -16.21
N HIS B 142 -24.73 14.27 -16.98
CA HIS B 142 -24.11 13.07 -16.44
C HIS B 142 -22.66 12.93 -16.87
N LEU B 143 -21.73 12.93 -15.91
CA LEU B 143 -20.30 12.76 -16.23
C LEU B 143 -19.94 11.33 -15.83
N ASP B 144 -19.50 10.53 -16.81
CA ASP B 144 -19.22 9.14 -16.56
C ASP B 144 -18.41 8.55 -17.71
N ALA B 145 -17.67 7.49 -17.42
CA ALA B 145 -16.91 6.81 -18.45
C ALA B 145 -17.84 5.82 -19.15
N HIS B 146 -18.96 5.51 -18.50
CA HIS B 146 -19.96 4.58 -19.02
C HIS B 146 -21.35 5.22 -19.08
N SER B 147 -22.13 4.81 -20.08
CA SER B 147 -23.46 5.36 -20.28
C SER B 147 -24.47 5.08 -19.16
N ASP B 148 -24.33 3.94 -18.48
CA ASP B 148 -25.23 3.57 -17.39
C ASP B 148 -26.69 3.57 -17.83
N THR B 149 -26.93 3.12 -19.05
CA THR B 149 -28.28 3.03 -19.61
C THR B 149 -28.51 1.59 -20.09
N ASN B 150 -27.88 0.64 -19.40
CA ASN B 150 -28.00 -0.77 -19.73
C ASN B 150 -29.26 -1.39 -19.13
N PRO B 151 -29.73 -2.49 -19.73
CA PRO B 151 -30.93 -3.20 -19.29
C PRO B 151 -30.75 -3.83 -17.92
N ALA B 152 -31.83 -3.85 -17.14
CA ALA B 152 -31.80 -4.48 -15.83
C ALA B 152 -32.16 -5.94 -16.11
N PHE B 153 -32.19 -6.75 -15.07
CA PHE B 153 -32.55 -8.17 -15.22
C PHE B 153 -32.96 -8.78 -13.89
N TYR B 154 -33.55 -9.97 -13.94
CA TYR B 154 -34.00 -10.63 -12.73
C TYR B 154 -32.83 -10.93 -11.81
N GLY B 155 -33.00 -10.58 -10.54
CA GLY B 155 -31.94 -10.81 -9.57
C GLY B 155 -30.86 -9.75 -9.69
N GLY B 156 -31.16 -8.71 -10.47
CA GLY B 156 -30.21 -7.63 -10.67
C GLY B 156 -30.88 -6.43 -11.28
N ARG B 157 -32.02 -6.05 -10.73
CA ARG B 157 -32.77 -4.91 -11.25
C ARG B 157 -32.06 -3.57 -11.12
N TYR B 158 -31.21 -3.45 -10.10
CA TYR B 158 -30.50 -2.20 -9.89
C TYR B 158 -28.98 -2.25 -9.87
N HIS B 159 -28.35 -2.87 -10.87
CA HIS B 159 -26.89 -2.88 -10.86
C HIS B 159 -26.49 -1.48 -11.31
N HIS B 160 -25.32 -1.01 -10.89
CA HIS B 160 -24.89 0.35 -11.21
C HIS B 160 -24.82 0.74 -12.70
N GLY B 161 -25.31 -0.13 -13.58
CA GLY B 161 -25.32 0.18 -14.99
C GLY B 161 -26.71 0.53 -15.50
N THR B 162 -27.68 0.58 -14.58
CA THR B 162 -29.08 0.87 -14.93
C THR B 162 -29.70 2.20 -14.48
N PRO B 163 -29.03 2.99 -13.61
CA PRO B 163 -29.63 4.25 -13.15
C PRO B 163 -30.37 5.14 -14.17
N PHE B 164 -29.69 5.52 -15.26
CA PHE B 164 -30.32 6.38 -16.24
C PHE B 164 -31.27 5.67 -17.21
N ARG B 165 -31.26 4.34 -17.19
CA ARG B 165 -32.17 3.57 -18.02
C ARG B 165 -33.53 3.74 -17.34
N HIS B 166 -33.54 3.52 -16.03
CA HIS B 166 -34.75 3.64 -15.22
C HIS B 166 -35.25 5.08 -15.28
N GLY B 167 -34.33 6.03 -15.18
CA GLY B 167 -34.69 7.44 -15.21
C GLY B 167 -35.49 7.80 -16.44
N ILE B 168 -35.09 7.29 -17.60
CA ILE B 168 -35.78 7.58 -18.84
C ILE B 168 -37.08 6.77 -18.91
N ASP B 169 -37.00 5.47 -18.63
CA ASP B 169 -38.18 4.62 -18.67
C ASP B 169 -39.29 5.12 -17.73
N GLU B 170 -38.89 5.56 -16.54
CA GLU B 170 -39.84 6.04 -15.56
C GLU B 170 -40.26 7.50 -15.75
N LYS B 171 -39.81 8.10 -16.85
CA LYS B 171 -40.16 9.49 -17.14
C LYS B 171 -39.63 10.47 -16.08
N LEU B 172 -38.58 10.08 -15.37
CA LEU B 172 -38.00 10.96 -14.35
C LEU B 172 -37.08 11.96 -15.04
N ILE B 173 -36.59 11.55 -16.20
CA ILE B 173 -35.66 12.35 -16.99
C ILE B 173 -36.27 12.67 -18.35
N ASP B 174 -35.95 13.85 -18.87
CA ASP B 174 -36.40 14.24 -20.20
C ASP B 174 -35.15 14.04 -21.06
N PRO B 175 -35.06 12.87 -21.72
CA PRO B 175 -33.90 12.53 -22.57
C PRO B 175 -33.45 13.61 -23.51
N ALA B 176 -34.40 14.36 -24.06
CA ALA B 176 -34.07 15.45 -24.98
C ALA B 176 -33.28 16.53 -24.27
N ALA B 177 -33.25 16.46 -22.94
CA ALA B 177 -32.52 17.44 -22.14
C ALA B 177 -31.46 16.79 -21.28
N MET B 178 -30.93 15.66 -21.77
CA MET B 178 -29.88 14.94 -21.04
C MET B 178 -28.60 14.88 -21.86
N VAL B 179 -27.49 15.15 -21.18
CA VAL B 179 -26.18 15.11 -21.81
C VAL B 179 -25.22 14.34 -20.95
N GLN B 180 -24.58 13.31 -21.52
CA GLN B 180 -23.59 12.57 -20.76
C GLN B 180 -22.25 12.74 -21.44
N ILE B 181 -21.26 13.18 -20.66
CA ILE B 181 -19.92 13.43 -21.16
C ILE B 181 -18.86 12.48 -20.58
N GLY B 182 -17.92 12.06 -21.42
CA GLY B 182 -16.84 11.20 -20.99
C GLY B 182 -16.87 9.75 -21.43
N ILE B 183 -17.96 9.32 -22.06
CA ILE B 183 -18.09 7.93 -22.50
C ILE B 183 -16.87 7.46 -23.27
N ARG B 184 -16.34 6.31 -22.87
CA ARG B 184 -15.16 5.73 -23.52
C ARG B 184 -15.04 4.26 -23.15
N GLY B 185 -14.03 3.60 -23.69
CA GLY B 185 -13.82 2.21 -23.37
C GLY B 185 -14.60 1.19 -24.17
N HIS B 186 -15.43 0.41 -23.47
CA HIS B 186 -16.18 -0.64 -24.13
C HIS B 186 -17.63 -0.74 -23.71
N ASN B 187 -18.51 -0.92 -24.69
CA ASN B 187 -19.94 -1.08 -24.43
C ASN B 187 -20.11 -2.58 -24.25
N PRO B 188 -21.13 -3.00 -23.48
CA PRO B 188 -21.31 -4.45 -23.29
C PRO B 188 -21.69 -5.12 -24.63
N LYS B 189 -22.36 -4.37 -25.50
CA LYS B 189 -22.76 -4.83 -26.82
C LYS B 189 -22.49 -3.68 -27.80
N PRO B 190 -22.25 -3.99 -29.09
CA PRO B 190 -21.98 -2.97 -30.11
C PRO B 190 -23.08 -1.95 -30.36
N ASP B 191 -24.30 -2.29 -29.95
CA ASP B 191 -25.44 -1.40 -30.13
C ASP B 191 -26.01 -0.93 -28.79
N SER B 192 -25.12 -0.78 -27.80
CA SER B 192 -25.51 -0.34 -26.45
C SER B 192 -25.94 1.11 -26.29
N LEU B 193 -25.45 2.01 -27.15
CA LEU B 193 -25.82 3.42 -27.06
C LEU B 193 -27.04 3.78 -27.88
N ASP B 194 -27.52 2.84 -28.70
CA ASP B 194 -28.69 3.07 -29.54
C ASP B 194 -29.87 3.50 -28.67
N TYR B 195 -30.02 2.87 -27.51
CA TYR B 195 -31.12 3.18 -26.61
C TYR B 195 -31.13 4.67 -26.21
N ALA B 196 -30.04 5.11 -25.60
CA ALA B 196 -29.93 6.48 -25.14
C ALA B 196 -30.14 7.47 -26.29
N ARG B 197 -29.46 7.22 -27.40
CA ARG B 197 -29.56 8.11 -28.56
C ARG B 197 -30.95 8.10 -29.19
N GLY B 198 -31.59 6.93 -29.21
CA GLY B 198 -32.92 6.82 -29.77
C GLY B 198 -33.89 7.66 -28.98
N HIS B 199 -33.60 7.84 -27.69
CA HIS B 199 -34.46 8.63 -26.81
C HIS B 199 -34.10 10.11 -26.87
N GLY B 200 -33.06 10.44 -27.64
CA GLY B 200 -32.66 11.83 -27.76
C GLY B 200 -31.56 12.29 -26.83
N VAL B 201 -30.92 11.36 -26.14
CA VAL B 201 -29.84 11.70 -25.23
C VAL B 201 -28.58 12.09 -25.99
N ARG B 202 -27.98 13.23 -25.65
CA ARG B 202 -26.77 13.67 -26.31
C ARG B 202 -25.58 13.02 -25.65
N VAL B 203 -24.88 12.16 -26.39
CA VAL B 203 -23.72 11.48 -25.86
C VAL B 203 -22.45 12.13 -26.36
N VAL B 204 -21.62 12.58 -25.43
CA VAL B 204 -20.34 13.21 -25.78
C VAL B 204 -19.25 12.30 -25.25
N THR B 205 -18.64 11.53 -26.14
CA THR B 205 -17.58 10.60 -25.75
C THR B 205 -16.33 11.36 -25.31
N ALA B 206 -15.44 10.68 -24.60
CA ALA B 206 -14.21 11.33 -24.17
C ALA B 206 -13.49 11.86 -25.41
N ASP B 207 -13.60 11.14 -26.52
CA ASP B 207 -12.95 11.57 -27.76
C ASP B 207 -13.51 12.90 -28.26
N GLU B 208 -14.83 12.98 -28.39
CA GLU B 208 -15.46 14.21 -28.85
C GLU B 208 -15.19 15.34 -27.86
N PHE B 209 -15.16 15.02 -26.56
CA PHE B 209 -14.90 16.03 -25.56
C PHE B 209 -13.55 16.69 -25.87
N GLY B 210 -12.60 15.89 -26.33
CA GLY B 210 -11.29 16.41 -26.66
C GLY B 210 -11.34 17.38 -27.84
N GLU B 211 -12.23 17.10 -28.79
CA GLU B 211 -12.38 17.95 -29.96
C GLU B 211 -13.12 19.24 -29.57
N LEU B 212 -14.23 19.09 -28.84
CA LEU B 212 -15.02 20.23 -28.39
C LEU B 212 -14.31 21.12 -27.38
N GLY B 213 -13.55 20.51 -26.48
CA GLY B 213 -12.87 21.27 -25.45
C GLY B 213 -13.84 21.56 -24.31
N VAL B 214 -13.34 22.16 -23.24
CA VAL B 214 -14.19 22.49 -22.10
C VAL B 214 -15.27 23.50 -22.48
N GLY B 215 -14.84 24.59 -23.11
CA GLY B 215 -15.80 25.61 -23.52
C GLY B 215 -16.86 25.08 -24.47
N GLY B 216 -16.42 24.35 -25.49
CA GLY B 216 -17.35 23.80 -26.46
C GLY B 216 -18.40 22.92 -25.81
N THR B 217 -17.94 22.06 -24.89
CA THR B 217 -18.85 21.16 -24.19
C THR B 217 -19.77 21.96 -23.27
N ALA B 218 -19.22 23.00 -22.65
CA ALA B 218 -20.02 23.84 -21.76
C ALA B 218 -21.18 24.48 -22.53
N ASP B 219 -20.90 24.94 -23.74
CA ASP B 219 -21.93 25.57 -24.56
C ASP B 219 -22.99 24.53 -24.90
N LEU B 220 -22.53 23.33 -25.24
CA LEU B 220 -23.44 22.25 -25.60
C LEU B 220 -24.38 21.93 -24.44
N ILE B 221 -23.84 21.91 -23.24
CA ILE B 221 -24.64 21.61 -22.06
C ILE B 221 -25.69 22.70 -21.87
N ARG B 222 -25.25 23.95 -21.88
CA ARG B 222 -26.17 25.07 -21.71
C ARG B 222 -27.30 25.02 -22.74
N GLU B 223 -26.96 24.72 -23.99
CA GLU B 223 -27.94 24.65 -25.06
C GLU B 223 -28.91 23.49 -24.90
N LYS B 224 -28.41 22.32 -24.54
CA LYS B 224 -29.28 21.15 -24.38
C LYS B 224 -30.09 21.14 -23.07
N VAL B 225 -29.59 21.81 -22.04
CA VAL B 225 -30.29 21.84 -20.75
C VAL B 225 -31.22 23.05 -20.59
N GLY B 226 -30.78 24.18 -21.11
CA GLY B 226 -31.58 25.39 -21.01
C GLY B 226 -31.74 25.83 -19.56
N GLN B 227 -32.97 26.13 -19.17
CA GLN B 227 -33.24 26.57 -17.80
C GLN B 227 -34.11 25.58 -17.06
N ARG B 228 -34.27 24.40 -17.64
CA ARG B 228 -35.08 23.36 -17.00
C ARG B 228 -34.37 22.93 -15.72
N PRO B 229 -35.12 22.42 -14.72
CA PRO B 229 -34.47 21.98 -13.49
C PRO B 229 -33.53 20.82 -13.84
N VAL B 230 -32.26 20.94 -13.48
CA VAL B 230 -31.29 19.91 -13.84
C VAL B 230 -30.62 19.18 -12.67
N TYR B 231 -30.39 17.89 -12.86
CA TYR B 231 -29.73 17.04 -11.88
C TYR B 231 -28.33 16.72 -12.43
N VAL B 232 -27.29 17.03 -11.66
CA VAL B 232 -25.92 16.77 -12.11
C VAL B 232 -25.33 15.57 -11.37
N SER B 233 -25.17 14.47 -12.11
CA SER B 233 -24.66 13.22 -11.57
C SER B 233 -23.24 12.97 -12.07
N VAL B 234 -22.30 12.88 -11.15
CA VAL B 234 -20.91 12.66 -11.49
C VAL B 234 -20.36 11.32 -11.00
N ASP B 235 -19.93 10.49 -11.95
CA ASP B 235 -19.31 9.20 -11.62
C ASP B 235 -17.83 9.54 -11.57
N ILE B 236 -17.20 9.29 -10.45
CA ILE B 236 -15.77 9.60 -10.30
C ILE B 236 -14.89 8.98 -11.39
N ASP B 237 -15.30 7.85 -11.96
CA ASP B 237 -14.48 7.21 -12.99
C ASP B 237 -14.47 7.96 -14.34
N VAL B 238 -15.07 9.14 -14.36
CA VAL B 238 -15.10 9.93 -15.58
C VAL B 238 -13.68 10.44 -15.85
N VAL B 239 -12.94 10.72 -14.78
CA VAL B 239 -11.56 11.18 -14.94
C VAL B 239 -10.66 9.94 -15.08
N ASP B 240 -9.54 10.12 -15.77
CA ASP B 240 -8.62 9.02 -15.96
C ASP B 240 -8.22 8.37 -14.62
N PRO B 241 -8.04 7.05 -14.62
CA PRO B 241 -7.65 6.28 -13.43
C PRO B 241 -6.46 6.90 -12.69
N ALA B 242 -5.62 7.64 -13.41
CA ALA B 242 -4.47 8.27 -12.78
C ALA B 242 -4.92 9.28 -11.74
N PHE B 243 -6.01 10.00 -12.03
CA PHE B 243 -6.53 11.01 -11.11
C PHE B 243 -7.52 10.39 -10.13
N ALA B 244 -8.17 9.30 -10.53
CA ALA B 244 -9.13 8.66 -9.65
C ALA B 244 -9.00 7.14 -9.66
N PRO B 245 -7.90 6.61 -9.08
CA PRO B 245 -7.69 5.16 -9.05
C PRO B 245 -8.65 4.43 -8.10
N GLY B 246 -9.21 5.16 -7.13
CA GLY B 246 -10.13 4.57 -6.19
C GLY B 246 -11.56 4.46 -6.67
N THR B 247 -11.79 3.56 -7.61
CA THR B 247 -13.13 3.38 -8.13
C THR B 247 -13.32 1.94 -8.64
N GLY B 248 -14.58 1.51 -8.71
CA GLY B 248 -14.89 0.15 -9.12
C GLY B 248 -14.62 -0.32 -10.54
N THR B 249 -14.81 0.55 -11.53
CA THR B 249 -14.58 0.16 -12.91
C THR B 249 -13.75 1.20 -13.66
N PRO B 250 -12.43 1.26 -13.38
CA PRO B 250 -11.55 2.22 -14.06
C PRO B 250 -11.57 2.03 -15.58
N ALA B 251 -11.40 3.14 -16.30
CA ALA B 251 -11.39 3.13 -17.75
C ALA B 251 -10.29 4.07 -18.24
N PRO B 252 -9.17 3.52 -18.70
CA PRO B 252 -8.01 4.28 -19.22
C PRO B 252 -8.40 5.33 -20.24
N GLY B 253 -7.55 6.36 -20.37
CA GLY B 253 -7.78 7.43 -21.33
C GLY B 253 -8.91 8.36 -20.95
N GLY B 254 -9.01 8.72 -19.68
CA GLY B 254 -10.08 9.61 -19.24
C GLY B 254 -9.70 11.07 -19.14
N LEU B 255 -10.64 11.89 -18.69
CA LEU B 255 -10.40 13.32 -18.56
C LEU B 255 -9.44 13.67 -17.44
N LEU B 256 -8.84 14.86 -17.53
CA LEU B 256 -7.93 15.34 -16.51
C LEU B 256 -8.80 15.91 -15.40
N SER B 257 -8.27 15.95 -14.18
CA SER B 257 -9.03 16.52 -13.07
C SER B 257 -9.46 17.93 -13.39
N ARG B 258 -8.52 18.75 -13.84
CA ARG B 258 -8.81 20.14 -14.15
C ARG B 258 -9.89 20.30 -15.22
N GLU B 259 -9.94 19.39 -16.18
CA GLU B 259 -10.94 19.47 -17.24
C GLU B 259 -12.33 19.33 -16.67
N VAL B 260 -12.52 18.35 -15.78
CA VAL B 260 -13.82 18.11 -15.17
C VAL B 260 -14.22 19.26 -14.25
N LEU B 261 -13.29 19.71 -13.42
CA LEU B 261 -13.59 20.82 -12.52
C LEU B 261 -13.93 22.10 -13.30
N ALA B 262 -13.19 22.36 -14.38
CA ALA B 262 -13.44 23.54 -15.21
C ALA B 262 -14.82 23.43 -15.86
N LEU B 263 -15.15 22.25 -16.37
CA LEU B 263 -16.43 22.03 -17.02
C LEU B 263 -17.61 22.29 -16.09
N LEU B 264 -17.51 21.81 -14.84
CA LEU B 264 -18.58 21.98 -13.88
C LEU B 264 -18.90 23.44 -13.56
N ARG B 265 -18.02 24.35 -13.99
CA ARG B 265 -18.28 25.76 -13.73
C ARG B 265 -19.55 26.23 -14.44
N CYS B 266 -19.93 25.56 -15.54
CA CYS B 266 -21.12 25.95 -16.30
C CYS B 266 -22.42 25.67 -15.55
N VAL B 267 -22.35 24.86 -14.52
CA VAL B 267 -23.54 24.53 -13.73
C VAL B 267 -24.16 25.81 -13.16
N GLY B 268 -23.31 26.79 -12.88
CA GLY B 268 -23.80 28.05 -12.33
C GLY B 268 -24.73 28.81 -13.28
N ASP B 269 -24.70 28.43 -14.55
CA ASP B 269 -25.54 29.07 -15.56
C ASP B 269 -26.83 28.29 -15.76
N LEU B 270 -27.07 27.31 -14.90
CA LEU B 270 -28.26 26.49 -15.03
C LEU B 270 -29.11 26.60 -13.78
N LYS B 271 -30.08 25.70 -13.65
CA LYS B 271 -30.95 25.67 -12.47
C LYS B 271 -30.86 24.29 -11.82
N PRO B 272 -29.73 24.00 -11.14
CA PRO B 272 -29.50 22.72 -10.48
C PRO B 272 -30.43 22.47 -9.31
N VAL B 273 -31.05 21.30 -9.29
CA VAL B 273 -31.97 20.93 -8.21
C VAL B 273 -31.47 19.70 -7.45
N GLY B 274 -30.24 19.29 -7.75
CA GLY B 274 -29.66 18.16 -7.06
C GLY B 274 -28.43 17.62 -7.77
N PHE B 275 -27.53 17.00 -7.00
CA PHE B 275 -26.35 16.39 -7.59
C PHE B 275 -25.74 15.31 -6.72
N ASP B 276 -24.88 14.51 -7.33
CA ASP B 276 -24.19 13.45 -6.61
C ASP B 276 -22.81 13.17 -7.19
N VAL B 277 -21.96 12.56 -6.39
CA VAL B 277 -20.58 12.17 -6.76
C VAL B 277 -20.50 10.73 -6.30
N MET B 278 -20.48 9.81 -7.26
CA MET B 278 -20.48 8.39 -6.97
C MET B 278 -19.28 7.57 -7.42
N GLU B 279 -19.30 6.30 -6.98
CA GLU B 279 -18.31 5.28 -7.32
C GLU B 279 -16.93 5.39 -6.68
N VAL B 280 -16.78 6.26 -5.68
CA VAL B 280 -15.48 6.33 -5.04
C VAL B 280 -15.33 5.06 -4.18
N SER B 281 -14.27 4.29 -4.43
CA SER B 281 -13.99 3.07 -3.67
C SER B 281 -12.59 3.25 -3.05
N PRO B 282 -12.53 3.74 -1.81
CA PRO B 282 -11.32 4.02 -1.03
C PRO B 282 -10.21 2.99 -1.04
N LEU B 283 -10.55 1.71 -0.96
CA LEU B 283 -9.52 0.67 -0.90
C LEU B 283 -8.58 0.69 -2.09
N TYR B 284 -9.08 1.05 -3.25
CA TYR B 284 -8.23 1.11 -4.43
C TYR B 284 -7.59 2.47 -4.63
N ASP B 285 -7.82 3.39 -3.69
CA ASP B 285 -7.27 4.73 -3.82
C ASP B 285 -5.82 4.78 -3.43
N HIS B 286 -5.09 5.76 -3.97
CA HIS B 286 -3.67 5.91 -3.64
C HIS B 286 -3.47 7.34 -3.10
N GLY B 287 -3.02 7.43 -1.85
CA GLY B 287 -2.79 8.73 -1.24
C GLY B 287 -4.06 9.54 -1.02
N GLY B 288 -5.19 8.86 -1.08
CA GLY B 288 -6.48 9.50 -0.88
C GLY B 288 -6.81 10.53 -1.95
N ILE B 289 -6.03 10.55 -3.03
CA ILE B 289 -6.27 11.55 -4.08
C ILE B 289 -7.65 11.45 -4.73
N THR B 290 -8.26 10.28 -4.70
CA THR B 290 -9.58 10.13 -5.31
C THR B 290 -10.63 10.82 -4.46
N SER B 291 -10.55 10.58 -3.15
CA SER B 291 -11.49 11.19 -2.21
C SER B 291 -11.31 12.70 -2.18
N ILE B 292 -10.08 13.17 -2.29
CA ILE B 292 -9.82 14.60 -2.29
C ILE B 292 -10.44 15.23 -3.54
N LEU B 293 -10.30 14.55 -4.67
CA LEU B 293 -10.87 15.05 -5.92
C LEU B 293 -12.38 15.06 -5.79
N ALA B 294 -12.93 13.95 -5.30
CA ALA B 294 -14.38 13.86 -5.14
C ALA B 294 -14.86 15.02 -4.28
N THR B 295 -14.08 15.37 -3.26
CA THR B 295 -14.47 16.47 -2.39
C THR B 295 -14.49 17.78 -3.18
N GLU B 296 -13.42 18.03 -3.92
CA GLU B 296 -13.31 19.24 -4.71
C GLU B 296 -14.47 19.34 -5.70
N ILE B 297 -14.89 18.21 -6.25
CA ILE B 297 -16.00 18.22 -7.19
C ILE B 297 -17.28 18.62 -6.46
N GLY B 298 -17.48 18.07 -5.27
CA GLY B 298 -18.66 18.41 -4.51
C GLY B 298 -18.66 19.90 -4.17
N ALA B 299 -17.49 20.42 -3.79
CA ALA B 299 -17.38 21.82 -3.43
C ALA B 299 -17.75 22.71 -4.62
N GLU B 300 -17.25 22.37 -5.80
CA GLU B 300 -17.53 23.14 -7.01
C GLU B 300 -19.03 23.15 -7.31
N LEU B 301 -19.69 22.02 -7.14
CA LEU B 301 -21.12 21.93 -7.39
C LEU B 301 -21.88 22.80 -6.38
N LEU B 302 -21.50 22.71 -5.11
CA LEU B 302 -22.15 23.50 -4.08
C LEU B 302 -22.00 24.99 -4.43
N TYR B 303 -20.80 25.40 -4.83
CA TYR B 303 -20.59 26.80 -5.16
C TYR B 303 -21.42 27.21 -6.37
N GLN B 304 -21.47 26.35 -7.39
CA GLN B 304 -22.23 26.67 -8.59
C GLN B 304 -23.72 26.76 -8.28
N TYR B 305 -24.16 26.01 -7.27
CA TYR B 305 -25.56 26.05 -6.87
C TYR B 305 -25.82 27.46 -6.37
N ALA B 306 -24.94 27.96 -5.51
CA ALA B 306 -25.05 29.29 -4.97
C ALA B 306 -25.06 30.33 -6.09
N ARG B 307 -24.11 30.22 -7.02
CA ARG B 307 -24.03 31.17 -8.12
C ARG B 307 -25.31 31.17 -8.95
N ALA B 308 -25.89 29.99 -9.14
CA ALA B 308 -27.10 29.88 -9.92
C ALA B 308 -28.33 30.45 -9.20
N HIS B 309 -28.25 30.65 -7.89
CA HIS B 309 -29.38 31.17 -7.12
C HIS B 309 -29.01 32.41 -6.29
N SER C 9 28.24 -0.81 -12.71
CA SER C 9 27.82 -0.62 -11.28
C SER C 9 26.38 -0.15 -11.18
N PRO C 10 25.49 -1.02 -10.67
CA PRO C 10 24.06 -0.71 -10.52
C PRO C 10 23.79 0.58 -9.77
N ARG C 11 22.79 1.32 -10.24
CA ARG C 11 22.43 2.60 -9.64
C ARG C 11 21.74 2.50 -8.30
N TYR C 12 21.30 1.30 -7.92
CA TYR C 12 20.65 1.07 -6.63
C TYR C 12 21.67 0.55 -5.62
N ALA C 13 22.93 0.44 -6.04
CA ALA C 13 24.01 -0.02 -5.17
C ALA C 13 24.71 1.19 -4.56
N GLN C 14 25.33 0.99 -3.41
CA GLN C 14 26.03 2.06 -2.69
C GLN C 14 25.09 3.01 -1.96
N ILE C 15 25.61 3.62 -0.90
CA ILE C 15 24.83 4.56 -0.10
C ILE C 15 24.31 5.65 -1.05
N PRO C 16 22.99 5.88 -1.02
CA PRO C 16 22.33 6.86 -1.87
C PRO C 16 22.58 8.35 -1.60
N THR C 17 22.94 9.05 -2.65
CA THR C 17 23.17 10.49 -2.59
C THR C 17 22.30 11.07 -3.72
N PHE C 18 22.01 12.35 -3.68
CA PHE C 18 21.19 12.91 -4.75
C PHE C 18 21.84 12.71 -6.10
N MET C 19 21.16 11.97 -6.97
CA MET C 19 21.67 11.69 -8.30
C MET C 19 23.06 11.07 -8.26
N ARG C 20 23.35 10.35 -7.19
CA ARG C 20 24.63 9.68 -7.02
C ARG C 20 25.84 10.62 -7.08
N LEU C 21 25.64 11.87 -6.68
CA LEU C 21 26.73 12.85 -6.65
C LEU C 21 27.64 12.47 -5.49
N PRO C 22 28.88 12.98 -5.50
CA PRO C 22 29.80 12.66 -4.41
C PRO C 22 29.23 13.25 -3.12
N HIS C 23 29.68 12.72 -1.98
CA HIS C 23 29.22 13.19 -0.68
C HIS C 23 30.31 13.99 0.02
N ASP C 24 29.93 15.11 0.62
CA ASP C 24 30.86 15.99 1.32
C ASP C 24 30.06 16.86 2.28
N PRO C 25 30.06 16.49 3.57
CA PRO C 25 29.34 17.22 4.62
C PRO C 25 29.81 18.65 4.83
N GLN C 26 31.04 18.94 4.44
CA GLN C 26 31.60 20.29 4.56
C GLN C 26 32.16 20.70 3.21
N PRO C 27 31.28 20.88 2.20
CA PRO C 27 31.68 21.26 0.84
C PRO C 27 32.29 22.65 0.73
N ARG C 28 33.28 22.78 -0.16
CA ARG C 28 33.94 24.06 -0.38
C ARG C 28 34.40 24.14 -1.82
N GLY C 29 34.03 25.22 -2.50
CA GLY C 29 34.44 25.40 -3.87
C GLY C 29 33.53 24.92 -4.98
N TYR C 30 32.33 24.44 -4.63
CA TYR C 30 31.42 23.95 -5.65
C TYR C 30 30.48 25.02 -6.17
N ASP C 31 29.90 24.76 -7.33
CA ASP C 31 28.96 25.69 -7.93
C ASP C 31 27.61 25.57 -7.25
N VAL C 32 27.12 24.33 -7.13
CA VAL C 32 25.84 24.10 -6.49
C VAL C 32 25.92 22.92 -5.52
N VAL C 33 25.50 23.16 -4.28
CA VAL C 33 25.51 22.13 -3.26
C VAL C 33 24.07 21.68 -3.02
N VAL C 34 23.86 20.36 -3.04
CA VAL C 34 22.53 19.81 -2.79
C VAL C 34 22.49 19.56 -1.29
N ILE C 35 21.53 20.19 -0.62
CA ILE C 35 21.42 20.06 0.82
C ILE C 35 20.01 19.62 1.23
N GLY C 36 19.97 18.63 2.12
CA GLY C 36 18.70 18.12 2.60
C GLY C 36 18.21 18.80 3.86
N ALA C 37 16.90 19.00 3.94
CA ALA C 37 16.27 19.64 5.09
C ALA C 37 15.14 18.71 5.55
N PRO C 38 15.48 17.63 6.26
CA PRO C 38 14.51 16.66 6.77
C PRO C 38 13.69 17.21 7.93
N TYR C 39 12.67 17.99 7.61
CA TYR C 39 11.85 18.63 8.63
C TYR C 39 10.42 18.89 8.15
N ASP C 40 9.45 18.66 9.04
CA ASP C 40 8.05 18.91 8.68
C ASP C 40 7.30 19.63 9.80
N GLY C 41 8.07 20.25 10.69
CA GLY C 41 7.51 20.99 11.81
C GLY C 41 6.58 22.11 11.38
N GLY C 42 6.62 22.48 10.10
CA GLY C 42 5.74 23.53 9.62
C GLY C 42 4.46 23.03 8.94
N THR C 43 4.32 21.71 8.78
CA THR C 43 3.13 21.17 8.10
C THR C 43 1.87 21.36 8.94
N SER C 44 0.81 21.82 8.29
CA SER C 44 -0.45 22.05 8.99
C SER C 44 -1.44 20.90 8.89
N TYR C 45 -1.21 19.99 7.95
CA TYR C 45 -2.10 18.86 7.79
C TYR C 45 -1.34 17.55 7.91
N ARG C 46 -0.94 16.98 6.78
CA ARG C 46 -0.19 15.73 6.79
C ARG C 46 1.30 15.95 7.02
N PRO C 47 1.86 15.27 8.02
CA PRO C 47 3.30 15.44 8.28
C PRO C 47 4.02 14.41 7.39
N GLY C 48 5.32 14.23 7.60
CA GLY C 48 6.03 13.25 6.80
C GLY C 48 7.07 13.81 5.84
N ALA C 49 7.02 15.11 5.60
CA ALA C 49 7.99 15.72 4.69
C ALA C 49 9.40 15.58 5.26
N ARG C 50 9.53 15.21 6.53
CA ARG C 50 10.85 15.04 7.12
C ARG C 50 11.61 13.89 6.44
N PHE C 51 10.89 12.99 5.77
CA PHE C 51 11.52 11.86 5.08
C PHE C 51 11.72 12.15 3.60
N GLY C 52 11.28 13.34 3.18
CA GLY C 52 11.43 13.72 1.78
C GLY C 52 12.84 13.58 1.26
N PRO C 53 13.84 14.20 1.92
CA PRO C 53 15.24 14.12 1.46
C PRO C 53 15.72 12.69 1.25
N GLN C 54 15.41 11.82 2.21
CA GLN C 54 15.80 10.43 2.16
C GLN C 54 15.16 9.70 0.96
N ALA C 55 13.86 9.88 0.79
CA ALA C 55 13.15 9.21 -0.29
C ALA C 55 13.62 9.71 -1.66
N ILE C 56 13.78 11.03 -1.77
CA ILE C 56 14.22 11.63 -3.01
C ILE C 56 15.60 11.10 -3.37
N ARG C 57 16.50 11.01 -2.40
CA ARG C 57 17.84 10.50 -2.69
C ARG C 57 17.78 9.06 -3.15
N SER C 58 16.96 8.28 -2.46
CA SER C 58 16.81 6.88 -2.77
C SER C 58 16.40 6.60 -4.21
N GLU C 59 15.40 7.31 -4.70
CA GLU C 59 14.90 7.13 -6.07
C GLU C 59 15.69 7.87 -7.14
N SER C 60 16.53 8.81 -6.73
CA SER C 60 17.32 9.60 -7.68
C SER C 60 18.32 8.77 -8.48
N GLY C 61 18.47 7.49 -8.15
CA GLY C 61 19.39 6.63 -8.87
C GLY C 61 19.06 6.52 -10.35
N LEU C 62 17.79 6.70 -10.69
CA LEU C 62 17.31 6.62 -12.06
C LEU C 62 17.59 7.86 -12.91
N ILE C 63 17.90 8.97 -12.26
CA ILE C 63 18.16 10.21 -12.98
C ILE C 63 19.65 10.60 -13.02
N HIS C 64 20.17 10.81 -14.23
CA HIS C 64 21.57 11.21 -14.43
C HIS C 64 21.58 12.70 -14.79
N GLY C 65 22.76 13.23 -15.11
CA GLY C 65 22.83 14.64 -15.48
C GLY C 65 22.74 14.83 -16.98
N VAL C 66 23.02 13.75 -17.73
CA VAL C 66 22.98 13.77 -19.19
C VAL C 66 21.56 13.78 -19.73
N GLY C 67 21.10 14.93 -20.22
CA GLY C 67 19.75 14.98 -20.74
C GLY C 67 19.65 14.25 -22.08
N ILE C 68 18.83 14.78 -22.98
CA ILE C 68 18.70 14.18 -24.30
C ILE C 68 18.90 15.28 -25.34
N ASP C 69 19.88 15.08 -26.21
CA ASP C 69 20.18 16.06 -27.25
C ASP C 69 20.60 17.39 -26.62
N ARG C 70 21.03 17.31 -25.36
CA ARG C 70 21.49 18.48 -24.63
C ARG C 70 23.02 18.44 -24.78
N GLY C 71 23.73 19.27 -24.04
CA GLY C 71 25.18 19.24 -24.18
C GLY C 71 25.84 18.00 -23.61
N PRO C 72 27.02 18.18 -23.01
CA PRO C 72 27.83 17.11 -22.39
C PRO C 72 27.25 16.57 -21.08
N GLY C 73 26.22 17.22 -20.55
CA GLY C 73 25.65 16.74 -19.30
C GLY C 73 25.97 17.69 -18.17
N THR C 74 24.96 17.98 -17.36
CA THR C 74 25.07 18.90 -16.23
C THR C 74 26.33 18.82 -15.38
N PHE C 75 26.70 17.63 -14.96
CA PHE C 75 27.85 17.46 -14.10
C PHE C 75 29.23 17.62 -14.71
N ASP C 76 29.30 17.88 -16.01
CA ASP C 76 30.59 18.10 -16.66
C ASP C 76 30.72 19.60 -16.87
N LEU C 77 29.60 20.31 -16.74
CA LEU C 77 29.55 21.75 -16.91
C LEU C 77 29.76 22.48 -15.57
N ILE C 78 29.21 21.92 -14.49
CA ILE C 78 29.35 22.52 -13.16
C ILE C 78 29.72 21.47 -12.12
N ASN C 79 30.23 21.92 -10.99
CA ASN C 79 30.63 21.01 -9.92
C ASN C 79 29.57 21.02 -8.81
N CYS C 80 28.93 19.87 -8.61
CA CYS C 80 27.90 19.74 -7.60
C CYS C 80 28.26 18.66 -6.62
N VAL C 81 27.63 18.70 -5.46
CA VAL C 81 27.92 17.70 -4.42
C VAL C 81 26.72 17.56 -3.48
N ASP C 82 26.65 16.42 -2.80
CA ASP C 82 25.57 16.18 -1.85
C ASP C 82 26.18 16.43 -0.47
N ALA C 83 25.76 17.51 0.18
CA ALA C 83 26.29 17.89 1.49
C ALA C 83 25.58 17.23 2.68
N GLY C 84 24.77 16.21 2.41
CA GLY C 84 24.05 15.56 3.49
C GLY C 84 22.87 16.43 3.90
N ASP C 85 22.47 16.34 5.17
CA ASP C 85 21.33 17.13 5.65
C ASP C 85 21.65 18.12 6.76
N ILE C 86 20.74 19.05 6.99
CA ILE C 86 20.87 20.04 8.05
C ILE C 86 20.25 19.35 9.27
N ASN C 87 20.92 19.39 10.42
CA ASN C 87 20.34 18.75 11.60
C ASN C 87 19.22 19.61 12.15
N LEU C 88 18.03 19.39 11.61
CA LEU C 88 16.84 20.14 12.02
C LEU C 88 16.03 19.37 13.05
N THR C 89 15.82 20.00 14.20
CA THR C 89 15.06 19.39 15.27
C THR C 89 13.58 19.32 14.92
N PRO C 90 12.91 18.23 15.32
CA PRO C 90 11.48 18.09 15.04
C PRO C 90 10.65 18.60 16.22
N PHE C 91 11.33 19.13 17.23
CA PHE C 91 10.66 19.60 18.45
C PHE C 91 10.44 21.10 18.61
N ASP C 92 11.12 21.92 17.80
CA ASP C 92 10.96 23.36 17.93
C ASP C 92 11.12 24.11 16.61
N MET C 93 9.98 24.58 16.12
CA MET C 93 9.88 25.34 14.89
C MET C 93 10.90 26.47 14.75
N ASN C 94 10.92 27.38 15.73
CA ASN C 94 11.83 28.51 15.71
C ASN C 94 13.31 28.13 15.70
N ILE C 95 13.67 27.12 16.47
CA ILE C 95 15.05 26.67 16.51
C ILE C 95 15.46 26.02 15.19
N ALA C 96 14.54 25.30 14.56
CA ALA C 96 14.85 24.64 13.30
C ALA C 96 15.09 25.64 12.18
N ILE C 97 14.27 26.67 12.14
CA ILE C 97 14.42 27.69 11.11
C ILE C 97 15.77 28.40 11.24
N ASP C 98 16.16 28.72 12.48
CA ASP C 98 17.44 29.40 12.70
C ASP C 98 18.61 28.51 12.32
N THR C 99 18.53 27.24 12.70
CA THR C 99 19.58 26.27 12.37
C THR C 99 19.69 26.16 10.85
N ALA C 100 18.55 26.17 10.17
CA ALA C 100 18.53 26.08 8.72
C ALA C 100 19.23 27.29 8.12
N GLN C 101 18.86 28.47 8.57
CA GLN C 101 19.45 29.72 8.06
C GLN C 101 20.96 29.70 8.23
N SER C 102 21.39 29.36 9.44
CA SER C 102 22.80 29.29 9.77
C SER C 102 23.55 28.32 8.87
N HIS C 103 23.00 27.12 8.70
CA HIS C 103 23.63 26.09 7.87
C HIS C 103 23.69 26.52 6.40
N LEU C 104 22.58 27.05 5.89
CA LEU C 104 22.52 27.49 4.50
C LEU C 104 23.48 28.64 4.24
N SER C 105 23.58 29.56 5.19
CA SER C 105 24.51 30.69 5.06
C SER C 105 25.93 30.15 5.04
N GLY C 106 26.21 29.18 5.90
CA GLY C 106 27.52 28.59 5.93
C GLY C 106 27.92 28.05 4.56
N LEU C 107 26.99 27.37 3.90
CA LEU C 107 27.26 26.80 2.58
C LEU C 107 27.62 27.87 1.57
N LEU C 108 26.88 28.97 1.58
CA LEU C 108 27.12 30.05 0.64
C LEU C 108 28.45 30.78 0.88
N LYS C 109 29.04 30.59 2.06
CA LYS C 109 30.31 31.25 2.33
C LYS C 109 31.43 30.64 1.51
N ALA C 110 31.27 29.38 1.08
CA ALA C 110 32.31 28.71 0.30
C ALA C 110 31.84 28.05 -1.00
N ASN C 111 30.57 28.25 -1.35
CA ASN C 111 30.02 27.67 -2.57
C ASN C 111 29.08 28.68 -3.21
N ALA C 112 28.98 28.62 -4.53
CA ALA C 112 28.15 29.57 -5.26
C ALA C 112 26.68 29.58 -4.87
N ALA C 113 26.05 28.40 -4.89
CA ALA C 113 24.63 28.29 -4.56
C ALA C 113 24.28 26.89 -4.07
N PHE C 114 23.02 26.73 -3.66
CA PHE C 114 22.57 25.44 -3.20
C PHE C 114 21.19 25.08 -3.74
N LEU C 115 20.88 23.80 -3.67
CA LEU C 115 19.58 23.26 -4.08
C LEU C 115 19.08 22.56 -2.83
N MET C 116 18.07 23.12 -2.19
CA MET C 116 17.53 22.51 -0.99
C MET C 116 16.42 21.51 -1.33
N ILE C 117 16.63 20.26 -0.93
CA ILE C 117 15.67 19.17 -1.12
C ILE C 117 15.14 19.03 0.26
N GLY C 118 13.90 19.41 0.50
CA GLY C 118 13.52 19.29 1.88
C GLY C 118 12.24 18.69 2.35
N GLY C 119 11.79 19.33 3.42
CA GLY C 119 10.59 19.01 4.11
C GLY C 119 9.60 20.10 3.70
N ASP C 120 8.79 20.56 4.64
CA ASP C 120 7.78 21.55 4.29
C ASP C 120 8.34 22.89 3.80
N HIS C 121 7.47 23.62 3.11
CA HIS C 121 7.82 24.89 2.52
C HIS C 121 8.22 26.01 3.49
N SER C 122 7.94 25.85 4.78
CA SER C 122 8.30 26.89 5.73
C SER C 122 9.80 27.15 5.72
N LEU C 123 10.59 26.10 5.50
CA LEU C 123 12.05 26.22 5.50
C LEU C 123 12.61 27.20 4.47
N THR C 124 11.82 27.54 3.46
CA THR C 124 12.28 28.45 2.42
C THR C 124 12.62 29.85 2.96
N VAL C 125 12.01 30.24 4.08
CA VAL C 125 12.29 31.56 4.65
C VAL C 125 13.75 31.62 5.08
N ALA C 126 14.26 30.47 5.53
CA ALA C 126 15.65 30.39 5.96
C ALA C 126 16.56 30.51 4.74
N ALA C 127 16.15 29.91 3.63
CA ALA C 127 16.96 29.95 2.41
C ALA C 127 16.97 31.37 1.87
N LEU C 128 15.81 32.01 1.86
CA LEU C 128 15.71 33.38 1.36
C LEU C 128 16.59 34.33 2.16
N ARG C 129 16.64 34.14 3.47
CA ARG C 129 17.47 34.98 4.32
C ARG C 129 18.94 34.77 3.98
N ALA C 130 19.34 33.52 3.83
CA ALA C 130 20.73 33.21 3.51
C ALA C 130 21.14 33.74 2.14
N VAL C 131 20.28 33.55 1.14
CA VAL C 131 20.58 34.01 -0.21
C VAL C 131 20.53 35.53 -0.33
N ALA C 132 19.52 36.14 0.28
CA ALA C 132 19.38 37.60 0.23
C ALA C 132 20.57 38.28 0.91
N GLU C 133 21.14 37.65 1.93
CA GLU C 133 22.29 38.21 2.62
C GLU C 133 23.48 38.33 1.69
N GLN C 134 23.53 37.52 0.63
CA GLN C 134 24.67 37.57 -0.28
C GLN C 134 24.36 38.20 -1.64
N HIS C 135 23.10 38.48 -1.94
CA HIS C 135 22.74 39.06 -3.23
C HIS C 135 21.81 40.26 -3.14
N GLY C 136 21.24 40.48 -1.96
CA GLY C 136 20.31 41.60 -1.78
C GLY C 136 18.92 41.16 -2.13
N PRO C 137 17.93 42.09 -2.13
CA PRO C 137 16.54 41.76 -2.46
C PRO C 137 16.51 40.84 -3.68
N LEU C 138 15.76 39.75 -3.56
CA LEU C 138 15.68 38.76 -4.62
C LEU C 138 14.41 38.72 -5.46
N ALA C 139 14.58 38.29 -6.70
CA ALA C 139 13.47 38.10 -7.64
C ALA C 139 13.07 36.66 -7.32
N VAL C 140 11.79 36.34 -7.44
CA VAL C 140 11.35 35.01 -7.12
C VAL C 140 10.38 34.37 -8.11
N VAL C 141 10.62 33.09 -8.37
CA VAL C 141 9.76 32.29 -9.24
C VAL C 141 9.32 31.19 -8.29
N HIS C 142 8.04 31.22 -7.95
CA HIS C 142 7.47 30.27 -7.00
C HIS C 142 6.40 29.40 -7.65
N LEU C 143 6.63 28.08 -7.69
CA LEU C 143 5.63 27.14 -8.25
C LEU C 143 4.94 26.46 -7.05
N ASP C 144 3.64 26.66 -6.95
CA ASP C 144 2.90 26.14 -5.82
C ASP C 144 1.41 26.17 -6.10
N ALA C 145 0.67 25.30 -5.41
CA ALA C 145 -0.78 25.26 -5.57
C ALA C 145 -1.35 26.32 -4.61
N HIS C 146 -0.54 26.73 -3.64
CA HIS C 146 -0.93 27.74 -2.64
C HIS C 146 0.03 28.92 -2.64
N SER C 147 -0.50 30.10 -2.33
CA SER C 147 0.30 31.33 -2.31
C SER C 147 1.39 31.39 -1.25
N ASP C 148 1.17 30.74 -0.11
CA ASP C 148 2.15 30.72 0.99
C ASP C 148 2.54 32.13 1.43
N THR C 149 1.56 33.02 1.45
CA THR C 149 1.77 34.40 1.87
C THR C 149 0.74 34.72 2.97
N ASN C 150 0.42 33.71 3.76
CA ASN C 150 -0.53 33.87 4.85
C ASN C 150 0.13 34.41 6.11
N PRO C 151 -0.66 35.03 6.99
CA PRO C 151 -0.17 35.61 8.24
C PRO C 151 0.35 34.56 9.22
N ALA C 152 1.39 34.90 9.96
CA ALA C 152 1.92 34.01 10.96
C ALA C 152 1.10 34.29 12.21
N PHE C 153 1.40 33.57 13.30
CA PHE C 153 0.69 33.79 14.56
C PHE C 153 1.45 33.23 15.74
N TYR C 154 1.02 33.58 16.94
CA TYR C 154 1.72 33.12 18.14
C TYR C 154 1.63 31.61 18.25
N GLY C 155 2.78 30.99 18.50
CA GLY C 155 2.84 29.55 18.62
C GLY C 155 2.82 28.91 17.25
N GLY C 156 3.01 29.71 16.22
CA GLY C 156 3.02 29.23 14.85
C GLY C 156 3.56 30.27 13.91
N ARG C 157 4.70 30.84 14.26
CA ARG C 157 5.31 31.88 13.44
C ARG C 157 5.80 31.38 12.09
N TYR C 158 6.17 30.11 12.02
CA TYR C 158 6.66 29.56 10.77
C TYR C 158 5.92 28.35 10.19
N HIS C 159 4.60 28.41 10.08
CA HIS C 159 3.90 27.28 9.48
C HIS C 159 4.16 27.39 7.98
N HIS C 160 4.15 26.27 7.27
CA HIS C 160 4.46 26.27 5.84
C HIS C 160 3.63 27.19 4.93
N GLY C 161 2.77 28.01 5.54
CA GLY C 161 1.98 28.94 4.73
C GLY C 161 2.49 30.37 4.82
N THR C 162 3.61 30.56 5.52
CA THR C 162 4.19 31.89 5.74
C THR C 162 5.51 32.26 5.06
N PRO C 163 6.23 31.27 4.48
CA PRO C 163 7.51 31.59 3.84
C PRO C 163 7.64 32.87 3.00
N PHE C 164 6.77 33.06 2.02
CA PHE C 164 6.87 34.25 1.19
C PHE C 164 6.28 35.52 1.80
N ARG C 165 5.56 35.37 2.92
CA ARG C 165 5.00 36.51 3.62
C ARG C 165 6.21 37.16 4.30
N HIS C 166 6.99 36.32 4.97
CA HIS C 166 8.18 36.78 5.67
C HIS C 166 9.17 37.36 4.66
N GLY C 167 9.32 36.69 3.52
CA GLY C 167 10.24 37.14 2.50
C GLY C 167 9.99 38.57 2.06
N ILE C 168 8.72 38.90 1.87
CA ILE C 168 8.33 40.24 1.46
C ILE C 168 8.46 41.21 2.64
N ASP C 169 7.90 40.85 3.79
CA ASP C 169 7.98 41.70 4.98
C ASP C 169 9.42 42.02 5.37
N GLU C 170 10.30 41.03 5.28
CA GLU C 170 11.70 41.22 5.64
C GLU C 170 12.56 41.81 4.53
N LYS C 171 11.92 42.20 3.43
CA LYS C 171 12.64 42.80 2.31
C LYS C 171 13.67 41.83 1.71
N LEU C 172 13.42 40.53 1.83
CA LEU C 172 14.33 39.54 1.27
C LEU C 172 13.97 39.35 -0.19
N ILE C 173 12.72 39.66 -0.51
CA ILE C 173 12.19 39.51 -1.86
C ILE C 173 11.70 40.85 -2.39
N ASP C 174 11.85 41.05 -3.70
CA ASP C 174 11.35 42.26 -4.33
C ASP C 174 10.05 41.80 -4.99
N PRO C 175 8.91 42.00 -4.31
CA PRO C 175 7.59 41.62 -4.82
C PRO C 175 7.31 41.95 -6.27
N ALA C 176 7.79 43.11 -6.71
CA ALA C 176 7.59 43.55 -8.09
C ALA C 176 8.32 42.60 -9.05
N ALA C 177 9.19 41.75 -8.51
CA ALA C 177 9.93 40.81 -9.32
C ALA C 177 9.65 39.36 -8.88
N MET C 178 8.44 39.14 -8.36
CA MET C 178 8.05 37.80 -7.93
C MET C 178 6.84 37.30 -8.70
N VAL C 179 6.94 36.05 -9.12
CA VAL C 179 5.86 35.43 -9.87
C VAL C 179 5.59 34.04 -9.30
N GLN C 180 4.33 33.79 -8.93
CA GLN C 180 3.96 32.48 -8.42
C GLN C 180 2.94 31.89 -9.38
N ILE C 181 3.25 30.68 -9.86
CA ILE C 181 2.40 29.97 -10.81
C ILE C 181 1.80 28.67 -10.24
N GLY C 182 0.53 28.44 -10.58
CA GLY C 182 -0.14 27.23 -10.14
C GLY C 182 -1.23 27.38 -9.10
N ILE C 183 -1.38 28.57 -8.52
CA ILE C 183 -2.38 28.80 -7.49
C ILE C 183 -3.75 28.28 -7.91
N ARG C 184 -4.38 27.52 -7.01
CA ARG C 184 -5.69 26.93 -7.27
C ARG C 184 -6.29 26.44 -5.95
N GLY C 185 -7.51 25.94 -6.02
CA GLY C 185 -8.14 25.41 -4.82
C GLY C 185 -8.88 26.39 -3.96
N HIS C 186 -8.43 26.52 -2.72
CA HIS C 186 -9.11 27.41 -1.78
C HIS C 186 -8.18 28.27 -0.94
N ASN C 187 -8.54 29.54 -0.80
CA ASN C 187 -7.79 30.48 0.02
C ASN C 187 -8.39 30.34 1.41
N PRO C 188 -7.61 30.62 2.46
CA PRO C 188 -8.18 30.49 3.81
C PRO C 188 -9.28 31.53 4.03
N LYS C 189 -9.15 32.67 3.33
CA LYS C 189 -10.13 33.75 3.39
C LYS C 189 -10.30 34.28 1.97
N PRO C 190 -11.47 34.85 1.64
CA PRO C 190 -11.75 35.38 0.30
C PRO C 190 -10.85 36.52 -0.20
N ASP C 191 -10.12 37.17 0.69
CA ASP C 191 -9.24 38.25 0.29
C ASP C 191 -7.78 37.91 0.61
N SER C 192 -7.48 36.62 0.62
CA SER C 192 -6.13 36.14 0.94
C SER C 192 -5.02 36.52 -0.04
N LEU C 193 -5.36 36.77 -1.29
CA LEU C 193 -4.33 37.15 -2.27
C LEU C 193 -4.12 38.66 -2.38
N ASP C 194 -4.98 39.42 -1.71
CA ASP C 194 -4.87 40.89 -1.73
C ASP C 194 -3.48 41.33 -1.27
N TYR C 195 -2.96 40.65 -0.26
CA TYR C 195 -1.63 40.97 0.28
C TYR C 195 -0.56 40.89 -0.80
N ALA C 196 -0.40 39.71 -1.39
CA ALA C 196 0.62 39.50 -2.42
C ALA C 196 0.47 40.45 -3.58
N ARG C 197 -0.76 40.61 -4.06
CA ARG C 197 -1.02 41.50 -5.18
C ARG C 197 -0.78 42.96 -4.84
N GLY C 198 -1.16 43.34 -3.63
CA GLY C 198 -0.96 44.71 -3.19
C GLY C 198 0.52 45.05 -3.19
N HIS C 199 1.36 44.05 -2.97
CA HIS C 199 2.80 44.25 -2.96
C HIS C 199 3.40 44.18 -4.34
N GLY C 200 2.56 43.89 -5.33
CA GLY C 200 3.05 43.81 -6.71
C GLY C 200 3.44 42.42 -7.19
N VAL C 201 3.08 41.39 -6.43
CA VAL C 201 3.39 40.02 -6.81
C VAL C 201 2.47 39.57 -7.94
N ARG C 202 3.06 39.00 -8.99
CA ARG C 202 2.25 38.52 -10.12
C ARG C 202 1.78 37.09 -9.82
N VAL C 203 0.48 36.94 -9.67
CA VAL C 203 -0.09 35.63 -9.38
C VAL C 203 -0.69 35.02 -10.64
N VAL C 204 -0.18 33.85 -11.02
CA VAL C 204 -0.69 33.14 -12.18
C VAL C 204 -1.34 31.87 -11.68
N THR C 205 -2.68 31.87 -11.62
CA THR C 205 -3.42 30.71 -11.16
C THR C 205 -3.29 29.55 -12.14
N ALA C 206 -3.60 28.34 -11.67
CA ALA C 206 -3.53 27.18 -12.54
C ALA C 206 -4.42 27.45 -13.75
N ASP C 207 -5.53 28.14 -13.53
CA ASP C 207 -6.45 28.45 -14.62
C ASP C 207 -5.80 29.33 -15.67
N GLU C 208 -5.21 30.44 -15.23
CA GLU C 208 -4.57 31.34 -16.17
C GLU C 208 -3.39 30.64 -16.85
N PHE C 209 -2.71 29.78 -16.11
CA PHE C 209 -1.58 29.05 -16.69
C PHE C 209 -2.07 28.26 -17.90
N GLY C 210 -3.28 27.75 -17.80
CA GLY C 210 -3.85 26.98 -18.90
C GLY C 210 -4.10 27.85 -20.12
N GLU C 211 -4.49 29.11 -19.89
CA GLU C 211 -4.76 30.04 -20.97
C GLU C 211 -3.43 30.50 -21.58
N LEU C 212 -2.48 30.89 -20.73
CA LEU C 212 -1.17 31.36 -21.19
C LEU C 212 -0.31 30.29 -21.84
N GLY C 213 -0.40 29.07 -21.31
CA GLY C 213 0.40 27.97 -21.83
C GLY C 213 1.80 28.06 -21.25
N VAL C 214 2.64 27.08 -21.54
CA VAL C 214 4.01 27.07 -21.03
C VAL C 214 4.82 28.25 -21.58
N GLY C 215 4.77 28.43 -22.89
CA GLY C 215 5.50 29.52 -23.52
C GLY C 215 5.07 30.89 -23.00
N GLY C 216 3.76 31.11 -22.96
CA GLY C 216 3.23 32.38 -22.48
C GLY C 216 3.70 32.68 -21.06
N THR C 217 3.62 31.66 -20.20
CA THR C 217 4.05 31.84 -18.81
C THR C 217 5.56 32.07 -18.75
N ALA C 218 6.30 31.37 -19.61
CA ALA C 218 7.75 31.53 -19.62
C ALA C 218 8.11 32.97 -19.98
N ASP C 219 7.39 33.55 -20.93
CA ASP C 219 7.66 34.92 -21.34
C ASP C 219 7.37 35.85 -20.16
N LEU C 220 6.26 35.60 -19.49
CA LEU C 220 5.85 36.41 -18.36
C LEU C 220 6.92 36.37 -17.26
N ILE C 221 7.50 35.20 -17.02
CA ILE C 221 8.52 35.07 -16.00
C ILE C 221 9.74 35.88 -16.39
N ARG C 222 10.21 35.69 -17.62
CA ARG C 222 11.37 36.42 -18.11
C ARG C 222 11.18 37.93 -18.00
N GLU C 223 9.99 38.40 -18.36
CA GLU C 223 9.68 39.82 -18.29
C GLU C 223 9.61 40.36 -16.86
N LYS C 224 8.99 39.61 -15.94
CA LYS C 224 8.87 40.07 -14.56
C LYS C 224 10.14 39.88 -13.73
N VAL C 225 11.01 38.95 -14.11
CA VAL C 225 12.23 38.69 -13.35
C VAL C 225 13.44 39.42 -13.91
N GLY C 226 13.50 39.54 -15.23
CA GLY C 226 14.61 40.22 -15.86
C GLY C 226 15.91 39.49 -15.62
N GLN C 227 16.94 40.24 -15.23
CA GLN C 227 18.25 39.64 -14.98
C GLN C 227 18.64 39.75 -13.50
N ARG C 228 17.67 40.11 -12.66
CA ARG C 228 17.92 40.23 -11.23
C ARG C 228 18.21 38.83 -10.68
N PRO C 229 19.00 38.74 -9.59
CA PRO C 229 19.29 37.42 -9.04
C PRO C 229 17.96 36.80 -8.58
N VAL C 230 17.68 35.59 -9.06
CA VAL C 230 16.40 34.95 -8.75
C VAL C 230 16.50 33.63 -7.98
N TYR C 231 15.53 33.43 -7.10
CA TYR C 231 15.43 32.21 -6.28
C TYR C 231 14.21 31.45 -6.80
N VAL C 232 14.42 30.19 -7.18
CA VAL C 232 13.33 29.37 -7.69
C VAL C 232 12.91 28.34 -6.65
N SER C 233 11.71 28.54 -6.12
CA SER C 233 11.17 27.67 -5.08
C SER C 233 10.01 26.86 -5.65
N VAL C 234 10.16 25.55 -5.60
CA VAL C 234 9.13 24.66 -6.12
C VAL C 234 8.47 23.79 -5.06
N ASP C 235 7.16 23.96 -4.91
CA ASP C 235 6.38 23.14 -3.98
C ASP C 235 5.89 22.00 -4.87
N ILE C 236 6.24 20.78 -4.49
CA ILE C 236 5.83 19.61 -5.28
C ILE C 236 4.33 19.54 -5.53
N ASP C 237 3.51 20.10 -4.63
CA ASP C 237 2.06 20.02 -4.84
C ASP C 237 1.55 20.93 -5.95
N VAL C 238 2.46 21.54 -6.68
CA VAL C 238 2.07 22.40 -7.79
C VAL C 238 1.48 21.51 -8.90
N VAL C 239 2.03 20.31 -9.06
CA VAL C 239 1.51 19.38 -10.06
C VAL C 239 0.31 18.66 -9.45
N ASP C 240 -0.61 18.22 -10.32
CA ASP C 240 -1.78 17.50 -9.85
C ASP C 240 -1.40 16.31 -8.97
N PRO C 241 -2.21 16.01 -7.95
CA PRO C 241 -1.99 14.90 -7.02
C PRO C 241 -1.70 13.58 -7.75
N ALA C 242 -2.20 13.45 -8.99
CA ALA C 242 -1.97 12.23 -9.76
C ALA C 242 -0.48 12.04 -10.02
N PHE C 243 0.23 13.15 -10.29
CA PHE C 243 1.66 13.09 -10.55
C PHE C 243 2.48 13.19 -9.28
N ALA C 244 1.91 13.80 -8.25
CA ALA C 244 2.63 13.93 -6.98
C ALA C 244 1.71 13.68 -5.80
N PRO C 245 1.32 12.41 -5.57
CA PRO C 245 0.43 12.07 -4.45
C PRO C 245 1.14 12.15 -3.10
N GLY C 246 2.46 12.08 -3.12
CA GLY C 246 3.24 12.14 -1.88
C GLY C 246 3.53 13.54 -1.38
N THR C 247 2.50 14.22 -0.89
CA THR C 247 2.67 15.56 -0.38
C THR C 247 1.62 15.85 0.72
N GLY C 248 1.92 16.83 1.57
CA GLY C 248 1.05 17.18 2.68
C GLY C 248 -0.30 17.81 2.41
N THR C 249 -0.42 18.66 1.40
CA THR C 249 -1.70 19.30 1.10
C THR C 249 -2.04 19.22 -0.39
N PRO C 250 -2.45 18.04 -0.87
CA PRO C 250 -2.80 17.87 -2.29
C PRO C 250 -3.92 18.81 -2.71
N ALA C 251 -3.88 19.26 -3.96
CA ALA C 251 -4.92 20.14 -4.50
C ALA C 251 -5.26 19.70 -5.92
N PRO C 252 -6.43 19.05 -6.09
CA PRO C 252 -6.91 18.55 -7.39
C PRO C 252 -6.85 19.60 -8.50
N GLY C 253 -6.77 19.11 -9.74
CA GLY C 253 -6.74 20.00 -10.89
C GLY C 253 -5.45 20.77 -11.06
N GLY C 254 -4.31 20.10 -10.82
CA GLY C 254 -3.02 20.75 -10.96
C GLY C 254 -2.35 20.56 -12.30
N LEU C 255 -1.14 21.07 -12.43
CA LEU C 255 -0.39 20.95 -13.68
C LEU C 255 0.13 19.53 -13.94
N LEU C 256 0.45 19.26 -15.19
CA LEU C 256 0.98 17.96 -15.59
C LEU C 256 2.48 18.03 -15.31
N SER C 257 3.09 16.88 -15.08
CA SER C 257 4.52 16.84 -14.82
C SER C 257 5.27 17.50 -15.96
N ARG C 258 4.92 17.17 -17.19
CA ARG C 258 5.63 17.73 -18.33
C ARG C 258 5.50 19.24 -18.43
N GLU C 259 4.35 19.78 -18.01
CA GLU C 259 4.16 21.21 -18.06
C GLU C 259 5.15 21.92 -17.14
N VAL C 260 5.28 21.42 -15.92
CA VAL C 260 6.20 22.01 -14.96
C VAL C 260 7.65 21.88 -15.41
N LEU C 261 8.04 20.70 -15.86
CA LEU C 261 9.41 20.48 -16.31
C LEU C 261 9.73 21.36 -17.52
N ALA C 262 8.77 21.50 -18.44
CA ALA C 262 8.96 22.31 -19.63
C ALA C 262 9.13 23.78 -19.22
N LEU C 263 8.28 24.23 -18.31
CA LEU C 263 8.32 25.62 -17.83
C LEU C 263 9.68 25.98 -17.23
N LEU C 264 10.21 25.09 -16.39
CA LEU C 264 11.49 25.31 -15.72
C LEU C 264 12.64 25.53 -16.68
N ARG C 265 12.43 25.22 -17.96
CA ARG C 265 13.51 25.41 -18.94
C ARG C 265 13.87 26.89 -19.08
N CYS C 266 12.92 27.79 -18.77
CA CYS C 266 13.18 29.23 -18.90
C CYS C 266 14.16 29.75 -17.85
N VAL C 267 14.42 28.95 -16.81
CA VAL C 267 15.34 29.34 -15.77
C VAL C 267 16.73 29.59 -16.33
N GLY C 268 17.05 28.89 -17.42
CA GLY C 268 18.35 29.06 -18.03
C GLY C 268 18.55 30.44 -18.64
N ASP C 269 17.44 31.17 -18.82
CA ASP C 269 17.50 32.51 -19.38
C ASP C 269 17.56 33.57 -18.28
N LEU C 270 17.69 33.13 -17.03
CA LEU C 270 17.74 34.03 -15.89
C LEU C 270 19.07 33.92 -15.16
N LYS C 271 19.14 34.50 -13.97
CA LYS C 271 20.35 34.45 -13.15
C LYS C 271 20.00 33.83 -11.79
N PRO C 272 19.76 32.51 -11.78
CA PRO C 272 19.40 31.78 -10.55
C PRO C 272 20.52 31.76 -9.53
N VAL C 273 20.19 32.08 -8.28
CA VAL C 273 21.17 32.09 -7.21
C VAL C 273 20.79 31.10 -6.12
N GLY C 274 19.77 30.30 -6.40
CA GLY C 274 19.34 29.29 -5.45
C GLY C 274 17.97 28.73 -5.77
N PHE C 275 17.73 27.49 -5.32
CA PHE C 275 16.42 26.88 -5.53
C PHE C 275 16.15 25.75 -4.55
N ASP C 276 14.88 25.36 -4.48
CA ASP C 276 14.48 24.28 -3.61
C ASP C 276 13.27 23.53 -4.17
N VAL C 277 13.10 22.30 -3.69
CA VAL C 277 11.97 21.43 -4.08
C VAL C 277 11.46 20.93 -2.73
N MET C 278 10.27 21.37 -2.36
CA MET C 278 9.70 21.05 -1.07
C MET C 278 8.36 20.31 -1.05
N GLU C 279 7.97 19.95 0.17
CA GLU C 279 6.72 19.27 0.47
C GLU C 279 6.56 17.81 0.05
N VAL C 280 7.65 17.16 -0.36
CA VAL C 280 7.54 15.76 -0.70
C VAL C 280 7.37 14.97 0.60
N SER C 281 6.26 14.25 0.72
CA SER C 281 5.98 13.42 1.91
C SER C 281 5.85 11.97 1.41
N PRO C 282 6.95 11.21 1.44
CA PRO C 282 7.06 9.82 1.00
C PRO C 282 5.95 8.84 1.38
N LEU C 283 5.49 8.91 2.63
CA LEU C 283 4.45 7.98 3.10
C LEU C 283 3.19 7.97 2.26
N TYR C 284 2.82 9.12 1.70
CA TYR C 284 1.64 9.20 0.88
C TYR C 284 1.95 8.97 -0.59
N ASP C 285 3.21 8.69 -0.90
CA ASP C 285 3.60 8.49 -2.30
C ASP C 285 3.20 7.10 -2.80
N HIS C 286 3.03 6.99 -4.11
CA HIS C 286 2.67 5.71 -4.70
C HIS C 286 3.72 5.36 -5.76
N GLY C 287 4.42 4.23 -5.56
CA GLY C 287 5.45 3.79 -6.49
C GLY C 287 6.63 4.73 -6.56
N GLY C 288 6.75 5.58 -5.54
CA GLY C 288 7.84 6.54 -5.48
C GLY C 288 7.82 7.56 -6.61
N ILE C 289 6.72 7.66 -7.34
CA ILE C 289 6.68 8.58 -8.45
C ILE C 289 6.83 10.04 -8.06
N THR C 290 6.50 10.39 -6.82
CA THR C 290 6.61 11.77 -6.39
C THR C 290 8.08 12.11 -6.21
N SER C 291 8.81 11.20 -5.56
CA SER C 291 10.24 11.41 -5.32
C SER C 291 10.99 11.44 -6.64
N ILE C 292 10.58 10.60 -7.57
CA ILE C 292 11.25 10.54 -8.86
C ILE C 292 11.03 11.86 -9.60
N LEU C 293 9.82 12.39 -9.51
CA LEU C 293 9.50 13.65 -10.17
C LEU C 293 10.32 14.76 -9.50
N ALA C 294 10.31 14.77 -8.18
CA ALA C 294 11.06 15.76 -7.42
C ALA C 294 12.51 15.74 -7.86
N THR C 295 13.03 14.55 -8.10
CA THR C 295 14.42 14.43 -8.53
C THR C 295 14.61 15.06 -9.91
N GLU C 296 13.72 14.73 -10.83
CA GLU C 296 13.80 15.25 -12.18
C GLU C 296 13.74 16.77 -12.18
N ILE C 297 12.93 17.32 -11.27
CA ILE C 297 12.81 18.77 -11.16
C ILE C 297 14.14 19.36 -10.70
N GLY C 298 14.75 18.72 -9.71
CA GLY C 298 16.02 19.21 -9.22
C GLY C 298 17.06 19.14 -10.31
N ALA C 299 17.04 18.05 -11.08
CA ALA C 299 18.00 17.88 -12.17
C ALA C 299 17.84 19.00 -13.21
N GLU C 300 16.59 19.31 -13.57
CA GLU C 300 16.34 20.35 -14.55
C GLU C 300 16.86 21.72 -14.07
N LEU C 301 16.66 22.01 -12.78
CA LEU C 301 17.13 23.28 -12.21
C LEU C 301 18.65 23.33 -12.24
N LEU C 302 19.30 22.24 -11.84
CA LEU C 302 20.75 22.18 -11.85
C LEU C 302 21.27 22.44 -13.27
N TYR C 303 20.63 21.82 -14.25
CA TYR C 303 21.07 21.99 -15.63
C TYR C 303 20.86 23.42 -16.10
N GLN C 304 19.71 24.00 -15.74
CA GLN C 304 19.40 25.37 -16.13
C GLN C 304 20.39 26.35 -15.48
N TYR C 305 20.88 26.00 -14.30
CA TYR C 305 21.84 26.83 -13.60
C TYR C 305 23.06 26.88 -14.50
N ALA C 306 23.53 25.71 -14.92
CA ALA C 306 24.70 25.61 -15.79
C ALA C 306 24.49 26.40 -17.07
N ARG C 307 23.34 26.25 -17.70
CA ARG C 307 23.07 26.96 -18.95
C ARG C 307 23.10 28.47 -18.73
N ALA C 308 22.60 28.92 -17.58
CA ALA C 308 22.58 30.34 -17.28
C ALA C 308 23.96 30.91 -16.98
N HIS C 309 24.93 30.06 -16.68
CA HIS C 309 26.29 30.51 -16.37
C HIS C 309 27.36 29.83 -17.24
N SER D 9 -28.81 -1.30 10.73
CA SER D 9 -27.95 -0.13 10.38
C SER D 9 -26.47 -0.50 10.38
N PRO D 10 -25.86 -0.52 9.18
CA PRO D 10 -24.43 -0.86 9.03
C PRO D 10 -23.51 -0.05 9.94
N ARG D 11 -22.49 -0.71 10.46
CA ARG D 11 -21.55 -0.07 11.37
C ARG D 11 -20.57 0.88 10.69
N TYR D 12 -20.51 0.85 9.37
CA TYR D 12 -19.63 1.74 8.62
C TYR D 12 -20.42 2.96 8.15
N ALA D 13 -21.70 3.01 8.51
CA ALA D 13 -22.57 4.12 8.15
C ALA D 13 -22.59 5.16 9.27
N GLN D 14 -22.85 6.41 8.92
CA GLN D 14 -22.89 7.51 9.87
C GLN D 14 -21.50 7.98 10.27
N ILE D 15 -21.42 9.25 10.67
CA ILE D 15 -20.16 9.86 11.09
C ILE D 15 -19.61 8.99 12.21
N PRO D 16 -18.34 8.57 12.06
CA PRO D 16 -17.64 7.72 13.03
C PRO D 16 -17.24 8.30 14.37
N THR D 17 -17.65 7.62 15.44
CA THR D 17 -17.31 8.01 16.80
C THR D 17 -16.66 6.77 17.40
N PHE D 18 -15.94 6.91 18.50
CA PHE D 18 -15.32 5.73 19.10
C PHE D 18 -16.37 4.70 19.49
N MET D 19 -16.29 3.53 18.86
CA MET D 19 -17.22 2.45 19.12
C MET D 19 -18.67 2.89 18.93
N ARG D 20 -18.86 3.85 18.03
CA ARG D 20 -20.20 4.36 17.72
C ARG D 20 -20.94 4.91 18.94
N LEU D 21 -20.20 5.41 19.91
CA LEU D 21 -20.81 6.02 21.10
C LEU D 21 -21.42 7.35 20.68
N PRO D 22 -22.33 7.90 21.49
CA PRO D 22 -22.95 9.19 21.15
C PRO D 22 -21.85 10.26 21.17
N HIS D 23 -22.10 11.36 20.47
CA HIS D 23 -21.14 12.46 20.40
C HIS D 23 -21.62 13.64 21.23
N ASP D 24 -20.69 14.24 21.98
CA ASP D 24 -21.01 15.38 22.83
C ASP D 24 -19.72 16.11 23.14
N PRO D 25 -19.44 17.21 22.42
CA PRO D 25 -18.24 18.02 22.59
C PRO D 25 -18.09 18.63 23.98
N GLN D 26 -19.20 18.79 24.69
CA GLN D 26 -19.17 19.36 26.04
C GLN D 26 -19.93 18.40 26.98
N PRO D 27 -19.39 17.18 27.18
CA PRO D 27 -20.00 16.17 28.03
C PRO D 27 -20.07 16.53 29.51
N ARG D 28 -21.16 16.12 30.16
CA ARG D 28 -21.35 16.39 31.57
C ARG D 28 -22.14 15.24 32.18
N GLY D 29 -21.63 14.69 33.28
CA GLY D 29 -22.34 13.61 33.96
C GLY D 29 -22.03 12.16 33.56
N TYR D 30 -21.04 11.95 32.69
CA TYR D 30 -20.71 10.59 32.29
C TYR D 30 -19.64 9.95 33.18
N ASP D 31 -19.56 8.64 33.10
CA ASP D 31 -18.58 7.91 33.88
C ASP D 31 -17.22 8.01 33.20
N VAL D 32 -17.19 7.73 31.90
CA VAL D 32 -15.96 7.80 31.13
C VAL D 32 -16.17 8.50 29.79
N VAL D 33 -15.34 9.51 29.54
CA VAL D 33 -15.41 10.28 28.31
C VAL D 33 -14.23 9.87 27.43
N VAL D 34 -14.51 9.56 26.17
CA VAL D 34 -13.46 9.19 25.22
C VAL D 34 -13.07 10.50 24.55
N ILE D 35 -11.80 10.88 24.68
CA ILE D 35 -11.33 12.14 24.12
C ILE D 35 -10.10 11.92 23.21
N GLY D 36 -10.15 12.52 22.02
CA GLY D 36 -9.07 12.38 21.08
C GLY D 36 -8.03 13.48 21.22
N ALA D 37 -6.77 13.10 21.00
CA ALA D 37 -5.66 14.04 21.09
C ALA D 37 -4.84 13.90 19.80
N PRO D 38 -5.35 14.45 18.69
CA PRO D 38 -4.67 14.38 17.39
C PRO D 38 -3.42 15.24 17.33
N TYR D 39 -2.32 14.71 17.85
CA TYR D 39 -1.08 15.45 17.92
C TYR D 39 0.15 14.53 17.89
N ASP D 40 1.19 14.94 17.17
CA ASP D 40 2.41 14.13 17.10
C ASP D 40 3.65 14.99 17.22
N GLY D 41 3.46 16.19 17.77
CA GLY D 41 4.57 17.12 17.95
C GLY D 41 5.66 16.58 18.86
N GLY D 42 5.38 15.50 19.58
CA GLY D 42 6.37 14.91 20.45
C GLY D 42 7.14 13.75 19.82
N THR D 43 6.72 13.30 18.64
CA THR D 43 7.40 12.17 17.98
C THR D 43 8.84 12.48 17.56
N SER D 44 9.76 11.58 17.89
CA SER D 44 11.17 11.79 17.56
C SER D 44 11.59 11.15 16.26
N TYR D 45 10.79 10.21 15.76
CA TYR D 45 11.14 9.53 14.52
C TYR D 45 10.02 9.70 13.48
N ARG D 46 9.13 8.71 13.40
CA ARG D 46 8.02 8.79 12.46
C ARG D 46 6.87 9.60 13.02
N PRO D 47 6.39 10.60 12.27
CA PRO D 47 5.26 11.40 12.75
C PRO D 47 4.01 10.67 12.25
N GLY D 48 2.84 11.30 12.40
CA GLY D 48 1.63 10.67 11.91
C GLY D 48 0.63 10.30 12.98
N ALA D 49 1.06 10.27 14.23
CA ALA D 49 0.16 9.92 15.32
C ALA D 49 -0.97 10.94 15.42
N ARG D 50 -0.84 12.07 14.74
CA ARG D 50 -1.91 13.07 14.78
C ARG D 50 -3.18 12.54 14.12
N PHE D 51 -3.05 11.49 13.29
CA PHE D 51 -4.23 10.91 12.63
C PHE D 51 -4.74 9.67 13.37
N GLY D 52 -4.07 9.33 14.47
CA GLY D 52 -4.47 8.19 15.26
C GLY D 52 -5.92 8.21 15.67
N PRO D 53 -6.40 9.29 16.33
CA PRO D 53 -7.80 9.37 16.77
C PRO D 53 -8.81 9.14 15.65
N GLN D 54 -8.54 9.75 14.51
CA GLN D 54 -9.40 9.61 13.35
C GLN D 54 -9.46 8.14 12.86
N ALA D 55 -8.29 7.52 12.69
CA ALA D 55 -8.21 6.15 12.20
C ALA D 55 -8.83 5.16 13.18
N ILE D 56 -8.53 5.35 14.46
CA ILE D 56 -9.08 4.48 15.49
C ILE D 56 -10.61 4.57 15.48
N ARG D 57 -11.15 5.78 15.37
CA ARG D 57 -12.60 5.94 15.37
C ARG D 57 -13.19 5.25 14.15
N SER D 58 -12.53 5.44 13.01
CA SER D 58 -12.98 4.86 11.77
C SER D 58 -13.16 3.34 11.81
N GLU D 59 -12.16 2.64 12.35
CA GLU D 59 -12.19 1.18 12.43
C GLU D 59 -12.95 0.62 13.63
N SER D 60 -13.24 1.48 14.61
CA SER D 60 -13.94 1.03 15.81
C SER D 60 -15.35 0.52 15.56
N GLY D 61 -15.83 0.67 14.33
CA GLY D 61 -17.17 0.20 14.02
C GLY D 61 -17.35 -1.28 14.25
N LEU D 62 -16.26 -2.04 14.16
CA LEU D 62 -16.27 -3.48 14.34
C LEU D 62 -16.33 -3.94 15.80
N ILE D 63 -16.02 -3.04 16.73
CA ILE D 63 -16.01 -3.38 18.14
C ILE D 63 -17.19 -2.80 18.92
N HIS D 64 -17.95 -3.68 19.60
CA HIS D 64 -19.10 -3.26 20.40
C HIS D 64 -18.69 -3.33 21.88
N GLY D 65 -19.63 -3.08 22.79
CA GLY D 65 -19.30 -3.17 24.20
C GLY D 65 -19.60 -4.53 24.78
N VAL D 66 -20.43 -5.31 24.09
CA VAL D 66 -20.82 -6.65 24.51
C VAL D 66 -19.72 -7.67 24.28
N GLY D 67 -19.04 -8.08 25.34
CA GLY D 67 -17.98 -9.05 25.17
C GLY D 67 -18.55 -10.42 24.85
N ILE D 68 -17.91 -11.46 25.38
CA ILE D 68 -18.38 -12.82 25.18
C ILE D 68 -18.46 -13.50 26.53
N ASP D 69 -19.66 -13.97 26.87
CA ASP D 69 -19.89 -14.64 28.15
C ASP D 69 -19.58 -13.68 29.30
N ARG D 70 -19.64 -12.38 28.99
CA ARG D 70 -19.43 -11.34 29.99
C ARG D 70 -20.82 -10.92 30.42
N GLY D 71 -20.95 -9.84 31.16
CA GLY D 71 -22.28 -9.43 31.58
C GLY D 71 -23.14 -8.88 30.46
N PRO D 72 -23.94 -7.86 30.76
CA PRO D 72 -24.85 -7.18 29.84
C PRO D 72 -24.16 -6.29 28.79
N GLY D 73 -22.87 -6.07 28.96
CA GLY D 73 -22.17 -5.23 28.00
C GLY D 73 -21.78 -3.91 28.62
N THR D 74 -20.55 -3.49 28.39
CA THR D 74 -19.98 -2.27 28.94
C THR D 74 -20.87 -1.04 28.99
N PHE D 75 -21.50 -0.72 27.87
CA PHE D 75 -22.34 0.47 27.78
C PHE D 75 -23.68 0.44 28.49
N ASP D 76 -24.03 -0.68 29.11
CA ASP D 76 -25.28 -0.75 29.86
C ASP D 76 -24.93 -0.64 31.34
N LEU D 77 -23.63 -0.80 31.62
CA LEU D 77 -23.13 -0.72 32.99
C LEU D 77 -22.67 0.69 33.33
N ILE D 78 -22.07 1.37 32.35
CA ILE D 78 -21.59 2.74 32.56
C ILE D 78 -21.99 3.64 31.39
N ASN D 79 -21.94 4.95 31.62
CA ASN D 79 -22.30 5.92 30.59
C ASN D 79 -21.03 6.53 30.00
N CYS D 80 -20.83 6.28 28.72
CA CYS D 80 -19.65 6.79 28.02
C CYS D 80 -20.08 7.64 26.85
N VAL D 81 -19.17 8.47 26.36
CA VAL D 81 -19.47 9.34 25.24
C VAL D 81 -18.19 9.75 24.51
N ASP D 82 -18.32 10.12 23.25
CA ASP D 82 -17.18 10.56 22.46
C ASP D 82 -17.24 12.09 22.48
N ALA D 83 -16.27 12.70 23.16
CA ALA D 83 -16.24 14.16 23.27
C ALA D 83 -15.48 14.86 22.15
N GLY D 84 -15.19 14.13 21.07
CA GLY D 84 -14.47 14.74 19.97
C GLY D 84 -13.00 14.84 20.32
N ASP D 85 -12.29 15.83 19.76
CA ASP D 85 -10.87 15.99 20.03
C ASP D 85 -10.49 17.29 20.71
N ILE D 86 -9.26 17.31 21.22
CA ILE D 86 -8.72 18.51 21.85
C ILE D 86 -8.08 19.28 20.69
N ASN D 87 -8.30 20.57 20.58
CA ASN D 87 -7.69 21.30 19.49
C ASN D 87 -6.23 21.54 19.82
N LEU D 88 -5.40 20.58 19.45
CA LEU D 88 -3.96 20.65 19.70
C LEU D 88 -3.23 21.17 18.49
N THR D 89 -2.45 22.21 18.69
CA THR D 89 -1.68 22.81 17.61
C THR D 89 -0.50 21.93 17.23
N PRO D 90 -0.18 21.87 15.94
CA PRO D 90 0.95 21.05 15.50
C PRO D 90 2.20 21.92 15.39
N PHE D 91 2.09 23.19 15.80
CA PHE D 91 3.21 24.11 15.68
C PHE D 91 3.99 24.45 16.95
N ASP D 92 3.45 24.11 18.10
CA ASP D 92 4.14 24.41 19.35
C ASP D 92 3.89 23.40 20.45
N MET D 93 4.93 22.62 20.72
CA MET D 93 4.93 21.58 21.73
C MET D 93 4.38 22.03 23.10
N ASN D 94 4.98 23.09 23.66
CA ASN D 94 4.56 23.60 24.96
C ASN D 94 3.10 24.06 25.02
N ILE D 95 2.65 24.74 23.97
CA ILE D 95 1.29 25.21 23.91
C ILE D 95 0.30 24.05 23.82
N ALA D 96 0.67 23.02 23.07
CA ALA D 96 -0.22 21.87 22.92
C ALA D 96 -0.40 21.12 24.23
N ILE D 97 0.68 20.94 24.97
CA ILE D 97 0.61 20.23 26.24
C ILE D 97 -0.28 20.98 27.23
N ASP D 98 -0.15 22.30 27.28
CA ASP D 98 -0.98 23.11 28.19
C ASP D 98 -2.45 23.05 27.80
N THR D 99 -2.71 23.12 26.50
CA THR D 99 -4.07 23.05 25.99
C THR D 99 -4.66 21.70 26.36
N ALA D 100 -3.85 20.64 26.25
CA ALA D 100 -4.30 19.31 26.57
C ALA D 100 -4.67 19.22 28.05
N GLN D 101 -3.77 19.71 28.90
CA GLN D 101 -4.00 19.68 30.35
C GLN D 101 -5.31 20.40 30.69
N SER D 102 -5.45 21.59 30.16
CA SER D 102 -6.62 22.41 30.38
C SER D 102 -7.92 21.70 29.97
N HIS D 103 -7.91 21.11 28.77
CA HIS D 103 -9.08 20.42 28.24
C HIS D 103 -9.40 19.18 29.05
N LEU D 104 -8.38 18.39 29.38
CA LEU D 104 -8.59 17.17 30.17
C LEU D 104 -9.09 17.51 31.57
N SER D 105 -8.57 18.58 32.16
CA SER D 105 -9.01 18.99 33.48
C SER D 105 -10.49 19.39 33.40
N GLY D 106 -10.83 20.11 32.33
CA GLY D 106 -12.20 20.52 32.14
C GLY D 106 -13.14 19.34 32.16
N LEU D 107 -12.75 18.27 31.46
CA LEU D 107 -13.57 17.07 31.40
C LEU D 107 -13.80 16.46 32.77
N LEU D 108 -12.75 16.43 33.59
CA LEU D 108 -12.85 15.83 34.92
C LEU D 108 -13.71 16.65 35.87
N LYS D 109 -13.96 17.92 35.54
CA LYS D 109 -14.77 18.75 36.40
C LYS D 109 -16.23 18.31 36.39
N ALA D 110 -16.65 17.63 35.32
CA ALA D 110 -18.05 17.19 35.20
C ALA D 110 -18.24 15.71 34.85
N ASN D 111 -17.15 14.96 34.78
CA ASN D 111 -17.24 13.54 34.44
C ASN D 111 -16.24 12.78 35.30
N ALA D 112 -16.54 11.53 35.58
CA ALA D 112 -15.67 10.72 36.43
C ALA D 112 -14.25 10.54 35.91
N ALA D 113 -14.13 10.07 34.67
CA ALA D 113 -12.81 9.84 34.09
C ALA D 113 -12.87 9.90 32.58
N PHE D 114 -11.70 9.79 31.95
CA PHE D 114 -11.60 9.82 30.50
C PHE D 114 -10.67 8.74 29.96
N LEU D 115 -10.81 8.47 28.67
CA LEU D 115 -9.99 7.52 27.96
C LEU D 115 -9.44 8.34 26.80
N MET D 116 -8.15 8.66 26.85
CA MET D 116 -7.55 9.45 25.79
C MET D 116 -7.01 8.56 24.67
N ILE D 117 -7.54 8.78 23.47
CA ILE D 117 -7.14 8.06 22.26
C ILE D 117 -6.29 9.12 21.61
N GLY D 118 -4.99 8.93 21.54
CA GLY D 118 -4.27 10.02 20.95
C GLY D 118 -3.24 9.88 19.88
N GLY D 119 -2.29 10.79 20.05
CA GLY D 119 -1.13 10.93 19.22
C GLY D 119 0.00 10.38 20.05
N ASP D 120 1.16 11.02 19.99
CA ASP D 120 2.31 10.48 20.72
C ASP D 120 2.16 10.48 22.24
N HIS D 121 2.98 9.65 22.86
CA HIS D 121 2.96 9.47 24.30
C HIS D 121 3.29 10.70 25.16
N SER D 122 3.86 11.75 24.55
CA SER D 122 4.20 12.93 25.34
C SER D 122 2.96 13.53 25.99
N LEU D 123 1.81 13.43 25.32
CA LEU D 123 0.55 13.97 25.82
C LEU D 123 0.10 13.41 27.18
N THR D 124 0.64 12.27 27.56
CA THR D 124 0.25 11.65 28.83
C THR D 124 0.63 12.50 30.06
N VAL D 125 1.62 13.37 29.93
CA VAL D 125 2.00 14.22 31.05
C VAL D 125 0.85 15.16 31.37
N ALA D 126 0.12 15.56 30.34
CA ALA D 126 -1.01 16.44 30.52
C ALA D 126 -2.14 15.69 31.23
N ALA D 127 -2.32 14.43 30.87
CA ALA D 127 -3.37 13.64 31.49
C ALA D 127 -3.04 13.38 32.96
N LEU D 128 -1.78 13.07 33.23
CA LEU D 128 -1.35 12.80 34.60
C LEU D 128 -1.54 14.04 35.49
N ARG D 129 -1.27 15.21 34.93
CA ARG D 129 -1.46 16.44 35.71
C ARG D 129 -2.94 16.64 36.02
N ALA D 130 -3.79 16.43 35.03
CA ALA D 130 -5.23 16.60 35.22
C ALA D 130 -5.80 15.59 36.21
N VAL D 131 -5.40 14.33 36.09
CA VAL D 131 -5.89 13.29 36.97
C VAL D 131 -5.34 13.43 38.40
N ALA D 132 -4.06 13.72 38.51
CA ALA D 132 -3.43 13.88 39.81
C ALA D 132 -4.04 15.05 40.57
N GLU D 133 -4.47 16.09 39.85
CA GLU D 133 -5.09 17.24 40.49
C GLU D 133 -6.37 16.84 41.20
N GLN D 134 -7.00 15.76 40.76
CA GLN D 134 -8.26 15.32 41.37
C GLN D 134 -8.16 14.10 42.26
N HIS D 135 -7.03 13.40 42.24
CA HIS D 135 -6.89 12.20 43.06
C HIS D 135 -5.60 12.16 43.90
N GLY D 136 -4.67 13.06 43.60
CA GLY D 136 -3.41 13.09 44.31
C GLY D 136 -2.41 12.16 43.62
N PRO D 137 -1.23 11.95 44.21
CA PRO D 137 -0.20 11.07 43.63
C PRO D 137 -0.84 9.79 43.11
N LEU D 138 -0.54 9.45 41.87
CA LEU D 138 -1.13 8.28 41.24
C LEU D 138 -0.28 7.02 41.10
N ALA D 139 -0.95 5.88 41.10
CA ALA D 139 -0.30 4.58 40.89
C ALA D 139 -0.37 4.49 39.38
N VAL D 140 0.61 3.84 38.76
CA VAL D 140 0.62 3.74 37.31
C VAL D 140 0.95 2.37 36.75
N VAL D 141 0.20 1.98 35.72
CA VAL D 141 0.43 0.73 35.01
C VAL D 141 0.70 1.25 33.59
N HIS D 142 1.95 1.09 33.17
CA HIS D 142 2.41 1.57 31.88
C HIS D 142 2.85 0.43 30.97
N LEU D 143 2.18 0.26 29.82
CA LEU D 143 2.55 -0.78 28.86
C LEU D 143 3.27 -0.06 27.71
N ASP D 144 4.52 -0.43 27.48
CA ASP D 144 5.32 0.25 26.47
C ASP D 144 6.57 -0.55 26.16
N ALA D 145 7.11 -0.35 24.97
CA ALA D 145 8.34 -1.03 24.58
C ALA D 145 9.51 -0.20 25.12
N HIS D 146 9.21 1.06 25.45
CA HIS D 146 10.21 1.99 25.98
C HIS D 146 9.78 2.58 27.33
N SER D 147 10.77 2.84 28.19
CA SER D 147 10.51 3.38 29.53
C SER D 147 9.88 4.77 29.57
N ASP D 148 10.16 5.60 28.58
CA ASP D 148 9.62 6.96 28.53
C ASP D 148 9.91 7.75 29.81
N THR D 149 11.11 7.57 30.34
CA THR D 149 11.54 8.26 31.55
C THR D 149 12.88 8.95 31.26
N ASN D 150 13.04 9.37 30.01
CA ASN D 150 14.26 10.04 29.58
C ASN D 150 14.22 11.53 29.90
N PRO D 151 15.41 12.15 30.00
CA PRO D 151 15.54 13.57 30.31
C PRO D 151 14.99 14.46 29.21
N ALA D 152 14.41 15.58 29.60
CA ALA D 152 13.92 16.55 28.64
C ALA D 152 15.12 17.45 28.32
N PHE D 153 14.92 18.42 27.43
CA PHE D 153 15.99 19.34 27.07
C PHE D 153 15.45 20.60 26.42
N TYR D 154 16.31 21.61 26.30
CA TYR D 154 15.88 22.87 25.71
C TYR D 154 15.45 22.69 24.26
N GLY D 155 14.28 23.22 23.94
CA GLY D 155 13.76 23.11 22.59
C GLY D 155 13.16 21.74 22.38
N GLY D 156 12.97 21.00 23.48
CA GLY D 156 12.40 19.68 23.42
C GLY D 156 12.00 19.18 24.79
N ARG D 157 11.30 20.04 25.54
CA ARG D 157 10.88 19.70 26.89
C ARG D 157 9.88 18.56 26.96
N TYR D 158 9.09 18.41 25.91
CA TYR D 158 8.08 17.35 25.90
C TYR D 158 8.13 16.34 24.76
N HIS D 159 9.29 15.76 24.48
CA HIS D 159 9.33 14.76 23.42
C HIS D 159 8.69 13.50 24.03
N HIS D 160 8.10 12.65 23.20
CA HIS D 160 7.40 11.47 23.70
C HIS D 160 8.21 10.50 24.56
N GLY D 161 9.44 10.87 24.92
CA GLY D 161 10.25 10.02 25.77
C GLY D 161 10.33 10.54 27.20
N THR D 162 9.61 11.62 27.47
CA THR D 162 9.62 12.26 28.79
C THR D 162 8.37 12.20 29.68
N PRO D 163 7.22 11.75 29.16
CA PRO D 163 6.00 11.70 29.99
C PRO D 163 6.12 11.22 31.44
N PHE D 164 6.65 10.03 31.65
CA PHE D 164 6.76 9.52 33.02
C PHE D 164 7.92 10.08 33.84
N ARG D 165 8.82 10.80 33.18
CA ARG D 165 9.93 11.44 33.87
C ARG D 165 9.29 12.62 34.61
N HIS D 166 8.49 13.37 33.86
CA HIS D 166 7.80 14.53 34.41
C HIS D 166 6.83 14.08 35.50
N GLY D 167 6.12 12.99 35.25
CA GLY D 167 5.17 12.47 36.21
C GLY D 167 5.78 12.21 37.57
N ILE D 168 6.97 11.64 37.59
CA ILE D 168 7.67 11.36 38.83
C ILE D 168 8.25 12.65 39.42
N ASP D 169 8.95 13.43 38.59
CA ASP D 169 9.54 14.68 39.07
C ASP D 169 8.50 15.63 39.66
N GLU D 170 7.34 15.70 39.01
CA GLU D 170 6.26 16.58 39.45
C GLU D 170 5.38 16.00 40.55
N LYS D 171 5.76 14.83 41.06
CA LYS D 171 5.02 14.18 42.12
C LYS D 171 3.59 13.81 41.69
N LEU D 172 3.38 13.63 40.39
CA LEU D 172 2.05 13.27 39.89
C LEU D 172 1.87 11.77 40.04
N ILE D 173 3.00 11.07 40.07
CA ILE D 173 3.04 9.62 40.17
C ILE D 173 3.80 9.19 41.41
N ASP D 174 3.35 8.10 42.03
CA ASP D 174 4.04 7.57 43.19
C ASP D 174 4.83 6.39 42.60
N PRO D 175 6.11 6.61 42.27
CA PRO D 175 6.99 5.59 41.69
C PRO D 175 6.93 4.23 42.35
N ALA D 176 6.79 4.22 43.67
CA ALA D 176 6.72 2.97 44.40
C ALA D 176 5.47 2.20 44.01
N ALA D 177 4.56 2.86 43.31
CA ALA D 177 3.31 2.24 42.87
C ALA D 177 3.18 2.27 41.35
N MET D 178 4.31 2.26 40.67
CA MET D 178 4.31 2.28 39.21
C MET D 178 4.98 1.03 38.63
N VAL D 179 4.33 0.45 37.63
CA VAL D 179 4.84 -0.74 36.98
C VAL D 179 4.76 -0.55 35.48
N GLN D 180 5.89 -0.74 34.79
CA GLN D 180 5.89 -0.63 33.35
C GLN D 180 6.29 -1.99 32.79
N ILE D 181 5.45 -2.51 31.90
CA ILE D 181 5.65 -3.83 31.29
C ILE D 181 5.91 -3.76 29.79
N GLY D 182 6.84 -4.59 29.32
CA GLY D 182 7.14 -4.66 27.89
C GLY D 182 8.46 -4.08 27.42
N ILE D 183 9.19 -3.41 28.31
CA ILE D 183 10.46 -2.78 27.94
C ILE D 183 11.37 -3.76 27.20
N ARG D 184 11.90 -3.31 26.07
CA ARG D 184 12.79 -4.12 25.24
C ARG D 184 13.54 -3.24 24.26
N GLY D 185 14.40 -3.85 23.46
CA GLY D 185 15.14 -3.09 22.48
C GLY D 185 16.40 -2.40 22.95
N HIS D 186 16.42 -1.08 22.82
CA HIS D 186 17.61 -0.32 23.19
C HIS D 186 17.34 0.94 23.99
N ASN D 187 18.15 1.16 25.02
CA ASN D 187 18.06 2.35 25.86
C ASN D 187 18.95 3.36 25.17
N PRO D 188 18.66 4.67 25.32
CA PRO D 188 19.52 5.66 24.66
C PRO D 188 20.95 5.62 25.24
N LYS D 189 21.03 5.25 26.52
CA LYS D 189 22.30 5.12 27.24
C LYS D 189 22.22 3.85 28.08
N PRO D 190 23.37 3.23 28.38
CA PRO D 190 23.41 1.99 29.18
C PRO D 190 22.87 2.07 30.60
N ASP D 191 22.77 3.28 31.14
CA ASP D 191 22.26 3.50 32.49
C ASP D 191 20.92 4.25 32.46
N SER D 192 20.16 4.09 31.39
CA SER D 192 18.89 4.79 31.23
C SER D 192 17.75 4.39 32.18
N LEU D 193 17.77 3.16 32.67
CA LEU D 193 16.72 2.71 33.58
C LEU D 193 17.04 2.94 35.05
N ASP D 194 18.26 3.38 35.34
CA ASP D 194 18.68 3.65 36.71
C ASP D 194 17.75 4.67 37.36
N TYR D 195 17.34 5.67 36.60
CA TYR D 195 16.44 6.70 37.09
C TYR D 195 15.14 6.11 37.63
N ALA D 196 14.39 5.43 36.76
CA ALA D 196 13.12 4.83 37.13
C ALA D 196 13.25 3.87 38.31
N ARG D 197 14.25 3.00 38.24
CA ARG D 197 14.48 2.03 39.31
C ARG D 197 14.89 2.69 40.61
N GLY D 198 15.70 3.74 40.50
CA GLY D 198 16.15 4.45 41.69
C GLY D 198 14.97 5.05 42.43
N HIS D 199 13.93 5.38 41.67
CA HIS D 199 12.73 5.97 42.26
C HIS D 199 11.77 4.91 42.75
N GLY D 200 12.12 3.65 42.53
CA GLY D 200 11.26 2.56 42.98
C GLY D 200 10.28 2.01 41.96
N VAL D 201 10.44 2.40 40.70
CA VAL D 201 9.56 1.92 39.63
C VAL D 201 9.88 0.48 39.29
N ARG D 202 8.86 -0.37 39.24
CA ARG D 202 9.07 -1.76 38.90
C ARG D 202 9.06 -1.92 37.39
N VAL D 203 10.21 -2.30 36.84
CA VAL D 203 10.32 -2.48 35.40
C VAL D 203 10.27 -3.96 35.04
N VAL D 204 9.31 -4.30 34.20
CA VAL D 204 9.15 -5.68 33.74
C VAL D 204 9.41 -5.68 32.24
N THR D 205 10.60 -6.12 31.85
CA THR D 205 10.98 -6.17 30.45
C THR D 205 10.17 -7.22 29.72
N ALA D 206 10.14 -7.13 28.39
CA ALA D 206 9.41 -8.10 27.59
C ALA D 206 9.95 -9.48 27.94
N ASP D 207 11.25 -9.58 28.19
CA ASP D 207 11.86 -10.86 28.54
C ASP D 207 11.30 -11.42 29.84
N GLU D 208 11.30 -10.62 30.90
CA GLU D 208 10.78 -11.07 32.18
C GLU D 208 9.28 -11.38 32.05
N PHE D 209 8.57 -10.61 31.25
CA PHE D 209 7.15 -10.84 31.06
C PHE D 209 6.95 -12.26 30.56
N GLY D 210 7.86 -12.71 29.71
CA GLY D 210 7.78 -14.06 29.17
C GLY D 210 7.96 -15.11 30.24
N GLU D 211 8.82 -14.82 31.21
CA GLU D 211 9.06 -15.75 32.31
C GLU D 211 7.88 -15.73 33.28
N LEU D 212 7.42 -14.53 33.64
CA LEU D 212 6.29 -14.36 34.57
C LEU D 212 4.96 -14.83 34.01
N GLY D 213 4.75 -14.60 32.72
CA GLY D 213 3.48 -14.97 32.10
C GLY D 213 2.45 -13.92 32.40
N VAL D 214 1.27 -14.03 31.78
CA VAL D 214 0.21 -13.06 32.01
C VAL D 214 -0.24 -13.05 33.46
N GLY D 215 -0.52 -14.24 33.99
CA GLY D 215 -0.95 -14.35 35.38
C GLY D 215 0.07 -13.80 36.37
N GLY D 216 1.32 -14.22 36.20
CA GLY D 216 2.37 -13.74 37.08
C GLY D 216 2.48 -12.22 37.08
N THR D 217 2.42 -11.63 35.90
CA THR D 217 2.53 -10.19 35.77
C THR D 217 1.29 -9.51 36.36
N ALA D 218 0.14 -10.14 36.19
CA ALA D 218 -1.11 -9.60 36.74
C ALA D 218 -1.03 -9.55 38.26
N ASP D 219 -0.46 -10.58 38.88
CA ASP D 219 -0.31 -10.62 40.32
C ASP D 219 0.63 -9.49 40.76
N LEU D 220 1.71 -9.33 40.02
CA LEU D 220 2.70 -8.31 40.33
C LEU D 220 2.06 -6.92 40.27
N ILE D 221 1.21 -6.70 39.28
CA ILE D 221 0.54 -5.40 39.15
C ILE D 221 -0.37 -5.17 40.34
N ARG D 222 -1.21 -6.15 40.65
CA ARG D 222 -2.12 -6.03 41.78
C ARG D 222 -1.37 -5.74 43.07
N GLU D 223 -0.25 -6.42 43.28
CA GLU D 223 0.55 -6.22 44.48
C GLU D 223 1.22 -4.84 44.54
N LYS D 224 1.76 -4.38 43.42
CA LYS D 224 2.43 -3.08 43.41
C LYS D 224 1.48 -1.89 43.36
N VAL D 225 0.28 -2.08 42.83
CA VAL D 225 -0.68 -0.99 42.72
C VAL D 225 -1.65 -0.92 43.90
N GLY D 226 -2.05 -2.08 44.41
CA GLY D 226 -2.96 -2.11 45.53
C GLY D 226 -4.31 -1.54 45.15
N GLN D 227 -4.84 -0.66 46.00
CA GLN D 227 -6.14 -0.05 45.74
C GLN D 227 -6.00 1.46 45.52
N ARG D 228 -4.77 1.92 45.34
CA ARG D 228 -4.53 3.32 45.11
C ARG D 228 -5.15 3.70 43.75
N PRO D 229 -5.53 4.97 43.57
CA PRO D 229 -6.12 5.36 42.28
C PRO D 229 -5.04 5.15 41.21
N VAL D 230 -5.37 4.42 40.16
CA VAL D 230 -4.38 4.12 39.12
C VAL D 230 -4.70 4.63 37.72
N TYR D 231 -3.65 5.06 37.03
CA TYR D 231 -3.77 5.54 35.65
C TYR D 231 -3.11 4.48 34.76
N VAL D 232 -3.85 3.99 33.78
CA VAL D 232 -3.33 2.97 32.87
C VAL D 232 -3.00 3.57 31.51
N SER D 233 -1.72 3.67 31.22
CA SER D 233 -1.24 4.25 29.97
C SER D 233 -0.68 3.17 29.07
N VAL D 234 -1.26 3.05 27.89
CA VAL D 234 -0.81 2.03 26.94
C VAL D 234 -0.23 2.62 25.65
N ASP D 235 1.03 2.28 25.38
CA ASP D 235 1.70 2.70 24.16
C ASP D 235 1.45 1.52 23.24
N ILE D 236 0.85 1.77 22.08
CA ILE D 236 0.55 0.69 21.15
C ILE D 236 1.78 -0.11 20.74
N ASP D 237 2.96 0.50 20.77
CA ASP D 237 4.17 -0.22 20.37
C ASP D 237 4.64 -1.27 21.38
N VAL D 238 3.81 -1.51 22.39
CA VAL D 238 4.15 -2.51 23.40
C VAL D 238 4.02 -3.89 22.74
N VAL D 239 3.08 -4.03 21.80
CA VAL D 239 2.91 -5.30 21.11
C VAL D 239 3.89 -5.34 19.93
N ASP D 240 4.27 -6.55 19.53
CA ASP D 240 5.18 -6.69 18.42
C ASP D 240 4.68 -5.94 17.17
N PRO D 241 5.59 -5.36 16.39
CA PRO D 241 5.27 -4.63 15.15
C PRO D 241 4.35 -5.42 14.22
N ALA D 242 4.37 -6.73 14.34
CA ALA D 242 3.50 -7.57 13.51
C ALA D 242 2.03 -7.27 13.83
N PHE D 243 1.72 -7.09 15.11
CA PHE D 243 0.36 -6.80 15.52
C PHE D 243 0.04 -5.31 15.47
N ALA D 244 1.06 -4.47 15.58
CA ALA D 244 0.84 -3.02 15.54
C ALA D 244 1.91 -2.32 14.72
N PRO D 245 1.90 -2.51 13.39
CA PRO D 245 2.88 -1.87 12.51
C PRO D 245 2.68 -0.35 12.39
N GLY D 246 1.46 0.11 12.67
CA GLY D 246 1.16 1.53 12.59
C GLY D 246 1.54 2.34 13.82
N THR D 247 2.85 2.53 14.00
CA THR D 247 3.34 3.28 15.15
C THR D 247 4.69 3.94 14.82
N GLY D 248 5.02 5.00 15.56
CA GLY D 248 6.25 5.73 15.31
C GLY D 248 7.60 5.11 15.58
N THR D 249 7.70 4.28 16.62
CA THR D 249 8.99 3.66 16.95
C THR D 249 8.83 2.16 17.22
N PRO D 250 8.63 1.35 16.16
CA PRO D 250 8.47 -0.10 16.31
C PRO D 250 9.68 -0.73 16.98
N ALA D 251 9.45 -1.78 17.76
CA ALA D 251 10.51 -2.49 18.45
C ALA D 251 10.23 -3.99 18.35
N PRO D 252 10.96 -4.70 17.48
CA PRO D 252 10.82 -6.15 17.26
C PRO D 252 10.84 -6.97 18.55
N GLY D 253 10.22 -8.15 18.50
CA GLY D 253 10.19 -9.02 19.65
C GLY D 253 9.25 -8.57 20.76
N GLY D 254 8.09 -8.04 20.37
CA GLY D 254 7.13 -7.58 21.36
C GLY D 254 6.06 -8.58 21.74
N LEU D 255 5.14 -8.16 22.60
CA LEU D 255 4.05 -9.02 23.06
C LEU D 255 3.02 -9.30 21.98
N LEU D 256 2.29 -10.40 22.19
CA LEU D 256 1.24 -10.79 21.27
C LEU D 256 0.01 -9.97 21.65
N SER D 257 -0.87 -9.73 20.68
CA SER D 257 -2.09 -8.99 20.96
C SER D 257 -2.85 -9.61 22.12
N ARG D 258 -3.04 -10.93 22.05
CA ARG D 258 -3.79 -11.61 23.09
C ARG D 258 -3.16 -11.48 24.47
N GLU D 259 -1.83 -11.43 24.53
CA GLU D 259 -1.15 -11.31 25.80
C GLU D 259 -1.50 -9.98 26.47
N VAL D 260 -1.46 -8.90 25.70
CA VAL D 260 -1.77 -7.58 26.23
C VAL D 260 -3.24 -7.47 26.64
N LEU D 261 -4.14 -7.95 25.79
CA LEU D 261 -5.56 -7.90 26.09
C LEU D 261 -5.88 -8.73 27.33
N ALA D 262 -5.27 -9.91 27.45
CA ALA D 262 -5.49 -10.77 28.61
C ALA D 262 -4.96 -10.09 29.88
N LEU D 263 -3.79 -9.48 29.80
CA LEU D 263 -3.20 -8.80 30.94
C LEU D 263 -4.09 -7.68 31.47
N LEU D 264 -4.63 -6.87 30.56
CA LEU D 264 -5.49 -5.75 30.94
C LEU D 264 -6.73 -6.16 31.73
N ARG D 265 -7.03 -7.45 31.75
CA ARG D 265 -8.18 -7.92 32.50
C ARG D 265 -8.02 -7.63 34.00
N CYS D 266 -6.77 -7.55 34.48
CA CYS D 266 -6.53 -7.32 35.90
C CYS D 266 -6.90 -5.91 36.35
N VAL D 267 -7.12 -5.01 35.39
CA VAL D 267 -7.48 -3.64 35.71
C VAL D 267 -8.78 -3.61 36.50
N GLY D 268 -9.65 -4.57 36.22
CA GLY D 268 -10.92 -4.64 36.93
C GLY D 268 -10.77 -4.89 38.43
N ASP D 269 -9.58 -5.33 38.85
CA ASP D 269 -9.33 -5.58 40.26
C ASP D 269 -8.68 -4.38 40.92
N LEU D 270 -8.61 -3.27 40.19
CA LEU D 270 -7.98 -2.06 40.72
C LEU D 270 -8.98 -0.91 40.78
N LYS D 271 -8.48 0.29 40.98
CA LYS D 271 -9.32 1.48 41.04
C LYS D 271 -8.84 2.48 39.97
N PRO D 272 -9.10 2.18 38.68
CA PRO D 272 -8.69 3.04 37.56
C PRO D 272 -9.39 4.38 37.56
N VAL D 273 -8.60 5.45 37.40
CA VAL D 273 -9.16 6.80 37.37
C VAL D 273 -8.85 7.48 36.05
N GLY D 274 -8.33 6.69 35.11
CA GLY D 274 -8.01 7.23 33.80
C GLY D 274 -7.10 6.33 32.99
N PHE D 275 -7.20 6.43 31.68
CA PHE D 275 -6.34 5.66 30.80
C PHE D 275 -6.20 6.24 29.42
N ASP D 276 -5.19 5.78 28.70
CA ASP D 276 -4.96 6.22 27.34
C ASP D 276 -4.32 5.13 26.48
N VAL D 277 -4.45 5.29 25.17
CA VAL D 277 -3.89 4.36 24.17
C VAL D 277 -3.22 5.31 23.18
N MET D 278 -1.89 5.30 23.17
CA MET D 278 -1.13 6.21 22.34
C MET D 278 -0.20 5.61 21.29
N GLU D 279 0.36 6.52 20.49
CA GLU D 279 1.32 6.22 19.43
C GLU D 279 0.81 5.54 18.17
N VAL D 280 -0.50 5.43 18.00
CA VAL D 280 -0.99 4.83 16.77
C VAL D 280 -0.73 5.83 15.63
N SER D 281 0.00 5.40 14.61
CA SER D 281 0.30 6.23 13.44
C SER D 281 -0.24 5.49 12.21
N PRO D 282 -1.49 5.77 11.82
CA PRO D 282 -2.21 5.17 10.69
C PRO D 282 -1.46 4.96 9.38
N LEU D 283 -0.65 5.91 8.96
CA LEU D 283 0.06 5.81 7.69
C LEU D 283 0.93 4.57 7.59
N TYR D 284 1.49 4.14 8.71
CA TYR D 284 2.33 2.95 8.70
C TYR D 284 1.54 1.68 8.99
N ASP D 285 0.23 1.80 9.17
CA ASP D 285 -0.59 0.65 9.48
C ASP D 285 -0.88 -0.19 8.25
N HIS D 286 -1.16 -1.47 8.45
CA HIS D 286 -1.46 -2.37 7.34
C HIS D 286 -2.83 -2.99 7.61
N GLY D 287 -3.79 -2.75 6.72
CA GLY D 287 -5.13 -3.29 6.87
C GLY D 287 -5.87 -2.76 8.09
N GLY D 288 -5.38 -1.64 8.60
CA GLY D 288 -5.97 -1.01 9.77
C GLY D 288 -5.91 -1.85 11.02
N ILE D 289 -5.15 -2.94 11.00
CA ILE D 289 -5.09 -3.81 12.17
C ILE D 289 -4.60 -3.15 13.44
N THR D 290 -3.79 -2.09 13.32
CA THR D 290 -3.28 -1.40 14.50
C THR D 290 -4.39 -0.61 15.16
N SER D 291 -5.18 0.09 14.35
CA SER D 291 -6.29 0.87 14.85
C SER D 291 -7.34 -0.04 15.47
N ILE D 292 -7.57 -1.19 14.84
CA ILE D 292 -8.55 -2.13 15.36
C ILE D 292 -8.11 -2.66 16.72
N LEU D 293 -6.82 -2.94 16.85
CA LEU D 293 -6.28 -3.44 18.10
C LEU D 293 -6.41 -2.34 19.15
N ALA D 294 -6.01 -1.13 18.78
CA ALA D 294 -6.09 0.01 19.70
C ALA D 294 -7.52 0.14 20.21
N THR D 295 -8.49 -0.07 19.32
CA THR D 295 -9.89 0.02 19.71
C THR D 295 -10.24 -1.06 20.72
N GLU D 296 -9.83 -2.29 20.43
CA GLU D 296 -10.11 -3.40 21.33
C GLU D 296 -9.50 -3.15 22.70
N ILE D 297 -8.32 -2.54 22.73
CA ILE D 297 -7.64 -2.23 23.99
C ILE D 297 -8.48 -1.20 24.77
N GLY D 298 -8.98 -0.18 24.06
CA GLY D 298 -9.78 0.82 24.72
C GLY D 298 -11.06 0.19 25.26
N ALA D 299 -11.66 -0.72 24.48
CA ALA D 299 -12.88 -1.37 24.90
C ALA D 299 -12.66 -2.18 26.17
N GLU D 300 -11.55 -2.92 26.22
CA GLU D 300 -11.24 -3.72 27.39
C GLU D 300 -11.06 -2.84 28.63
N LEU D 301 -10.41 -1.70 28.48
CA LEU D 301 -10.19 -0.79 29.60
C LEU D 301 -11.54 -0.24 30.09
N LEU D 302 -12.39 0.16 29.14
CA LEU D 302 -13.70 0.68 29.50
C LEU D 302 -14.48 -0.38 30.27
N TYR D 303 -14.45 -1.62 29.81
CA TYR D 303 -15.16 -2.67 30.49
C TYR D 303 -14.58 -2.92 31.87
N GLN D 304 -13.26 -2.93 31.99
CA GLN D 304 -12.62 -3.16 33.29
C GLN D 304 -12.94 -2.03 34.26
N TYR D 305 -13.15 -0.84 33.72
CA TYR D 305 -13.51 0.30 34.55
C TYR D 305 -14.85 -0.05 35.20
N ALA D 306 -15.80 -0.49 34.37
CA ALA D 306 -17.12 -0.86 34.85
C ALA D 306 -17.04 -1.96 35.90
N ARG D 307 -16.24 -2.98 35.62
CA ARG D 307 -16.11 -4.10 36.55
C ARG D 307 -15.54 -3.62 37.88
N ALA D 308 -14.60 -2.69 37.83
CA ALA D 308 -13.98 -2.17 39.05
C ALA D 308 -14.93 -1.29 39.87
N HIS D 309 -16.00 -0.79 39.25
CA HIS D 309 -16.95 0.07 39.95
C HIS D 309 -18.39 -0.44 39.89
N SER E 9 10.49 -25.03 -14.66
CA SER E 9 9.30 -24.17 -14.95
C SER E 9 8.86 -23.38 -13.72
N PRO E 10 9.10 -22.06 -13.73
CA PRO E 10 8.74 -21.17 -12.62
C PRO E 10 7.29 -21.32 -12.15
N ARG E 11 7.09 -21.26 -10.84
CA ARG E 11 5.77 -21.41 -10.26
C ARG E 11 4.84 -20.21 -10.47
N TYR E 12 5.39 -19.09 -10.91
CA TYR E 12 4.61 -17.89 -11.17
C TYR E 12 4.25 -17.81 -12.66
N ALA E 13 4.66 -18.83 -13.41
CA ALA E 13 4.38 -18.90 -14.84
C ALA E 13 3.12 -19.73 -15.08
N GLN E 14 2.43 -19.45 -16.17
CA GLN E 14 1.21 -20.16 -16.53
C GLN E 14 0.00 -19.67 -15.75
N ILE E 15 -1.18 -19.83 -16.34
CA ILE E 15 -2.43 -19.42 -15.71
C ILE E 15 -2.51 -20.11 -14.35
N PRO E 16 -2.73 -19.33 -13.30
CA PRO E 16 -2.82 -19.81 -11.92
C PRO E 16 -4.03 -20.64 -11.51
N THR E 17 -3.74 -21.80 -10.93
CA THR E 17 -4.79 -22.69 -10.43
C THR E 17 -4.39 -22.95 -8.99
N PHE E 18 -5.30 -23.43 -8.17
CA PHE E 18 -4.95 -23.70 -6.77
C PHE E 18 -3.80 -24.71 -6.70
N MET E 19 -2.67 -24.29 -6.14
CA MET E 19 -1.50 -25.13 -6.00
C MET E 19 -1.06 -25.74 -7.31
N ARG E 20 -1.33 -25.02 -8.40
CA ARG E 20 -0.96 -25.45 -9.73
C ARG E 20 -1.54 -26.80 -10.14
N LEU E 21 -2.69 -27.15 -9.59
CA LEU E 21 -3.35 -28.40 -9.93
C LEU E 21 -3.91 -28.26 -11.35
N PRO E 22 -4.22 -29.38 -12.01
CA PRO E 22 -4.77 -29.30 -13.36
C PRO E 22 -6.13 -28.59 -13.28
N HIS E 23 -6.57 -28.06 -14.41
CA HIS E 23 -7.85 -27.36 -14.48
C HIS E 23 -8.87 -28.20 -15.24
N ASP E 24 -10.09 -28.26 -14.71
CA ASP E 24 -11.17 -29.02 -15.33
C ASP E 24 -12.48 -28.47 -14.79
N PRO E 25 -13.16 -27.63 -15.59
CA PRO E 25 -14.44 -27.01 -15.23
C PRO E 25 -15.58 -28.00 -14.98
N GLN E 26 -15.46 -29.19 -15.57
CA GLN E 26 -16.47 -30.22 -15.38
C GLN E 26 -15.75 -31.50 -14.93
N PRO E 27 -15.20 -31.49 -13.72
CA PRO E 27 -14.47 -32.64 -13.17
C PRO E 27 -15.34 -33.86 -12.88
N ARG E 28 -14.78 -35.04 -13.12
CA ARG E 28 -15.48 -36.29 -12.86
C ARG E 28 -14.47 -37.36 -12.47
N GLY E 29 -14.72 -38.03 -11.36
CA GLY E 29 -13.82 -39.09 -10.94
C GLY E 29 -12.70 -38.73 -9.97
N TYR E 30 -12.69 -37.51 -9.46
CA TYR E 30 -11.63 -37.14 -8.53
C TYR E 30 -12.03 -37.34 -7.07
N ASP E 31 -11.03 -37.36 -6.21
CA ASP E 31 -11.26 -37.52 -4.79
C ASP E 31 -11.70 -36.19 -4.19
N VAL E 32 -10.95 -35.13 -4.49
CA VAL E 32 -11.27 -33.81 -3.98
C VAL E 32 -11.15 -32.76 -5.07
N VAL E 33 -12.23 -31.99 -5.26
CA VAL E 33 -12.26 -30.94 -6.26
C VAL E 33 -12.15 -29.60 -5.55
N VAL E 34 -11.23 -28.74 -6.00
CA VAL E 34 -11.06 -27.42 -5.41
C VAL E 34 -11.97 -26.49 -6.21
N ILE E 35 -12.93 -25.87 -5.54
CA ILE E 35 -13.89 -25.00 -6.22
C ILE E 35 -13.91 -23.61 -5.60
N GLY E 36 -13.89 -22.60 -6.47
CA GLY E 36 -13.90 -21.22 -6.02
C GLY E 36 -15.30 -20.65 -5.97
N ALA E 37 -15.54 -19.82 -4.95
CA ALA E 37 -16.83 -19.16 -4.75
C ALA E 37 -16.55 -17.67 -4.59
N PRO E 38 -16.31 -16.96 -5.70
CA PRO E 38 -16.02 -15.52 -5.71
C PRO E 38 -17.27 -14.69 -5.43
N TYR E 39 -17.61 -14.56 -4.15
CA TYR E 39 -18.80 -13.85 -3.74
C TYR E 39 -18.66 -13.23 -2.34
N ASP E 40 -19.16 -12.02 -2.16
CA ASP E 40 -19.12 -11.38 -0.85
C ASP E 40 -20.44 -10.70 -0.49
N GLY E 41 -21.51 -11.13 -1.18
CA GLY E 41 -22.82 -10.59 -0.96
C GLY E 41 -23.31 -10.77 0.46
N GLY E 42 -22.65 -11.64 1.23
CA GLY E 42 -23.04 -11.83 2.60
C GLY E 42 -22.26 -11.01 3.61
N THR E 43 -21.20 -10.32 3.17
CA THR E 43 -20.39 -9.53 4.11
C THR E 43 -21.15 -8.34 4.72
N SER E 44 -21.03 -8.18 6.03
CA SER E 44 -21.73 -7.11 6.72
C SER E 44 -20.89 -5.86 6.93
N TYR E 45 -19.58 -6.00 6.77
CA TYR E 45 -18.70 -4.85 6.96
C TYR E 45 -17.85 -4.63 5.72
N ARG E 46 -16.63 -5.16 5.71
CA ARG E 46 -15.76 -4.98 4.56
C ARG E 46 -16.06 -6.00 3.47
N PRO E 47 -16.29 -5.54 2.24
CA PRO E 47 -16.55 -6.46 1.15
C PRO E 47 -15.18 -6.83 0.56
N GLY E 48 -15.17 -7.51 -0.58
CA GLY E 48 -13.90 -7.87 -1.18
C GLY E 48 -13.57 -9.34 -1.22
N ALA E 49 -14.29 -10.14 -0.43
CA ALA E 49 -14.04 -11.58 -0.40
C ALA E 49 -14.32 -12.20 -1.77
N ARG E 50 -14.99 -11.46 -2.65
CA ARG E 50 -15.25 -11.98 -4.00
C ARG E 50 -13.95 -12.20 -4.78
N PHE E 51 -12.85 -11.56 -4.34
CA PHE E 51 -11.56 -11.72 -5.01
C PHE E 51 -10.67 -12.74 -4.30
N GLY E 52 -11.18 -13.30 -3.21
CA GLY E 52 -10.43 -14.29 -2.46
C GLY E 52 -9.93 -15.45 -3.31
N PRO E 53 -10.82 -16.13 -4.05
CA PRO E 53 -10.40 -17.27 -4.88
C PRO E 53 -9.25 -16.93 -5.84
N GLN E 54 -9.37 -15.78 -6.48
CA GLN E 54 -8.36 -15.33 -7.41
C GLN E 54 -7.00 -15.08 -6.72
N ALA E 55 -7.03 -14.37 -5.61
CA ALA E 55 -5.79 -14.06 -4.86
C ALA E 55 -5.15 -15.30 -4.28
N ILE E 56 -5.96 -16.18 -3.72
CA ILE E 56 -5.48 -17.41 -3.16
C ILE E 56 -4.81 -18.25 -4.25
N ARG E 57 -5.44 -18.35 -5.42
CA ARG E 57 -4.85 -19.14 -6.50
C ARG E 57 -3.52 -18.52 -6.91
N SER E 58 -3.51 -17.20 -7.02
CA SER E 58 -2.32 -16.48 -7.43
C SER E 58 -1.07 -16.75 -6.57
N GLU E 59 -1.25 -16.72 -5.26
CA GLU E 59 -0.15 -16.95 -4.33
C GLU E 59 0.14 -18.42 -4.04
N SER E 60 -0.79 -19.30 -4.38
CA SER E 60 -0.63 -20.72 -4.12
C SER E 60 0.55 -21.35 -4.86
N GLY E 61 1.20 -20.58 -5.74
CA GLY E 61 2.32 -21.12 -6.48
C GLY E 61 3.47 -21.58 -5.58
N LEU E 62 3.56 -20.98 -4.39
CA LEU E 62 4.59 -21.28 -3.42
C LEU E 62 4.36 -22.56 -2.61
N ILE E 63 3.14 -23.05 -2.63
CA ILE E 63 2.79 -24.26 -1.87
C ILE E 63 2.59 -25.49 -2.73
N HIS E 64 3.34 -26.55 -2.44
CA HIS E 64 3.25 -27.82 -3.17
C HIS E 64 2.48 -28.82 -2.28
N GLY E 65 2.36 -30.06 -2.75
CA GLY E 65 1.67 -31.05 -1.93
C GLY E 65 2.62 -31.83 -1.05
N VAL E 66 3.91 -31.80 -1.39
CA VAL E 66 4.96 -32.51 -0.65
C VAL E 66 5.30 -31.80 0.65
N GLY E 67 4.85 -32.34 1.77
CA GLY E 67 5.16 -31.72 3.04
C GLY E 67 6.62 -31.91 3.40
N ILE E 68 6.89 -32.09 4.69
CA ILE E 68 8.25 -32.32 5.15
C ILE E 68 8.24 -33.56 6.03
N ASP E 69 9.04 -34.55 5.66
CA ASP E 69 9.12 -35.79 6.41
C ASP E 69 7.76 -36.48 6.44
N ARG E 70 6.91 -36.13 5.47
CA ARG E 70 5.58 -36.72 5.34
C ARG E 70 5.77 -37.81 4.29
N GLY E 71 4.68 -38.40 3.80
CA GLY E 71 4.83 -39.44 2.81
C GLY E 71 5.30 -38.93 1.45
N PRO E 72 4.77 -39.53 0.37
CA PRO E 72 5.07 -39.20 -1.02
C PRO E 72 4.49 -37.87 -1.50
N GLY E 73 3.63 -37.25 -0.70
CA GLY E 73 3.05 -36.00 -1.12
C GLY E 73 1.58 -36.16 -1.47
N THR E 74 0.77 -35.23 -0.97
CA THR E 74 -0.67 -35.25 -1.16
C THR E 74 -1.21 -35.66 -2.52
N PHE E 75 -0.68 -35.05 -3.57
CA PHE E 75 -1.16 -35.32 -4.92
C PHE E 75 -0.80 -36.66 -5.55
N ASP E 76 -0.03 -37.49 -4.84
CA ASP E 76 0.32 -38.80 -5.35
C ASP E 76 -0.55 -39.82 -4.62
N LEU E 77 -1.18 -39.35 -3.55
CA LEU E 77 -2.05 -40.19 -2.73
C LEU E 77 -3.51 -40.07 -3.17
N ILE E 78 -3.91 -38.86 -3.58
CA ILE E 78 -5.27 -38.62 -4.03
C ILE E 78 -5.29 -37.78 -5.31
N ASN E 79 -6.40 -37.82 -6.03
CA ASN E 79 -6.55 -37.08 -7.28
C ASN E 79 -7.37 -35.82 -7.06
N CYS E 80 -6.73 -34.67 -7.23
CA CYS E 80 -7.40 -33.40 -7.03
C CYS E 80 -7.36 -32.57 -8.29
N VAL E 81 -8.23 -31.58 -8.38
CA VAL E 81 -8.29 -30.74 -9.55
C VAL E 81 -8.91 -29.40 -9.20
N ASP E 82 -8.61 -28.37 -10.00
CA ASP E 82 -9.17 -27.04 -9.79
C ASP E 82 -10.32 -26.94 -10.79
N ALA E 83 -11.55 -26.89 -10.29
CA ALA E 83 -12.73 -26.83 -11.14
C ALA E 83 -13.15 -25.41 -11.52
N GLY E 84 -12.27 -24.44 -11.27
CA GLY E 84 -12.63 -23.07 -11.58
C GLY E 84 -13.58 -22.53 -10.51
N ASP E 85 -14.43 -21.57 -10.88
CA ASP E 85 -15.37 -20.98 -9.93
C ASP E 85 -16.84 -21.20 -10.22
N ILE E 86 -17.67 -20.96 -9.21
CA ILE E 86 -19.10 -21.06 -9.35
C ILE E 86 -19.52 -19.66 -9.83
N ASN E 87 -20.38 -19.59 -10.85
CA ASN E 87 -20.78 -18.26 -11.30
C ASN E 87 -21.82 -17.71 -10.34
N LEU E 88 -21.31 -17.01 -9.33
CA LEU E 88 -22.15 -16.42 -8.30
C LEU E 88 -22.39 -14.95 -8.57
N THR E 89 -23.67 -14.58 -8.66
CA THR E 89 -24.04 -13.20 -8.91
C THR E 89 -23.78 -12.31 -7.70
N PRO E 90 -23.32 -11.08 -7.94
CA PRO E 90 -23.05 -10.16 -6.83
C PRO E 90 -24.29 -9.30 -6.55
N PHE E 91 -25.37 -9.55 -7.29
CA PHE E 91 -26.59 -8.75 -7.16
C PHE E 91 -27.73 -9.32 -6.36
N ASP E 92 -27.72 -10.62 -6.09
CA ASP E 92 -28.80 -11.22 -5.32
C ASP E 92 -28.37 -12.38 -4.43
N MET E 93 -28.38 -12.10 -3.14
CA MET E 93 -28.01 -13.04 -2.09
C MET E 93 -28.66 -14.42 -2.24
N ASN E 94 -29.99 -14.45 -2.29
CA ASN E 94 -30.74 -15.71 -2.40
C ASN E 94 -30.42 -16.51 -3.66
N ILE E 95 -30.27 -15.83 -4.78
CA ILE E 95 -29.95 -16.50 -6.03
C ILE E 95 -28.54 -17.09 -6.00
N ALA E 96 -27.60 -16.37 -5.38
CA ALA E 96 -26.23 -16.85 -5.31
C ALA E 96 -26.12 -18.11 -4.46
N ILE E 97 -26.81 -18.12 -3.32
CA ILE E 97 -26.77 -19.29 -2.45
C ILE E 97 -27.35 -20.53 -3.14
N ASP E 98 -28.44 -20.37 -3.89
CA ASP E 98 -29.04 -21.49 -4.59
C ASP E 98 -28.12 -22.00 -5.70
N THR E 99 -27.51 -21.07 -6.43
CA THR E 99 -26.58 -21.43 -7.49
C THR E 99 -25.40 -22.19 -6.88
N ALA E 100 -24.95 -21.74 -5.73
CA ALA E 100 -23.84 -22.39 -5.06
C ALA E 100 -24.21 -23.83 -4.70
N GLN E 101 -25.36 -23.99 -4.07
CA GLN E 101 -25.84 -25.32 -3.67
C GLN E 101 -25.90 -26.26 -4.87
N SER E 102 -26.54 -25.78 -5.93
CA SER E 102 -26.69 -26.54 -7.15
C SER E 102 -25.35 -26.98 -7.74
N HIS E 103 -24.41 -26.05 -7.84
CA HIS E 103 -23.09 -26.32 -8.37
C HIS E 103 -22.32 -27.31 -7.49
N LEU E 104 -22.35 -27.09 -6.18
CA LEU E 104 -21.63 -27.96 -5.27
C LEU E 104 -22.23 -29.36 -5.27
N SER E 105 -23.56 -29.46 -5.38
CA SER E 105 -24.23 -30.76 -5.43
C SER E 105 -23.79 -31.46 -6.70
N GLY E 106 -23.73 -30.71 -7.80
CA GLY E 106 -23.30 -31.27 -9.07
C GLY E 106 -21.94 -31.92 -8.95
N LEU E 107 -21.01 -31.25 -8.26
CA LEU E 107 -19.67 -31.76 -8.09
C LEU E 107 -19.66 -33.09 -7.35
N LEU E 108 -20.46 -33.17 -6.28
CA LEU E 108 -20.53 -34.39 -5.49
C LEU E 108 -21.15 -35.57 -6.22
N LYS E 109 -21.87 -35.31 -7.31
CA LYS E 109 -22.49 -36.37 -8.06
C LYS E 109 -21.44 -37.21 -8.78
N ALA E 110 -20.26 -36.65 -9.05
CA ALA E 110 -19.21 -37.38 -9.76
C ALA E 110 -17.83 -37.33 -9.10
N ASN E 111 -17.74 -36.74 -7.92
CA ASN E 111 -16.47 -36.66 -7.21
C ASN E 111 -16.73 -36.88 -5.73
N ALA E 112 -15.74 -37.41 -5.02
CA ALA E 112 -15.87 -37.72 -3.61
C ALA E 112 -16.19 -36.53 -2.71
N ALA E 113 -15.39 -35.47 -2.83
CA ALA E 113 -15.59 -34.29 -2.01
C ALA E 113 -14.98 -33.05 -2.65
N PHE E 114 -15.20 -31.90 -2.02
CA PHE E 114 -14.67 -30.66 -2.53
C PHE E 114 -14.06 -29.81 -1.42
N LEU E 115 -13.24 -28.86 -1.86
CA LEU E 115 -12.60 -27.89 -0.97
C LEU E 115 -13.03 -26.55 -1.55
N MET E 116 -13.91 -25.85 -0.85
CA MET E 116 -14.36 -24.56 -1.33
C MET E 116 -13.46 -23.43 -0.82
N ILE E 117 -12.88 -22.71 -1.77
CA ILE E 117 -12.02 -21.56 -1.51
C ILE E 117 -12.97 -20.44 -1.86
N GLY E 118 -13.40 -19.68 -0.88
CA GLY E 118 -14.34 -18.68 -1.29
C GLY E 118 -14.28 -17.24 -0.91
N GLY E 119 -15.51 -16.76 -0.79
CA GLY E 119 -15.81 -15.42 -0.41
C GLY E 119 -16.29 -15.53 1.02
N ASP E 120 -17.32 -14.77 1.39
CA ASP E 120 -17.77 -14.78 2.76
C ASP E 120 -18.34 -16.11 3.22
N HIS E 121 -18.36 -16.26 4.54
CA HIS E 121 -18.82 -17.48 5.19
C HIS E 121 -20.27 -17.88 4.97
N SER E 122 -21.10 -16.97 4.47
CA SER E 122 -22.50 -17.31 4.25
C SER E 122 -22.64 -18.48 3.28
N LEU E 123 -21.74 -18.57 2.30
CA LEU E 123 -21.77 -19.62 1.30
C LEU E 123 -21.69 -21.05 1.86
N THR E 124 -21.22 -21.18 3.10
CA THR E 124 -21.09 -22.50 3.70
C THR E 124 -22.44 -23.23 3.88
N VAL E 125 -23.53 -22.47 3.96
CA VAL E 125 -24.85 -23.09 4.11
C VAL E 125 -25.15 -23.91 2.84
N ALA E 126 -24.67 -23.42 1.71
CA ALA E 126 -24.87 -24.11 0.44
C ALA E 126 -24.06 -25.39 0.42
N ALA E 127 -22.85 -25.33 0.98
CA ALA E 127 -21.99 -26.50 1.01
C ALA E 127 -22.58 -27.55 1.94
N LEU E 128 -23.04 -27.11 3.12
CA LEU E 128 -23.63 -28.02 4.08
C LEU E 128 -24.85 -28.74 3.51
N ARG E 129 -25.67 -28.03 2.74
CA ARG E 129 -26.83 -28.64 2.13
C ARG E 129 -26.41 -29.70 1.12
N ALA E 130 -25.42 -29.36 0.29
CA ALA E 130 -24.95 -30.31 -0.72
C ALA E 130 -24.31 -31.56 -0.09
N VAL E 131 -23.48 -31.36 0.93
CA VAL E 131 -22.82 -32.47 1.59
C VAL E 131 -23.79 -33.31 2.42
N ALA E 132 -24.68 -32.65 3.15
CA ALA E 132 -25.65 -33.35 3.98
C ALA E 132 -26.56 -34.22 3.10
N GLU E 133 -26.86 -33.75 1.89
CA GLU E 133 -27.72 -34.50 0.98
C GLU E 133 -27.09 -35.85 0.63
N GLN E 134 -25.77 -35.95 0.72
CA GLN E 134 -25.11 -37.20 0.36
C GLN E 134 -24.58 -38.02 1.54
N HIS E 135 -24.58 -37.44 2.74
CA HIS E 135 -24.05 -38.14 3.92
C HIS E 135 -24.99 -38.12 5.12
N GLY E 136 -26.01 -37.27 5.07
CA GLY E 136 -26.94 -37.16 6.18
C GLY E 136 -26.42 -36.13 7.17
N PRO E 137 -27.07 -35.96 8.35
CA PRO E 137 -26.65 -34.99 9.36
C PRO E 137 -25.13 -35.07 9.55
N LEU E 138 -24.49 -33.92 9.50
CA LEU E 138 -23.03 -33.85 9.59
C LEU E 138 -22.44 -33.37 10.91
N ALA E 139 -21.23 -33.86 11.18
CA ALA E 139 -20.45 -33.46 12.35
C ALA E 139 -19.70 -32.26 11.80
N VAL E 140 -19.43 -31.28 12.64
CA VAL E 140 -18.74 -30.07 12.17
C VAL E 140 -17.61 -29.57 13.05
N VAL E 141 -16.53 -29.19 12.39
CA VAL E 141 -15.37 -28.60 13.06
C VAL E 141 -15.30 -27.22 12.39
N HIS E 142 -15.61 -26.20 13.16
CA HIS E 142 -15.65 -24.83 12.67
C HIS E 142 -14.59 -23.95 13.35
N LEU E 143 -13.68 -23.39 12.57
CA LEU E 143 -12.65 -22.49 13.11
C LEU E 143 -13.07 -21.08 12.71
N ASP E 144 -13.31 -20.23 13.70
CA ASP E 144 -13.78 -18.88 13.43
C ASP E 144 -13.61 -18.03 14.66
N ALA E 145 -13.53 -16.71 14.47
CA ALA E 145 -13.44 -15.79 15.57
C ALA E 145 -14.88 -15.49 16.04
N HIS E 146 -15.86 -15.80 15.18
CA HIS E 146 -17.28 -15.58 15.46
C HIS E 146 -18.08 -16.86 15.32
N SER E 147 -19.11 -17.00 16.13
CA SER E 147 -19.96 -18.19 16.13
C SER E 147 -20.75 -18.43 14.83
N ASP E 148 -21.12 -17.37 14.14
CA ASP E 148 -21.87 -17.49 12.89
C ASP E 148 -23.16 -18.30 13.06
N THR E 149 -23.82 -18.11 14.20
CA THR E 149 -25.06 -18.79 14.51
C THR E 149 -26.12 -17.74 14.87
N ASN E 150 -26.00 -16.58 14.24
CA ASN E 150 -26.92 -15.48 14.48
C ASN E 150 -28.18 -15.61 13.64
N PRO E 151 -29.27 -14.98 14.09
CA PRO E 151 -30.55 -15.01 13.39
C PRO E 151 -30.52 -14.32 12.04
N ALA E 152 -31.28 -14.84 11.09
CA ALA E 152 -31.37 -14.24 9.78
C ALA E 152 -32.51 -13.22 9.89
N PHE E 153 -32.78 -12.49 8.82
CA PHE E 153 -33.85 -11.51 8.83
C PHE E 153 -34.30 -11.15 7.43
N TYR E 154 -35.43 -10.47 7.31
CA TYR E 154 -35.95 -10.09 6.00
C TYR E 154 -34.99 -9.16 5.28
N GLY E 155 -34.70 -9.50 4.02
CA GLY E 155 -33.80 -8.69 3.24
C GLY E 155 -32.36 -8.98 3.62
N GLY E 156 -32.17 -10.06 4.38
CA GLY E 156 -30.84 -10.46 4.81
C GLY E 156 -30.85 -11.87 5.37
N ARG E 157 -31.49 -12.79 4.64
CA ARG E 157 -31.59 -14.16 5.07
C ARG E 157 -30.27 -14.91 5.12
N TYR E 158 -29.32 -14.50 4.29
CA TYR E 158 -28.02 -15.15 4.27
C TYR E 158 -26.79 -14.29 4.51
N HIS E 159 -26.79 -13.47 5.56
CA HIS E 159 -25.58 -12.68 5.83
C HIS E 159 -24.57 -13.65 6.41
N HIS E 160 -23.28 -13.38 6.23
CA HIS E 160 -22.25 -14.31 6.70
C HIS E 160 -22.25 -14.67 8.18
N GLY E 161 -23.28 -14.24 8.91
CA GLY E 161 -23.35 -14.58 10.32
C GLY E 161 -24.39 -15.67 10.59
N THR E 162 -25.01 -16.17 9.53
CA THR E 162 -26.06 -17.19 9.64
C THR E 162 -25.79 -18.63 9.18
N PRO E 163 -24.67 -18.89 8.48
CA PRO E 163 -24.39 -20.25 8.00
C PRO E 163 -24.69 -21.44 8.92
N PHE E 164 -24.12 -21.44 10.13
CA PHE E 164 -24.35 -22.55 11.04
C PHE E 164 -25.69 -22.53 11.78
N ARG E 165 -26.40 -21.41 11.69
CA ARG E 165 -27.71 -21.29 12.30
C ARG E 165 -28.61 -22.12 11.40
N HIS E 166 -28.50 -21.88 10.10
CA HIS E 166 -29.29 -22.60 9.11
C HIS E 166 -28.94 -24.09 9.15
N GLY E 167 -27.66 -24.39 9.27
CA GLY E 167 -27.20 -25.77 9.32
C GLY E 167 -27.88 -26.56 10.41
N ILE E 168 -28.01 -25.97 11.58
CA ILE E 168 -28.64 -26.64 12.70
C ILE E 168 -30.16 -26.68 12.50
N ASP E 169 -30.76 -25.53 12.19
CA ASP E 169 -32.20 -25.46 11.97
C ASP E 169 -32.67 -26.43 10.88
N GLU E 170 -31.89 -26.55 9.82
CA GLU E 170 -32.25 -27.41 8.70
C GLU E 170 -31.84 -28.87 8.90
N LYS E 171 -31.31 -29.18 10.08
CA LYS E 171 -30.90 -30.53 10.39
C LYS E 171 -29.77 -31.03 9.48
N LEU E 172 -28.97 -30.10 8.96
CA LEU E 172 -27.85 -30.46 8.09
C LEU E 172 -26.67 -30.83 8.98
N ILE E 173 -26.69 -30.28 10.19
CA ILE E 173 -25.64 -30.50 11.17
C ILE E 173 -26.20 -31.16 12.43
N ASP E 174 -25.41 -32.01 13.05
CA ASP E 174 -25.79 -32.64 14.31
C ASP E 174 -25.03 -31.83 15.35
N PRO E 175 -25.69 -30.83 15.96
CA PRO E 175 -25.08 -29.97 16.97
C PRO E 175 -24.27 -30.68 18.04
N ALA E 176 -24.74 -31.85 18.45
CA ALA E 176 -24.05 -32.62 19.47
C ALA E 176 -22.69 -33.08 18.96
N ALA E 177 -22.48 -32.93 17.66
CA ALA E 177 -21.21 -33.33 17.04
C ALA E 177 -20.53 -32.14 16.34
N MET E 178 -20.80 -30.94 16.85
CA MET E 178 -20.20 -29.74 16.29
C MET E 178 -19.33 -29.02 17.31
N VAL E 179 -18.14 -28.62 16.87
CA VAL E 179 -17.20 -27.92 17.72
C VAL E 179 -16.67 -26.69 16.98
N GLN E 180 -16.79 -25.53 17.60
CA GLN E 180 -16.26 -24.33 16.99
C GLN E 180 -15.18 -23.77 17.90
N ILE E 181 -13.99 -23.58 17.32
CA ILE E 181 -12.82 -23.08 18.05
C ILE E 181 -12.36 -21.69 17.61
N GLY E 182 -11.96 -20.88 18.58
CA GLY E 182 -11.47 -19.54 18.30
C GLY E 182 -12.36 -18.35 18.65
N ILE E 183 -13.60 -18.62 19.07
CA ILE E 183 -14.53 -17.54 19.40
C ILE E 183 -13.92 -16.53 20.35
N ARG E 184 -14.06 -15.25 19.99
CA ARG E 184 -13.52 -14.16 20.78
C ARG E 184 -14.14 -12.84 20.35
N GLY E 185 -13.78 -11.77 21.02
CA GLY E 185 -14.29 -10.48 20.66
C GLY E 185 -15.62 -10.08 21.27
N HIS E 186 -16.60 -9.84 20.40
CA HIS E 186 -17.89 -9.40 20.86
C HIS E 186 -19.06 -10.09 20.18
N ASN E 187 -20.05 -10.45 20.98
CA ASN E 187 -21.28 -11.08 20.49
C ASN E 187 -22.20 -9.90 20.17
N PRO E 188 -23.12 -10.06 19.23
CA PRO E 188 -24.02 -8.94 18.93
C PRO E 188 -24.93 -8.64 20.14
N LYS E 189 -25.21 -9.67 20.93
CA LYS E 189 -26.03 -9.57 22.13
C LYS E 189 -25.36 -10.44 23.21
N PRO E 190 -25.57 -10.10 24.49
CA PRO E 190 -24.97 -10.87 25.61
C PRO E 190 -25.36 -12.34 25.71
N ASP E 191 -26.46 -12.72 25.07
CA ASP E 191 -26.88 -14.11 25.13
C ASP E 191 -26.89 -14.72 23.73
N SER E 192 -25.92 -14.31 22.91
CA SER E 192 -25.81 -14.80 21.54
C SER E 192 -25.34 -16.24 21.39
N LEU E 193 -24.61 -16.77 22.38
CA LEU E 193 -24.14 -18.15 22.29
C LEU E 193 -25.09 -19.17 22.91
N ASP E 194 -26.13 -18.67 23.58
CA ASP E 194 -27.12 -19.55 24.21
C ASP E 194 -27.73 -20.51 23.18
N TYR E 195 -28.00 -20.00 21.98
CA TYR E 195 -28.56 -20.82 20.91
C TYR E 195 -27.70 -22.04 20.61
N ALA E 196 -26.46 -21.80 20.21
CA ALA E 196 -25.53 -22.87 19.87
C ALA E 196 -25.36 -23.87 21.00
N ARG E 197 -25.15 -23.35 22.21
CA ARG E 197 -24.96 -24.19 23.37
C ARG E 197 -26.21 -24.97 23.75
N GLY E 198 -27.36 -24.32 23.59
CA GLY E 198 -28.61 -24.97 23.90
C GLY E 198 -28.81 -26.17 22.99
N HIS E 199 -28.25 -26.11 21.79
CA HIS E 199 -28.37 -27.19 20.83
C HIS E 199 -27.29 -28.24 21.04
N GLY E 200 -26.39 -27.99 21.99
CA GLY E 200 -25.34 -28.95 22.26
C GLY E 200 -24.02 -28.70 21.56
N VAL E 201 -23.88 -27.53 20.94
CA VAL E 201 -22.64 -27.19 20.23
C VAL E 201 -21.52 -26.88 21.24
N ARG E 202 -20.36 -27.48 21.06
CA ARG E 202 -19.25 -27.24 21.95
C ARG E 202 -18.48 -26.01 21.48
N VAL E 203 -18.52 -24.95 22.27
CA VAL E 203 -17.83 -23.74 21.92
C VAL E 203 -16.52 -23.61 22.67
N VAL E 204 -15.43 -23.51 21.92
CA VAL E 204 -14.11 -23.36 22.52
C VAL E 204 -13.61 -21.98 22.14
N THR E 205 -13.69 -21.04 23.08
CA THR E 205 -13.25 -19.67 22.83
C THR E 205 -11.73 -19.62 22.65
N ALA E 206 -11.24 -18.53 22.07
CA ALA E 206 -9.80 -18.37 21.89
C ALA E 206 -9.14 -18.49 23.26
N ASP E 207 -9.80 -17.98 24.30
CA ASP E 207 -9.26 -18.06 25.65
C ASP E 207 -9.09 -19.51 26.11
N GLU E 208 -10.15 -20.30 26.01
CA GLU E 208 -10.08 -21.69 26.43
C GLU E 208 -9.07 -22.45 25.56
N PHE E 209 -9.00 -22.10 24.29
CA PHE E 209 -8.06 -22.75 23.39
C PHE E 209 -6.64 -22.59 23.96
N GLY E 210 -6.39 -21.43 24.57
CA GLY E 210 -5.09 -21.17 25.14
C GLY E 210 -4.81 -22.08 26.33
N GLU E 211 -5.86 -22.36 27.10
CA GLU E 211 -5.74 -23.22 28.26
C GLU E 211 -5.59 -24.69 27.82
N LEU E 212 -6.43 -25.13 26.89
CA LEU E 212 -6.39 -26.50 26.39
C LEU E 212 -5.16 -26.81 25.57
N GLY E 213 -4.70 -25.84 24.79
CA GLY E 213 -3.54 -26.06 23.94
C GLY E 213 -3.99 -26.78 22.67
N VAL E 214 -3.07 -26.95 21.73
CA VAL E 214 -3.40 -27.63 20.49
C VAL E 214 -3.80 -29.08 20.73
N GLY E 215 -2.98 -29.80 21.48
CA GLY E 215 -3.27 -31.19 21.78
C GLY E 215 -4.59 -31.39 22.49
N GLY E 216 -4.82 -30.58 23.53
CA GLY E 216 -6.05 -30.68 24.28
C GLY E 216 -7.27 -30.46 23.41
N THR E 217 -7.21 -29.44 22.55
CA THR E 217 -8.31 -29.14 21.65
C THR E 217 -8.48 -30.25 20.64
N ALA E 218 -7.36 -30.81 20.18
CA ALA E 218 -7.41 -31.90 19.20
C ALA E 218 -8.14 -33.11 19.80
N ASP E 219 -7.86 -33.41 21.07
CA ASP E 219 -8.52 -34.53 21.72
C ASP E 219 -10.02 -34.25 21.82
N LEU E 220 -10.37 -33.03 22.17
CA LEU E 220 -11.75 -32.62 22.31
C LEU E 220 -12.50 -32.80 20.98
N ILE E 221 -11.84 -32.43 19.89
CA ILE E 221 -12.46 -32.55 18.57
C ILE E 221 -12.70 -34.03 18.28
N ARG E 222 -11.66 -34.84 18.43
CA ARG E 222 -11.78 -36.27 18.16
C ARG E 222 -12.92 -36.89 18.98
N GLU E 223 -13.02 -36.49 20.25
CA GLU E 223 -14.05 -37.03 21.12
C GLU E 223 -15.46 -36.58 20.74
N LYS E 224 -15.61 -35.30 20.37
CA LYS E 224 -16.93 -34.79 20.01
C LYS E 224 -17.37 -35.15 18.59
N VAL E 225 -16.42 -35.42 17.71
CA VAL E 225 -16.76 -35.75 16.33
C VAL E 225 -16.84 -37.25 16.07
N GLY E 226 -15.96 -37.99 16.72
CA GLY E 226 -15.94 -39.44 16.54
C GLY E 226 -15.58 -39.81 15.12
N GLN E 227 -16.34 -40.73 14.54
CA GLN E 227 -16.10 -41.17 13.18
C GLN E 227 -17.23 -40.76 12.24
N ARG E 228 -18.10 -39.88 12.71
CA ARG E 228 -19.22 -39.41 11.89
C ARG E 228 -18.64 -38.59 10.73
N PRO E 229 -19.36 -38.55 9.59
CA PRO E 229 -18.84 -37.77 8.45
C PRO E 229 -18.76 -36.30 8.91
N VAL E 230 -17.59 -35.69 8.76
CA VAL E 230 -17.40 -34.32 9.21
C VAL E 230 -17.04 -33.29 8.16
N TYR E 231 -17.59 -32.09 8.31
CA TYR E 231 -17.34 -30.98 7.42
C TYR E 231 -16.47 -29.98 8.20
N VAL E 232 -15.31 -29.63 7.65
CA VAL E 232 -14.39 -28.70 8.31
C VAL E 232 -14.44 -27.34 7.61
N SER E 233 -15.02 -26.36 8.31
CA SER E 233 -15.17 -25.02 7.78
C SER E 233 -14.22 -24.07 8.50
N VAL E 234 -13.34 -23.43 7.74
CA VAL E 234 -12.38 -22.51 8.32
C VAL E 234 -12.55 -21.06 7.87
N ASP E 235 -12.83 -20.18 8.83
CA ASP E 235 -12.94 -18.75 8.55
C ASP E 235 -11.53 -18.22 8.80
N ILE E 236 -10.94 -17.62 7.78
CA ILE E 236 -9.58 -17.10 7.90
C ILE E 236 -9.38 -16.15 9.09
N ASP E 237 -10.44 -15.45 9.50
CA ASP E 237 -10.28 -14.53 10.63
C ASP E 237 -10.12 -15.22 11.99
N VAL E 238 -9.97 -16.53 11.98
CA VAL E 238 -9.79 -17.28 13.22
C VAL E 238 -8.39 -16.94 13.75
N VAL E 239 -7.43 -16.73 12.85
CA VAL E 239 -6.08 -16.37 13.27
C VAL E 239 -6.05 -14.87 13.50
N ASP E 240 -5.14 -14.43 14.37
CA ASP E 240 -5.02 -13.02 14.66
C ASP E 240 -4.80 -12.19 13.38
N PRO E 241 -5.37 -10.98 13.33
CA PRO E 241 -5.26 -10.07 12.20
C PRO E 241 -3.80 -9.90 11.71
N ALA E 242 -2.84 -10.09 12.61
CA ALA E 242 -1.43 -9.97 12.22
C ALA E 242 -1.08 -11.03 11.17
N PHE E 243 -1.63 -12.23 11.32
CA PHE E 243 -1.37 -13.31 10.37
C PHE E 243 -2.35 -13.30 9.19
N ALA E 244 -3.54 -12.74 9.39
CA ALA E 244 -4.52 -12.69 8.30
C ALA E 244 -5.23 -11.34 8.28
N PRO E 245 -4.52 -10.28 7.87
CA PRO E 245 -5.12 -8.95 7.82
C PRO E 245 -6.14 -8.80 6.67
N GLY E 246 -6.04 -9.68 5.69
CA GLY E 246 -6.95 -9.62 4.54
C GLY E 246 -8.27 -10.34 4.76
N THR E 247 -9.11 -9.75 5.60
CA THR E 247 -10.40 -10.34 5.89
C THR E 247 -11.41 -9.26 6.26
N GLY E 248 -12.70 -9.58 6.09
CA GLY E 248 -13.77 -8.61 6.35
C GLY E 248 -14.05 -8.16 7.78
N THR E 249 -13.90 -9.03 8.75
CA THR E 249 -14.17 -8.65 10.14
C THR E 249 -13.06 -9.12 11.08
N PRO E 250 -11.90 -8.42 11.05
CA PRO E 250 -10.77 -8.78 11.92
C PRO E 250 -11.15 -8.73 13.39
N ALA E 251 -10.55 -9.62 14.18
CA ALA E 251 -10.80 -9.66 15.61
C ALA E 251 -9.47 -9.88 16.34
N PRO E 252 -8.92 -8.83 16.96
CA PRO E 252 -7.65 -8.86 17.70
C PRO E 252 -7.56 -10.01 18.71
N GLY E 253 -6.34 -10.42 19.02
CA GLY E 253 -6.10 -11.48 19.98
C GLY E 253 -6.46 -12.87 19.49
N GLY E 254 -6.16 -13.15 18.22
CA GLY E 254 -6.48 -14.44 17.65
C GLY E 254 -5.35 -15.46 17.72
N LEU E 255 -5.60 -16.64 17.16
CA LEU E 255 -4.60 -17.70 17.15
C LEU E 255 -3.42 -17.41 16.24
N LEU E 256 -2.32 -18.09 16.49
CA LEU E 256 -1.13 -17.96 15.67
C LEU E 256 -1.34 -18.87 14.47
N SER E 257 -0.68 -18.57 13.36
CA SER E 257 -0.79 -19.40 12.17
C SER E 257 -0.41 -20.83 12.47
N ARG E 258 0.71 -21.01 13.16
CA ARG E 258 1.16 -22.36 13.46
C ARG E 258 0.17 -23.13 14.33
N GLU E 259 -0.53 -22.44 15.23
CA GLU E 259 -1.50 -23.10 16.09
C GLU E 259 -2.62 -23.71 15.28
N VAL E 260 -3.15 -22.95 14.33
CA VAL E 260 -4.23 -23.43 13.50
C VAL E 260 -3.79 -24.57 12.60
N LEU E 261 -2.62 -24.41 11.97
CA LEU E 261 -2.12 -25.44 11.08
C LEU E 261 -1.84 -26.73 11.85
N ALA E 262 -1.30 -26.60 13.06
CA ALA E 262 -1.00 -27.76 13.89
C ALA E 262 -2.30 -28.46 14.29
N LEU E 263 -3.30 -27.66 14.66
CA LEU E 263 -4.59 -28.21 15.07
C LEU E 263 -5.24 -29.03 13.96
N LEU E 264 -5.22 -28.50 12.73
CA LEU E 264 -5.83 -29.18 11.59
C LEU E 264 -5.25 -30.57 11.31
N ARG E 265 -4.13 -30.89 11.94
CA ARG E 265 -3.53 -32.20 11.73
C ARG E 265 -4.46 -33.31 12.25
N CYS E 266 -5.31 -33.00 13.21
CA CYS E 266 -6.21 -34.01 13.77
C CYS E 266 -7.31 -34.45 12.80
N VAL E 267 -7.51 -33.67 11.74
CA VAL E 267 -8.51 -33.99 10.74
C VAL E 267 -8.23 -35.38 10.14
N GLY E 268 -6.96 -35.74 10.06
CA GLY E 268 -6.58 -37.02 9.51
C GLY E 268 -7.09 -38.20 10.33
N ASP E 269 -7.50 -37.92 11.57
CA ASP E 269 -8.01 -38.96 12.45
C ASP E 269 -9.54 -39.04 12.37
N LEU E 270 -10.12 -38.28 11.45
CA LEU E 270 -11.57 -38.25 11.30
C LEU E 270 -11.99 -38.74 9.92
N LYS E 271 -13.25 -38.51 9.57
CA LYS E 271 -13.77 -38.92 8.27
C LYS E 271 -14.34 -37.67 7.58
N PRO E 272 -13.44 -36.79 7.09
CA PRO E 272 -13.83 -35.54 6.41
C PRO E 272 -14.54 -35.80 5.10
N VAL E 273 -15.66 -35.12 4.90
CA VAL E 273 -16.42 -35.27 3.65
C VAL E 273 -16.53 -33.95 2.91
N GLY E 274 -15.79 -32.95 3.39
CA GLY E 274 -15.80 -31.64 2.76
C GLY E 274 -15.21 -30.56 3.65
N PHE E 275 -14.70 -29.51 3.02
CA PHE E 275 -14.15 -28.40 3.78
C PHE E 275 -14.09 -27.12 2.97
N ASP E 276 -13.90 -26.01 3.67
CA ASP E 276 -13.79 -24.72 3.01
C ASP E 276 -12.89 -23.77 3.81
N VAL E 277 -12.39 -22.75 3.12
CA VAL E 277 -11.55 -21.70 3.70
C VAL E 277 -12.18 -20.41 3.20
N MET E 278 -12.80 -19.67 4.10
CA MET E 278 -13.52 -18.48 3.74
C MET E 278 -13.07 -17.14 4.33
N GLU E 279 -13.69 -16.08 3.83
CA GLU E 279 -13.49 -14.71 4.27
C GLU E 279 -12.17 -14.01 3.88
N VAL E 280 -11.40 -14.62 3.00
CA VAL E 280 -10.19 -13.94 2.58
C VAL E 280 -10.60 -12.76 1.69
N SER E 281 -10.21 -11.54 2.09
CA SER E 281 -10.48 -10.33 1.31
C SER E 281 -9.13 -9.70 0.97
N PRO E 282 -8.59 -10.03 -0.21
CA PRO E 282 -7.30 -9.57 -0.74
C PRO E 282 -6.95 -8.09 -0.62
N LEU E 283 -7.91 -7.20 -0.84
CA LEU E 283 -7.63 -5.77 -0.77
C LEU E 283 -7.05 -5.32 0.56
N TYR E 284 -7.45 -5.96 1.64
CA TYR E 284 -6.95 -5.60 2.96
C TYR E 284 -5.71 -6.40 3.33
N ASP E 285 -5.25 -7.27 2.45
CA ASP E 285 -4.10 -8.12 2.74
C ASP E 285 -2.80 -7.34 2.60
N HIS E 286 -1.77 -7.78 3.31
CA HIS E 286 -0.46 -7.13 3.25
C HIS E 286 0.58 -8.20 2.82
N GLY E 287 1.22 -7.97 1.68
CA GLY E 287 2.22 -8.91 1.17
C GLY E 287 1.65 -10.26 0.77
N GLY E 288 0.33 -10.31 0.61
CA GLY E 288 -0.36 -11.53 0.23
C GLY E 288 -0.24 -12.62 1.28
N ILE E 289 0.19 -12.27 2.48
CA ILE E 289 0.36 -13.29 3.52
C ILE E 289 -0.92 -14.00 3.92
N THR E 290 -2.07 -13.35 3.73
CA THR E 290 -3.33 -13.96 4.10
C THR E 290 -3.69 -15.05 3.11
N SER E 291 -3.51 -14.76 1.83
CA SER E 291 -3.79 -15.71 0.77
C SER E 291 -2.83 -16.89 0.87
N ILE E 292 -1.57 -16.62 1.20
CA ILE E 292 -0.58 -17.68 1.33
C ILE E 292 -0.98 -18.60 2.48
N LEU E 293 -1.41 -18.02 3.59
CA LEU E 293 -1.83 -18.82 4.74
C LEU E 293 -3.05 -19.64 4.34
N ALA E 294 -4.02 -18.98 3.72
CA ALA E 294 -5.24 -19.66 3.29
C ALA E 294 -4.85 -20.85 2.44
N THR E 295 -3.84 -20.68 1.59
CA THR E 295 -3.41 -21.78 0.72
C THR E 295 -2.86 -22.92 1.55
N GLU E 296 -1.97 -22.59 2.48
CA GLU E 296 -1.37 -23.59 3.35
C GLU E 296 -2.45 -24.37 4.11
N ILE E 297 -3.48 -23.67 4.54
CA ILE E 297 -4.57 -24.31 5.28
C ILE E 297 -5.28 -25.31 4.36
N GLY E 298 -5.54 -24.90 3.12
CA GLY E 298 -6.20 -25.79 2.18
C GLY E 298 -5.33 -27.01 1.92
N ALA E 299 -4.03 -26.80 1.81
CA ALA E 299 -3.10 -27.89 1.55
C ALA E 299 -3.12 -28.89 2.69
N GLU E 300 -3.12 -28.39 3.92
CA GLU E 300 -3.13 -29.26 5.09
C GLU E 300 -4.41 -30.09 5.14
N LEU E 301 -5.55 -29.48 4.79
CA LEU E 301 -6.82 -30.20 4.79
C LEU E 301 -6.80 -31.29 3.72
N LEU E 302 -6.30 -30.96 2.53
CA LEU E 302 -6.22 -31.93 1.45
C LEU E 302 -5.36 -33.10 1.87
N TYR E 303 -4.22 -32.81 2.52
CA TYR E 303 -3.35 -33.88 2.96
C TYR E 303 -4.02 -34.74 4.02
N GLN E 304 -4.70 -34.09 4.97
CA GLN E 304 -5.38 -34.83 6.03
C GLN E 304 -6.50 -35.69 5.47
N TYR E 305 -7.09 -35.25 4.38
CA TYR E 305 -8.15 -36.03 3.74
C TYR E 305 -7.51 -37.34 3.29
N ALA E 306 -6.37 -37.23 2.61
CA ALA E 306 -5.65 -38.39 2.12
C ALA E 306 -5.27 -39.31 3.27
N ARG E 307 -4.74 -38.74 4.36
CA ARG E 307 -4.35 -39.56 5.49
C ARG E 307 -5.54 -40.30 6.09
N ALA E 308 -6.69 -39.64 6.10
CA ALA E 308 -7.89 -40.24 6.66
C ALA E 308 -8.48 -41.35 5.78
N HIS E 309 -8.07 -41.40 4.52
CA HIS E 309 -8.57 -42.42 3.60
C HIS E 309 -7.45 -43.22 2.93
N SER F 9 20.70 15.28 17.43
CA SER F 9 20.69 14.97 15.98
C SER F 9 19.77 13.80 15.64
N PRO F 10 18.65 14.08 14.95
CA PRO F 10 17.67 13.07 14.56
C PRO F 10 18.27 11.86 13.84
N ARG F 11 17.77 10.68 14.17
CA ARG F 11 18.28 9.45 13.57
C ARG F 11 17.87 9.23 12.12
N TYR F 12 16.92 10.03 11.63
CA TYR F 12 16.49 9.92 10.25
C TYR F 12 17.23 10.97 9.40
N ALA F 13 18.13 11.71 10.03
CA ALA F 13 18.91 12.73 9.33
C ALA F 13 20.25 12.12 8.92
N GLN F 14 20.84 12.69 7.86
CA GLN F 14 22.13 12.21 7.33
C GLN F 14 21.99 10.95 6.50
N ILE F 15 22.93 10.76 5.57
CA ILE F 15 22.93 9.61 4.70
C ILE F 15 22.93 8.36 5.58
N PRO F 16 21.98 7.46 5.35
CA PRO F 16 21.81 6.23 6.12
C PRO F 16 22.86 5.13 5.97
N THR F 17 23.38 4.68 7.10
CA THR F 17 24.35 3.58 7.13
C THR F 17 23.74 2.58 8.11
N PHE F 18 24.23 1.35 8.12
CA PHE F 18 23.67 0.37 9.04
C PHE F 18 23.85 0.83 10.48
N MET F 19 22.74 1.04 11.17
CA MET F 19 22.77 1.47 12.56
C MET F 19 23.60 2.75 12.73
N ARG F 20 23.62 3.57 11.69
CA ARG F 20 24.34 4.83 11.71
C ARG F 20 25.85 4.70 12.01
N LEU F 21 26.43 3.56 11.64
CA LEU F 21 27.86 3.32 11.86
C LEU F 21 28.60 4.19 10.87
N PRO F 22 29.89 4.44 11.11
CA PRO F 22 30.68 5.26 10.19
C PRO F 22 30.75 4.53 8.84
N HIS F 23 31.02 5.28 7.77
CA HIS F 23 31.11 4.69 6.44
C HIS F 23 32.57 4.65 5.98
N ASP F 24 32.96 3.53 5.39
CA ASP F 24 34.32 3.35 4.90
C ASP F 24 34.31 2.23 3.86
N PRO F 25 34.30 2.60 2.57
CA PRO F 25 34.29 1.65 1.45
C PRO F 25 35.49 0.72 1.41
N GLN F 26 36.61 1.13 2.01
CA GLN F 26 37.80 0.30 2.03
C GLN F 26 38.27 0.19 3.48
N PRO F 27 37.47 -0.48 4.32
CA PRO F 27 37.77 -0.67 5.74
C PRO F 27 39.02 -1.50 6.03
N ARG F 28 39.74 -1.11 7.07
CA ARG F 28 40.94 -1.85 7.47
C ARG F 28 41.11 -1.75 8.98
N GLY F 29 41.31 -2.89 9.63
CA GLY F 29 41.49 -2.90 11.06
C GLY F 29 40.27 -3.06 11.97
N TYR F 30 39.09 -3.27 11.40
CA TYR F 30 37.90 -3.40 12.23
C TYR F 30 37.62 -4.85 12.61
N ASP F 31 36.80 -5.02 13.66
CA ASP F 31 36.44 -6.34 14.14
C ASP F 31 35.36 -6.94 13.24
N VAL F 32 34.33 -6.15 12.95
CA VAL F 32 33.25 -6.61 12.09
C VAL F 32 32.84 -5.52 11.11
N VAL F 33 32.84 -5.88 9.83
CA VAL F 33 32.46 -4.95 8.77
C VAL F 33 31.06 -5.33 8.27
N VAL F 34 30.17 -4.34 8.19
CA VAL F 34 28.83 -4.59 7.69
C VAL F 34 28.93 -4.32 6.19
N ILE F 35 28.58 -5.33 5.39
CA ILE F 35 28.67 -5.21 3.94
C ILE F 35 27.34 -5.57 3.27
N GLY F 36 26.91 -4.71 2.35
CA GLY F 36 25.67 -4.94 1.64
C GLY F 36 25.85 -5.71 0.35
N ALA F 37 24.88 -6.58 0.06
CA ALA F 37 24.90 -7.40 -1.15
C ALA F 37 23.56 -7.21 -1.86
N PRO F 38 23.38 -6.08 -2.55
CA PRO F 38 22.14 -5.76 -3.27
C PRO F 38 21.97 -6.60 -4.53
N TYR F 39 21.50 -7.82 -4.35
CA TYR F 39 21.34 -8.75 -5.46
C TYR F 39 20.21 -9.76 -5.23
N ASP F 40 19.45 -10.05 -6.29
CA ASP F 40 18.36 -11.02 -6.16
C ASP F 40 18.33 -11.97 -7.35
N GLY F 41 19.46 -12.04 -8.06
CA GLY F 41 19.57 -12.90 -9.22
C GLY F 41 19.35 -14.38 -8.91
N GLY F 42 19.37 -14.73 -7.64
CA GLY F 42 19.12 -16.12 -7.26
C GLY F 42 17.68 -16.42 -6.84
N THR F 43 16.84 -15.40 -6.73
CA THR F 43 15.44 -15.61 -6.32
C THR F 43 14.64 -16.41 -7.33
N SER F 44 13.91 -17.42 -6.87
CA SER F 44 13.12 -18.26 -7.76
C SER F 44 11.67 -17.82 -7.89
N TYR F 45 11.21 -16.98 -6.97
CA TYR F 45 9.83 -16.53 -7.01
C TYR F 45 9.76 -15.00 -7.07
N ARG F 46 9.60 -14.36 -5.91
CA ARG F 46 9.54 -12.91 -5.86
C ARG F 46 10.93 -12.30 -5.83
N PRO F 47 11.20 -11.34 -6.73
CA PRO F 47 12.52 -10.69 -6.74
C PRO F 47 12.40 -9.49 -5.80
N GLY F 48 13.41 -8.63 -5.78
CA GLY F 48 13.33 -7.47 -4.92
C GLY F 48 14.32 -7.43 -3.77
N ALA F 49 14.93 -8.57 -3.47
CA ALA F 49 15.90 -8.61 -2.39
C ALA F 49 17.10 -7.69 -2.71
N ARG F 50 17.22 -7.24 -3.95
CA ARG F 50 18.31 -6.35 -4.31
C ARG F 50 18.19 -5.01 -3.57
N PHE F 51 16.99 -4.70 -3.08
CA PHE F 51 16.79 -3.45 -2.34
C PHE F 51 16.87 -3.66 -0.84
N GLY F 52 17.08 -4.91 -0.44
CA GLY F 52 17.18 -5.22 0.97
C GLY F 52 18.17 -4.36 1.73
N PRO F 53 19.44 -4.29 1.28
CA PRO F 53 20.48 -3.49 1.97
C PRO F 53 20.08 -2.03 2.18
N GLN F 54 19.51 -1.44 1.15
CA GLN F 54 19.08 -0.06 1.21
C GLN F 54 17.95 0.14 2.24
N ALA F 55 16.93 -0.71 2.19
CA ALA F 55 15.80 -0.62 3.11
C ALA F 55 16.22 -0.88 4.54
N ILE F 56 17.04 -1.89 4.74
CA ILE F 56 17.51 -2.22 6.07
C ILE F 56 18.31 -1.05 6.65
N ARG F 57 19.17 -0.43 5.84
CA ARG F 57 19.95 0.71 6.33
C ARG F 57 19.04 1.85 6.70
N SER F 58 18.06 2.11 5.85
CA SER F 58 17.12 3.19 6.06
C SER F 58 16.38 3.12 7.40
N GLU F 59 15.88 1.95 7.75
CA GLU F 59 15.12 1.75 8.98
C GLU F 59 16.00 1.52 10.21
N SER F 60 17.27 1.20 9.99
CA SER F 60 18.18 0.92 11.10
C SER F 60 18.41 2.12 12.02
N GLY F 61 17.89 3.27 11.64
CA GLY F 61 18.06 4.45 12.48
C GLY F 61 17.48 4.29 13.87
N LEU F 62 16.49 3.41 13.99
CA LEU F 62 15.81 3.15 15.27
C LEU F 62 16.57 2.23 16.21
N ILE F 63 17.54 1.50 15.67
CA ILE F 63 18.30 0.56 16.48
C ILE F 63 19.72 1.03 16.81
N HIS F 64 20.06 1.08 18.10
CA HIS F 64 21.40 1.49 18.55
C HIS F 64 22.15 0.23 18.98
N GLY F 65 23.36 0.40 19.51
CA GLY F 65 24.11 -0.76 19.97
C GLY F 65 23.89 -1.05 21.44
N VAL F 66 23.39 -0.05 22.17
CA VAL F 66 23.13 -0.16 23.60
C VAL F 66 21.87 -0.95 23.88
N GLY F 67 22.03 -2.19 24.34
CA GLY F 67 20.85 -3.00 24.64
C GLY F 67 20.15 -2.51 25.89
N ILE F 68 19.62 -3.45 26.67
CA ILE F 68 18.96 -3.09 27.92
C ILE F 68 19.54 -3.96 29.02
N ASP F 69 20.09 -3.32 30.04
CA ASP F 69 20.69 -4.04 31.16
C ASP F 69 21.85 -4.89 30.67
N ARG F 70 22.40 -4.51 29.51
CA ARG F 70 23.53 -5.21 28.93
C ARG F 70 24.75 -4.37 29.35
N GLY F 71 25.91 -4.63 28.78
CA GLY F 71 27.06 -3.84 29.16
C GLY F 71 27.03 -2.41 28.66
N PRO F 72 28.20 -1.88 28.26
CA PRO F 72 28.39 -0.52 27.75
C PRO F 72 27.83 -0.30 26.33
N GLY F 73 27.43 -1.38 25.66
CA GLY F 73 26.91 -1.22 24.32
C GLY F 73 27.88 -1.78 23.30
N THR F 74 27.35 -2.52 22.34
CA THR F 74 28.13 -3.18 21.30
C THR F 74 29.28 -2.39 20.68
N PHE F 75 29.01 -1.16 20.26
CA PHE F 75 30.01 -0.35 19.61
C PHE F 75 31.14 0.24 20.45
N ASP F 76 31.12 -0.02 21.76
CA ASP F 76 32.18 0.45 22.63
C ASP F 76 33.06 -0.75 22.94
N LEU F 77 32.55 -1.94 22.63
CA LEU F 77 33.26 -3.19 22.86
C LEU F 77 34.04 -3.63 21.64
N ILE F 78 33.48 -3.37 20.45
CA ILE F 78 34.14 -3.73 19.20
C ILE F 78 34.05 -2.59 18.18
N ASN F 79 34.91 -2.64 17.17
CA ASN F 79 34.93 -1.61 16.13
C ASN F 79 34.26 -2.13 14.87
N CYS F 80 33.14 -1.51 14.50
CA CYS F 80 32.39 -1.90 13.32
C CYS F 80 32.27 -0.74 12.37
N VAL F 81 31.96 -1.04 11.12
CA VAL F 81 31.83 0.00 10.12
C VAL F 81 30.94 -0.48 8.98
N ASP F 82 30.37 0.47 8.25
CA ASP F 82 29.53 0.15 7.11
C ASP F 82 30.40 0.34 5.87
N ALA F 83 30.76 -0.76 5.21
CA ALA F 83 31.62 -0.70 4.03
C ALA F 83 30.89 -0.48 2.72
N GLY F 84 29.62 -0.09 2.78
CA GLY F 84 28.84 0.12 1.57
C GLY F 84 28.44 -1.22 0.99
N ASP F 85 28.25 -1.29 -0.33
CA ASP F 85 27.83 -2.53 -0.97
C ASP F 85 28.83 -3.13 -1.94
N ILE F 86 28.59 -4.39 -2.29
CA ILE F 86 29.42 -5.09 -3.27
C ILE F 86 28.76 -4.76 -4.60
N ASN F 87 29.53 -4.38 -5.62
CA ASN F 87 28.90 -4.09 -6.91
C ASN F 87 28.53 -5.40 -7.60
N LEU F 88 27.34 -5.89 -7.31
CA LEU F 88 26.84 -7.14 -7.87
C LEU F 88 25.94 -6.87 -9.06
N THR F 89 26.29 -7.47 -10.18
CA THR F 89 25.51 -7.30 -11.40
C THR F 89 24.20 -8.07 -11.31
N PRO F 90 23.13 -7.49 -11.88
CA PRO F 90 21.83 -8.15 -11.85
C PRO F 90 21.63 -8.96 -13.14
N PHE F 91 22.65 -8.99 -13.99
CA PHE F 91 22.55 -9.68 -15.27
C PHE F 91 23.20 -11.05 -15.40
N ASP F 92 24.07 -11.42 -14.46
CA ASP F 92 24.73 -12.71 -14.54
C ASP F 92 25.05 -13.32 -13.18
N MET F 93 24.30 -14.37 -12.88
CA MET F 93 24.41 -15.12 -11.65
C MET F 93 25.84 -15.52 -11.28
N ASN F 94 26.52 -16.21 -12.18
CA ASN F 94 27.88 -16.68 -11.94
C ASN F 94 28.89 -15.55 -11.70
N ILE F 95 28.77 -14.48 -12.46
CA ILE F 95 29.66 -13.33 -12.28
C ILE F 95 29.43 -12.65 -10.94
N ALA F 96 28.17 -12.54 -10.52
CA ALA F 96 27.86 -11.90 -9.25
C ALA F 96 28.41 -12.68 -8.06
N ILE F 97 28.28 -14.00 -8.11
CA ILE F 97 28.78 -14.82 -7.02
C ILE F 97 30.30 -14.69 -6.89
N ASP F 98 31.00 -14.68 -8.03
CA ASP F 98 32.46 -14.55 -7.99
C ASP F 98 32.88 -13.19 -7.46
N THR F 99 32.18 -12.14 -7.90
CA THR F 99 32.46 -10.80 -7.44
C THR F 99 32.25 -10.72 -5.93
N ALA F 100 31.20 -11.38 -5.46
CA ALA F 100 30.88 -11.39 -4.04
C ALA F 100 32.00 -12.06 -3.26
N GLN F 101 32.43 -13.23 -3.71
CA GLN F 101 33.49 -13.98 -3.05
C GLN F 101 34.76 -13.14 -2.96
N SER F 102 35.13 -12.55 -4.09
CA SER F 102 36.30 -11.71 -4.18
C SER F 102 36.26 -10.53 -3.20
N HIS F 103 35.13 -9.83 -3.18
CA HIS F 103 34.95 -8.69 -2.32
C HIS F 103 34.96 -9.08 -0.85
N LEU F 104 34.27 -10.16 -0.52
CA LEU F 104 34.22 -10.63 0.87
C LEU F 104 35.59 -11.10 1.34
N SER F 105 36.33 -11.76 0.47
CA SER F 105 37.67 -12.23 0.81
C SER F 105 38.55 -11.01 1.06
N GLY F 106 38.39 -10.00 0.21
CA GLY F 106 39.16 -8.78 0.38
C GLY F 106 38.97 -8.19 1.76
N LEU F 107 37.73 -8.15 2.22
CA LEU F 107 37.41 -7.61 3.53
C LEU F 107 38.11 -8.37 4.66
N LEU F 108 38.13 -9.69 4.55
CA LEU F 108 38.75 -10.51 5.58
C LEU F 108 40.27 -10.39 5.61
N LYS F 109 40.85 -9.85 4.54
CA LYS F 109 42.30 -9.71 4.51
C LYS F 109 42.75 -8.63 5.50
N ALA F 110 41.88 -7.68 5.83
CA ALA F 110 42.24 -6.61 6.76
C ALA F 110 41.29 -6.39 7.94
N ASN F 111 40.27 -7.25 8.05
CA ASN F 111 39.31 -7.12 9.14
C ASN F 111 38.99 -8.51 9.65
N ALA F 112 38.62 -8.60 10.93
CA ALA F 112 38.31 -9.89 11.55
C ALA F 112 37.15 -10.67 10.91
N ALA F 113 36.01 -10.01 10.76
CA ALA F 113 34.85 -10.67 10.17
C ALA F 113 33.88 -9.66 9.58
N PHE F 114 32.84 -10.17 8.95
CA PHE F 114 31.83 -9.31 8.34
C PHE F 114 30.41 -9.78 8.65
N LEU F 115 29.46 -8.88 8.43
CA LEU F 115 28.05 -9.14 8.60
C LEU F 115 27.45 -8.74 7.26
N MET F 116 27.03 -9.74 6.48
CA MET F 116 26.46 -9.46 5.17
C MET F 116 24.95 -9.25 5.26
N ILE F 117 24.52 -8.06 4.85
CA ILE F 117 23.12 -7.67 4.83
C ILE F 117 22.84 -7.76 3.35
N GLY F 118 22.05 -8.74 2.94
CA GLY F 118 21.91 -8.80 1.51
C GLY F 118 20.61 -8.93 0.79
N GLY F 119 20.78 -9.67 -0.30
CA GLY F 119 19.73 -10.01 -1.21
C GLY F 119 19.44 -11.46 -0.91
N ASP F 120 19.19 -12.25 -1.95
CA ASP F 120 18.83 -13.63 -1.74
C ASP F 120 19.92 -14.49 -1.11
N HIS F 121 19.48 -15.60 -0.55
CA HIS F 121 20.37 -16.52 0.15
C HIS F 121 21.46 -17.19 -0.68
N SER F 122 21.37 -17.12 -2.01
CA SER F 122 22.38 -17.75 -2.83
C SER F 122 23.78 -17.16 -2.56
N LEU F 123 23.81 -15.86 -2.26
CA LEU F 123 25.08 -15.17 -1.98
C LEU F 123 25.88 -15.76 -0.84
N THR F 124 25.24 -16.53 0.04
CA THR F 124 25.94 -17.11 1.17
C THR F 124 27.05 -18.08 0.79
N VAL F 125 26.97 -18.67 -0.41
CA VAL F 125 28.01 -19.58 -0.85
C VAL F 125 29.32 -18.82 -1.01
N ALA F 126 29.21 -17.56 -1.42
CA ALA F 126 30.38 -16.71 -1.61
C ALA F 126 30.98 -16.37 -0.25
N ALA F 127 30.13 -16.15 0.75
CA ALA F 127 30.61 -15.83 2.08
C ALA F 127 31.28 -17.05 2.69
N LEU F 128 30.69 -18.22 2.51
CA LEU F 128 31.25 -19.45 3.06
C LEU F 128 32.62 -19.72 2.45
N ARG F 129 32.78 -19.46 1.16
CA ARG F 129 34.07 -19.67 0.52
C ARG F 129 35.12 -18.73 1.10
N ALA F 130 34.74 -17.47 1.26
CA ALA F 130 35.66 -16.46 1.81
C ALA F 130 36.05 -16.76 3.25
N VAL F 131 35.07 -17.12 4.08
CA VAL F 131 35.35 -17.42 5.48
C VAL F 131 36.10 -18.73 5.65
N ALA F 132 35.71 -19.75 4.90
CA ALA F 132 36.37 -21.06 4.99
C ALA F 132 37.84 -20.95 4.57
N GLU F 133 38.14 -20.06 3.63
CA GLU F 133 39.50 -19.87 3.18
C GLU F 133 40.40 -19.39 4.32
N GLN F 134 39.81 -18.74 5.32
CA GLN F 134 40.60 -18.22 6.42
C GLN F 134 40.48 -19.00 7.73
N HIS F 135 39.53 -19.92 7.83
CA HIS F 135 39.33 -20.67 9.06
C HIS F 135 39.25 -22.17 8.86
N GLY F 136 39.10 -22.59 7.61
CA GLY F 136 38.97 -24.02 7.32
C GLY F 136 37.51 -24.43 7.41
N PRO F 137 37.20 -25.74 7.28
CA PRO F 137 35.82 -26.24 7.36
C PRO F 137 35.08 -25.57 8.51
N LEU F 138 33.91 -25.03 8.22
CA LEU F 138 33.13 -24.30 9.20
C LEU F 138 31.92 -25.01 9.80
N ALA F 139 31.60 -24.61 11.03
CA ALA F 139 30.44 -25.11 11.74
C ALA F 139 29.38 -24.10 11.29
N VAL F 140 28.14 -24.53 11.19
CA VAL F 140 27.10 -23.62 10.74
C VAL F 140 25.80 -23.66 11.54
N VAL F 141 25.26 -22.48 11.77
CA VAL F 141 23.98 -22.32 12.43
C VAL F 141 23.17 -21.58 11.37
N HIS F 142 22.18 -22.27 10.81
CA HIS F 142 21.36 -21.75 9.73
C HIS F 142 19.89 -21.61 10.15
N LEU F 143 19.36 -20.39 10.13
CA LEU F 143 17.95 -20.16 10.47
C LEU F 143 17.22 -19.90 9.16
N ASP F 144 16.26 -20.75 8.83
CA ASP F 144 15.57 -20.64 7.56
C ASP F 144 14.30 -21.49 7.59
N ALA F 145 13.33 -21.13 6.74
CA ALA F 145 12.10 -21.90 6.64
C ALA F 145 12.37 -23.05 5.66
N HIS F 146 13.43 -22.91 4.88
CA HIS F 146 13.83 -23.90 3.87
C HIS F 146 15.26 -24.38 4.09
N SER F 147 15.50 -25.65 3.78
CA SER F 147 16.82 -26.25 3.93
C SER F 147 17.94 -25.65 3.07
N ASP F 148 17.59 -25.15 1.89
CA ASP F 148 18.56 -24.55 0.97
C ASP F 148 19.73 -25.51 0.67
N THR F 149 19.40 -26.79 0.53
CA THR F 149 20.39 -27.82 0.22
C THR F 149 19.93 -28.57 -1.03
N ASN F 150 19.25 -27.86 -1.92
CA ASN F 150 18.74 -28.45 -3.15
C ASN F 150 19.80 -28.47 -4.24
N PRO F 151 19.62 -29.38 -5.21
CA PRO F 151 20.55 -29.52 -6.34
C PRO F 151 20.57 -28.31 -7.26
N ALA F 152 21.73 -27.99 -7.79
CA ALA F 152 21.85 -26.89 -8.72
C ALA F 152 21.53 -27.51 -10.08
N PHE F 153 21.56 -26.69 -11.13
CA PHE F 153 21.31 -27.19 -12.49
C PHE F 153 21.84 -26.24 -13.54
N TYR F 154 21.89 -26.70 -14.79
CA TYR F 154 22.42 -25.86 -15.87
C TYR F 154 21.55 -24.64 -16.07
N GLY F 155 22.21 -23.49 -16.15
CA GLY F 155 21.49 -22.25 -16.33
C GLY F 155 20.90 -21.80 -15.01
N GLY F 156 21.34 -22.43 -13.93
CA GLY F 156 20.85 -22.08 -12.60
C GLY F 156 21.70 -22.70 -11.53
N ARG F 157 23.02 -22.57 -11.65
CA ARG F 157 23.94 -23.15 -10.69
C ARG F 157 23.83 -22.53 -9.29
N TYR F 158 23.44 -21.27 -9.22
CA TYR F 158 23.34 -20.62 -7.92
C TYR F 158 21.97 -20.03 -7.54
N HIS F 159 20.89 -20.81 -7.66
CA HIS F 159 19.61 -20.27 -7.24
C HIS F 159 19.63 -20.30 -5.72
N HIS F 160 18.89 -19.41 -5.08
CA HIS F 160 18.91 -19.32 -3.61
C HIS F 160 18.57 -20.59 -2.83
N GLY F 161 18.39 -21.70 -3.53
CA GLY F 161 18.10 -22.95 -2.84
C GLY F 161 19.32 -23.88 -2.76
N THR F 162 20.47 -23.40 -3.26
CA THR F 162 21.70 -24.17 -3.30
C THR F 162 22.88 -23.80 -2.40
N PRO F 163 22.84 -22.64 -1.72
CA PRO F 163 23.95 -22.23 -0.86
C PRO F 163 24.62 -23.29 0.03
N PHE F 164 23.84 -23.96 0.87
CA PHE F 164 24.43 -24.96 1.76
C PHE F 164 24.74 -26.31 1.11
N ARG F 165 24.25 -26.52 -0.11
CA ARG F 165 24.53 -27.74 -0.84
C ARG F 165 25.99 -27.60 -1.28
N HIS F 166 26.30 -26.44 -1.86
CA HIS F 166 27.63 -26.13 -2.32
C HIS F 166 28.59 -26.15 -1.14
N GLY F 167 28.15 -25.56 -0.02
CA GLY F 167 28.98 -25.49 1.17
C GLY F 167 29.46 -26.85 1.63
N ILE F 168 28.58 -27.83 1.61
CA ILE F 168 28.92 -29.18 2.01
C ILE F 168 29.76 -29.86 0.91
N ASP F 169 29.29 -29.79 -0.33
CA ASP F 169 30.01 -30.41 -1.45
C ASP F 169 31.43 -29.88 -1.56
N GLU F 170 31.61 -28.57 -1.35
CA GLU F 170 32.91 -27.96 -1.47
C GLU F 170 33.75 -28.06 -0.21
N LYS F 171 33.25 -28.78 0.78
CA LYS F 171 33.98 -28.95 2.04
C LYS F 171 34.20 -27.63 2.78
N LEU F 172 33.33 -26.65 2.55
CA LEU F 172 33.44 -25.35 3.22
C LEU F 172 32.78 -25.47 4.57
N ILE F 173 31.87 -26.43 4.68
CA ILE F 173 31.11 -26.68 5.90
C ILE F 173 31.35 -28.09 6.41
N ASP F 174 31.37 -28.25 7.73
CA ASP F 174 31.52 -29.57 8.32
C ASP F 174 30.08 -29.92 8.73
N PRO F 175 29.36 -30.67 7.87
CA PRO F 175 27.97 -31.08 8.13
C PRO F 175 27.69 -31.60 9.53
N ALA F 176 28.65 -32.32 10.09
CA ALA F 176 28.48 -32.87 11.44
C ALA F 176 28.38 -31.73 12.46
N ALA F 177 28.74 -30.53 12.03
CA ALA F 177 28.70 -29.38 12.91
C ALA F 177 27.77 -28.29 12.37
N MET F 178 26.74 -28.72 11.64
CA MET F 178 25.77 -27.80 11.08
C MET F 178 24.37 -28.07 11.60
N VAL F 179 23.69 -27.00 11.99
CA VAL F 179 22.33 -27.09 12.51
C VAL F 179 21.46 -26.05 11.84
N GLN F 180 20.35 -26.49 11.24
CA GLN F 180 19.43 -25.56 10.63
C GLN F 180 18.11 -25.65 11.36
N ILE F 181 17.63 -24.49 11.82
CA ILE F 181 16.39 -24.40 12.58
C ILE F 181 15.29 -23.64 11.86
N GLY F 182 14.05 -24.13 12.00
CA GLY F 182 12.89 -23.48 11.40
C GLY F 182 12.28 -24.11 10.17
N ILE F 183 12.87 -25.17 9.64
CA ILE F 183 12.36 -25.83 8.45
C ILE F 183 10.87 -26.17 8.58
N ARG F 184 10.10 -25.81 7.57
CA ARG F 184 8.66 -26.05 7.56
C ARG F 184 8.13 -25.90 6.14
N GLY F 185 6.84 -26.13 5.97
CA GLY F 185 6.24 -25.97 4.66
C GLY F 185 6.34 -27.16 3.73
N HIS F 186 6.96 -26.95 2.59
CA HIS F 186 7.05 -28.01 1.60
C HIS F 186 8.42 -28.18 0.97
N ASN F 187 8.84 -29.44 0.83
CA ASN F 187 10.12 -29.78 0.20
C ASN F 187 9.78 -29.90 -1.27
N PRO F 188 10.75 -29.66 -2.16
CA PRO F 188 10.43 -29.79 -3.59
C PRO F 188 10.12 -31.26 -3.94
N LYS F 189 10.73 -32.17 -3.19
CA LYS F 189 10.52 -33.62 -3.37
C LYS F 189 10.41 -34.22 -1.97
N PRO F 190 9.71 -35.35 -1.83
CA PRO F 190 9.54 -36.02 -0.52
C PRO F 190 10.81 -36.50 0.18
N ASP F 191 11.92 -36.62 -0.57
CA ASP F 191 13.16 -37.08 0.03
C ASP F 191 14.22 -35.98 0.05
N SER F 192 13.79 -34.74 -0.10
CA SER F 192 14.69 -33.59 -0.16
C SER F 192 15.65 -33.36 1.02
N LEU F 193 15.30 -33.83 2.21
CA LEU F 193 16.16 -33.65 3.37
C LEU F 193 17.13 -34.80 3.58
N ASP F 194 16.98 -35.86 2.80
CA ASP F 194 17.84 -37.02 2.92
C ASP F 194 19.30 -36.63 2.72
N TYR F 195 19.54 -35.72 1.78
CA TYR F 195 20.90 -35.24 1.50
C TYR F 195 21.56 -34.64 2.74
N ALA F 196 20.95 -33.60 3.29
CA ALA F 196 21.50 -32.93 4.46
C ALA F 196 21.70 -33.89 5.63
N ARG F 197 20.68 -34.71 5.90
CA ARG F 197 20.75 -35.64 7.00
C ARG F 197 21.79 -36.73 6.76
N GLY F 198 21.90 -37.17 5.52
CA GLY F 198 22.88 -38.20 5.18
C GLY F 198 24.29 -37.70 5.47
N HIS F 199 24.48 -36.39 5.36
CA HIS F 199 25.78 -35.78 5.60
C HIS F 199 25.98 -35.47 7.08
N GLY F 200 24.97 -35.72 7.89
CA GLY F 200 25.09 -35.47 9.31
C GLY F 200 24.58 -34.13 9.79
N VAL F 201 23.87 -33.40 8.92
CA VAL F 201 23.31 -32.11 9.30
C VAL F 201 22.12 -32.28 10.23
N ARG F 202 22.11 -31.55 11.34
CA ARG F 202 21.00 -31.65 12.27
C ARG F 202 19.89 -30.69 11.84
N VAL F 203 18.76 -31.26 11.46
CA VAL F 203 17.64 -30.45 11.03
C VAL F 203 16.60 -30.33 12.14
N VAL F 204 16.31 -29.10 12.53
CA VAL F 204 15.31 -28.82 13.56
C VAL F 204 14.17 -28.09 12.88
N THR F 205 13.08 -28.80 12.60
CA THR F 205 11.92 -28.20 11.94
C THR F 205 11.24 -27.21 12.88
N ALA F 206 10.41 -26.34 12.32
CA ALA F 206 9.70 -25.37 13.14
C ALA F 206 8.89 -26.15 14.18
N ASP F 207 8.39 -27.32 13.80
CA ASP F 207 7.61 -28.14 14.73
C ASP F 207 8.44 -28.58 15.92
N GLU F 208 9.60 -29.18 15.65
CA GLU F 208 10.47 -29.63 16.73
C GLU F 208 10.95 -28.45 17.56
N PHE F 209 11.17 -27.31 16.92
CA PHE F 209 11.61 -26.13 17.65
C PHE F 209 10.56 -25.80 18.72
N GLY F 210 9.30 -26.02 18.39
CA GLY F 210 8.23 -25.74 19.33
C GLY F 210 8.29 -26.67 20.53
N GLU F 211 8.68 -27.91 20.29
CA GLU F 211 8.79 -28.90 21.35
C GLU F 211 10.04 -28.60 22.21
N LEU F 212 11.17 -28.38 21.55
CA LEU F 212 12.42 -28.09 22.25
C LEU F 212 12.43 -26.76 22.99
N GLY F 213 11.80 -25.76 22.40
CA GLY F 213 11.78 -24.43 22.99
C GLY F 213 13.08 -23.72 22.66
N VAL F 214 13.19 -22.44 23.04
CA VAL F 214 14.39 -21.67 22.78
C VAL F 214 15.60 -22.26 23.50
N GLY F 215 15.45 -22.50 24.81
CA GLY F 215 16.54 -23.06 25.59
C GLY F 215 16.99 -24.41 25.07
N GLY F 216 16.04 -25.29 24.81
CA GLY F 216 16.38 -26.62 24.32
C GLY F 216 17.16 -26.55 23.02
N THR F 217 16.71 -25.69 22.12
CA THR F 217 17.38 -25.53 20.83
C THR F 217 18.76 -24.91 21.03
N ALA F 218 18.86 -23.97 21.98
CA ALA F 218 20.13 -23.31 22.26
C ALA F 218 21.15 -24.35 22.73
N ASP F 219 20.72 -25.27 23.58
CA ASP F 219 21.61 -26.31 24.08
C ASP F 219 22.06 -27.19 22.93
N LEU F 220 21.12 -27.52 22.05
CA LEU F 220 21.42 -28.36 20.90
C LEU F 220 22.46 -27.71 20.01
N ILE F 221 22.34 -26.40 19.82
CA ILE F 221 23.29 -25.67 18.98
C ILE F 221 24.67 -25.72 19.62
N ARG F 222 24.75 -25.37 20.89
CA ARG F 222 26.01 -25.37 21.62
C ARG F 222 26.68 -26.74 21.53
N GLU F 223 25.89 -27.81 21.71
CA GLU F 223 26.42 -29.15 21.66
C GLU F 223 26.89 -29.56 20.27
N LYS F 224 26.14 -29.22 19.23
CA LYS F 224 26.53 -29.59 17.87
C LYS F 224 27.62 -28.71 17.26
N VAL F 225 27.75 -27.47 17.73
CA VAL F 225 28.75 -26.56 17.19
C VAL F 225 30.04 -26.56 17.99
N GLY F 226 29.92 -26.69 19.31
CA GLY F 226 31.10 -26.70 20.15
C GLY F 226 31.83 -25.37 20.10
N GLN F 227 33.15 -25.42 19.93
CA GLN F 227 33.95 -24.20 19.87
C GLN F 227 34.59 -24.01 18.49
N ARG F 228 34.12 -24.78 17.51
CA ARG F 228 34.63 -24.68 16.15
C ARG F 228 34.22 -23.32 15.59
N PRO F 229 34.99 -22.77 14.64
CA PRO F 229 34.62 -21.46 14.08
C PRO F 229 33.26 -21.62 13.40
N VAL F 230 32.30 -20.80 13.76
CA VAL F 230 30.96 -20.92 13.21
C VAL F 230 30.46 -19.73 12.39
N TYR F 231 29.71 -20.04 11.33
CA TYR F 231 29.11 -19.02 10.48
C TYR F 231 27.60 -19.07 10.74
N VAL F 232 27.02 -17.93 11.08
CA VAL F 232 25.59 -17.85 11.38
C VAL F 232 24.86 -17.15 10.24
N SER F 233 24.10 -17.95 9.48
CA SER F 233 23.35 -17.45 8.33
C SER F 233 21.85 -17.43 8.66
N VAL F 234 21.26 -16.24 8.56
CA VAL F 234 19.85 -16.08 8.86
C VAL F 234 19.02 -15.64 7.67
N ASP F 235 18.06 -16.47 7.30
CA ASP F 235 17.14 -16.16 6.22
C ASP F 235 15.97 -15.50 6.96
N ILE F 236 15.63 -14.28 6.58
CA ILE F 236 14.54 -13.58 7.24
C ILE F 236 13.20 -14.34 7.23
N ASP F 237 12.99 -15.20 6.23
CA ASP F 237 11.73 -15.94 6.17
C ASP F 237 11.60 -17.05 7.22
N VAL F 238 12.54 -17.10 8.15
CA VAL F 238 12.51 -18.10 9.20
C VAL F 238 11.37 -17.72 10.14
N VAL F 239 11.14 -16.42 10.30
CA VAL F 239 10.03 -15.98 11.17
C VAL F 239 8.75 -15.99 10.34
N ASP F 240 7.62 -16.13 11.03
CA ASP F 240 6.35 -16.16 10.33
C ASP F 240 6.16 -14.90 9.47
N PRO F 241 5.52 -15.04 8.31
CA PRO F 241 5.25 -13.92 7.39
C PRO F 241 4.64 -12.71 8.08
N ALA F 242 3.96 -12.93 9.20
CA ALA F 242 3.36 -11.82 9.94
C ALA F 242 4.44 -10.88 10.44
N PHE F 243 5.56 -11.44 10.89
CA PHE F 243 6.68 -10.62 11.40
C PHE F 243 7.61 -10.20 10.28
N ALA F 244 7.67 -10.98 9.20
CA ALA F 244 8.54 -10.63 8.08
C ALA F 244 7.85 -10.84 6.73
N PRO F 245 6.88 -10.00 6.41
CA PRO F 245 6.16 -10.13 5.13
C PRO F 245 7.02 -9.74 3.93
N GLY F 246 8.06 -8.96 4.15
CA GLY F 246 8.93 -8.52 3.08
C GLY F 246 10.03 -9.50 2.71
N THR F 247 9.62 -10.60 2.08
CA THR F 247 10.59 -11.62 1.68
C THR F 247 10.07 -12.37 0.44
N GLY F 248 11.00 -12.98 -0.30
CA GLY F 248 10.67 -13.69 -1.52
C GLY F 248 9.83 -14.96 -1.48
N THR F 249 10.00 -15.79 -0.45
CA THR F 249 9.25 -17.03 -0.35
C THR F 249 8.69 -17.23 1.05
N PRO F 250 7.61 -16.51 1.39
CA PRO F 250 7.00 -16.62 2.72
C PRO F 250 6.50 -18.04 2.99
N ALA F 251 6.56 -18.45 4.26
CA ALA F 251 6.10 -19.78 4.65
C ALA F 251 5.34 -19.68 5.97
N PRO F 252 4.00 -19.76 5.91
CA PRO F 252 3.11 -19.68 7.08
C PRO F 252 3.53 -20.60 8.24
N GLY F 253 3.12 -20.22 9.44
CA GLY F 253 3.44 -21.00 10.61
C GLY F 253 4.89 -20.95 11.05
N GLY F 254 5.49 -19.76 10.98
CA GLY F 254 6.88 -19.63 11.36
C GLY F 254 7.10 -19.17 12.79
N LEU F 255 8.35 -18.95 13.16
CA LEU F 255 8.69 -18.51 14.50
C LEU F 255 8.32 -17.06 14.77
N LEU F 256 8.20 -16.73 16.06
CA LEU F 256 7.89 -15.37 16.47
C LEU F 256 9.20 -14.59 16.44
N SER F 257 9.13 -13.29 16.29
CA SER F 257 10.33 -12.46 16.27
C SER F 257 11.12 -12.67 17.55
N ARG F 258 10.43 -12.63 18.68
CA ARG F 258 11.12 -12.79 19.95
C ARG F 258 11.81 -14.13 20.10
N GLU F 259 11.24 -15.18 19.52
CA GLU F 259 11.85 -16.51 19.61
C GLU F 259 13.20 -16.52 18.91
N VAL F 260 13.27 -15.94 17.72
CA VAL F 260 14.50 -15.91 16.94
C VAL F 260 15.56 -15.04 17.64
N LEU F 261 15.15 -13.86 18.10
CA LEU F 261 16.08 -12.96 18.77
C LEU F 261 16.60 -13.59 20.05
N ALA F 262 15.73 -14.27 20.78
CA ALA F 262 16.13 -14.91 22.03
C ALA F 262 17.13 -16.05 21.73
N LEU F 263 16.82 -16.82 20.69
CA LEU F 263 17.68 -17.94 20.30
C LEU F 263 19.10 -17.49 19.94
N LEU F 264 19.21 -16.39 19.19
CA LEU F 264 20.50 -15.87 18.76
C LEU F 264 21.41 -15.48 19.91
N ARG F 265 20.86 -15.39 21.13
CA ARG F 265 21.68 -15.03 22.27
C ARG F 265 22.75 -16.09 22.54
N CYS F 266 22.50 -17.33 22.12
CA CYS F 266 23.47 -18.41 22.35
C CYS F 266 24.75 -18.25 21.51
N VAL F 267 24.69 -17.40 20.50
CA VAL F 267 25.85 -17.18 19.64
C VAL F 267 27.04 -16.66 20.46
N GLY F 268 26.74 -15.95 21.54
CA GLY F 268 27.79 -15.44 22.39
C GLY F 268 28.59 -16.53 23.08
N ASP F 269 28.05 -17.74 23.11
CA ASP F 269 28.73 -18.87 23.73
C ASP F 269 29.52 -19.67 22.71
N LEU F 270 29.61 -19.14 21.49
CA LEU F 270 30.33 -19.82 20.42
C LEU F 270 31.51 -18.98 19.93
N LYS F 271 32.06 -19.37 18.79
CA LYS F 271 33.18 -18.63 18.19
C LYS F 271 32.77 -18.23 16.77
N PRO F 272 31.88 -17.22 16.64
CA PRO F 272 31.41 -16.74 15.34
C PRO F 272 32.50 -16.07 14.53
N VAL F 273 32.60 -16.45 13.26
CA VAL F 273 33.59 -15.88 12.37
C VAL F 273 32.93 -15.19 11.18
N GLY F 274 31.61 -15.06 11.25
CA GLY F 274 30.88 -14.41 10.19
C GLY F 274 29.39 -14.70 10.23
N PHE F 275 28.60 -13.77 9.70
CA PHE F 275 27.16 -13.96 9.65
C PHE F 275 26.49 -13.12 8.58
N ASP F 276 25.25 -13.48 8.28
CA ASP F 276 24.47 -12.72 7.30
C ASP F 276 22.97 -12.79 7.62
N VAL F 277 22.23 -11.83 7.05
CA VAL F 277 20.78 -11.72 7.20
C VAL F 277 20.30 -11.49 5.78
N MET F 278 19.65 -12.50 5.22
CA MET F 278 19.22 -12.47 3.83
C MET F 278 17.71 -12.56 3.54
N GLU F 279 17.41 -12.39 2.26
CA GLU F 279 16.08 -12.48 1.71
C GLU F 279 15.10 -11.36 2.02
N VAL F 280 15.57 -10.26 2.60
CA VAL F 280 14.64 -9.17 2.84
C VAL F 280 14.30 -8.54 1.48
N SER F 281 13.00 -8.50 1.15
CA SER F 281 12.53 -7.91 -0.11
C SER F 281 11.54 -6.79 0.28
N PRO F 282 12.05 -5.56 0.41
CA PRO F 282 11.31 -4.36 0.80
C PRO F 282 9.94 -4.12 0.18
N LEU F 283 9.80 -4.36 -1.11
CA LEU F 283 8.53 -4.10 -1.79
C LEU F 283 7.35 -4.83 -1.19
N TYR F 284 7.59 -6.01 -0.65
CA TYR F 284 6.51 -6.77 -0.03
C TYR F 284 6.39 -6.48 1.46
N ASP F 285 7.21 -5.58 1.97
CA ASP F 285 7.19 -5.28 3.40
C ASP F 285 6.04 -4.36 3.75
N HIS F 286 5.60 -4.42 5.01
CA HIS F 286 4.52 -3.58 5.47
C HIS F 286 5.01 -2.77 6.67
N GLY F 287 5.02 -1.44 6.53
CA GLY F 287 5.47 -0.57 7.62
C GLY F 287 6.94 -0.72 7.93
N GLY F 288 7.67 -1.30 6.99
CA GLY F 288 9.10 -1.53 7.15
C GLY F 288 9.44 -2.47 8.30
N ILE F 289 8.45 -3.15 8.86
CA ILE F 289 8.72 -4.02 9.99
C ILE F 289 9.71 -5.15 9.69
N THR F 290 9.84 -5.55 8.43
CA THR F 290 10.76 -6.63 8.09
C THR F 290 12.19 -6.11 8.17
N SER F 291 12.41 -4.93 7.62
CA SER F 291 13.74 -4.32 7.64
C SER F 291 14.14 -4.00 9.06
N ILE F 292 13.19 -3.54 9.87
CA ILE F 292 13.48 -3.22 11.25
C ILE F 292 13.89 -4.49 12.00
N LEU F 293 13.18 -5.59 11.74
CA LEU F 293 13.51 -6.85 12.39
C LEU F 293 14.89 -7.30 11.94
N ALA F 294 15.12 -7.24 10.63
CA ALA F 294 16.41 -7.64 10.07
C ALA F 294 17.52 -6.85 10.75
N THR F 295 17.26 -5.57 11.02
CA THR F 295 18.26 -4.75 11.67
C THR F 295 18.52 -5.25 13.09
N GLU F 296 17.44 -5.50 13.82
CA GLU F 296 17.56 -5.98 15.19
C GLU F 296 18.34 -7.29 15.23
N ILE F 297 18.12 -8.15 14.24
CA ILE F 297 18.83 -9.42 14.18
C ILE F 297 20.33 -9.18 13.98
N GLY F 298 20.66 -8.26 13.08
CA GLY F 298 22.06 -7.93 12.85
C GLY F 298 22.70 -7.37 14.11
N ALA F 299 21.96 -6.51 14.81
CA ALA F 299 22.47 -5.91 16.05
C ALA F 299 22.76 -6.99 17.08
N GLU F 300 21.85 -7.95 17.22
CA GLU F 300 22.02 -9.02 18.21
C GLU F 300 23.26 -9.85 17.88
N LEU F 301 23.49 -10.14 16.59
CA LEU F 301 24.65 -10.92 16.18
C LEU F 301 25.93 -10.14 16.48
N LEU F 302 25.94 -8.85 16.16
CA LEU F 302 27.11 -8.02 16.41
C LEU F 302 27.43 -8.01 17.90
N TYR F 303 26.40 -7.89 18.73
CA TYR F 303 26.62 -7.89 20.17
C TYR F 303 27.13 -9.24 20.65
N GLN F 304 26.56 -10.33 20.13
CA GLN F 304 26.99 -11.65 20.53
C GLN F 304 28.44 -11.90 20.10
N TYR F 305 28.84 -11.28 19.00
CA TYR F 305 30.21 -11.42 18.52
C TYR F 305 31.12 -10.85 19.62
N ALA F 306 30.78 -9.65 20.07
CA ALA F 306 31.54 -8.97 21.12
C ALA F 306 31.58 -9.83 22.38
N ARG F 307 30.44 -10.35 22.79
CA ARG F 307 30.39 -11.16 23.99
C ARG F 307 31.27 -12.40 23.86
N ALA F 308 31.30 -12.97 22.66
CA ALA F 308 32.09 -14.17 22.42
C ALA F 308 33.61 -13.90 22.40
N HIS F 309 33.98 -12.63 22.22
CA HIS F 309 35.39 -12.26 22.18
C HIS F 309 35.76 -11.17 23.20
MN MN G . 12.03 -0.33 -23.14
MN MN H . 11.58 2.18 -21.19
MN MN I . -21.71 5.21 -13.47
MN MN J . -18.77 4.66 -14.59
MN MN K . 4.01 25.67 -0.33
MN MN L . 1.55 24.14 -1.52
MN MN M . 5.71 5.58 24.83
MN MN N . 7.02 3.30 23.02
MN MN O . -17.42 -16.82 9.67
MN MN P . -15.52 -14.78 11.33
MN MN Q . 17.24 -19.33 2.41
MN MN R . 14.09 -19.44 3.03
#